data_6HP8
#
_entry.id   6HP8
#
_cell.length_a   163.163
_cell.length_b   245.317
_cell.length_c   261.588
_cell.angle_alpha   90.00
_cell.angle_beta   90.00
_cell.angle_gamma   90.00
#
_symmetry.space_group_name_H-M   'C 2 2 21'
#
loop_
_entity.id
_entity.type
_entity.pdbx_description
1 polymer 'Dipeptidyl peptidase 8'
2 non-polymer '[(2~{R})-1-[(2~{R})-2-azanyl-3-methyl-butanoyl]pyrrolidin-2-yl]boronic acid'
3 non-polymer 'SODIUM ION'
4 non-polymer GLYCEROL
5 water water
#
_entity_poly.entity_id   1
_entity_poly.type   'polypeptide(L)'
_entity_poly.pdbx_seq_one_letter_code
;MWKRSEQMKIKSGKCNMAAAMETEQLGVEIFETADCEENIESQDRPKLEPFYVERYSWSQLKKLLADTRKYHGYMMAKAP
HDFMFVKRNDPDGPHSDRIYYLAMSGENRENTLFYSEIPKTINRAAVLMLSWKPLLDLFQATLDYGMYSREEELLRERKR
IGTVGIASYDYHQGSGTFLFQAGSGIYHVKDGGPQGFTQQPLRPNLVETSCPNIRMDPKLCPADPDWIAFIHSNDIWISN
IVTREERRLTYVHNELANMEEDARSAGVATFVLQEEFDRYSGYWWCPKAETTPSGGKILRILYEENDESEVEIIHVTSPM
LETRRADSFRYPKTGTANPKVTFKMSEIMIDAEGRIIDVIDKELIQPFEILFEGVEYIARAGWTPEGKYAWSILLDRSQT
RLQIVLISPELFIPVEDDVMERQRLIESVPDSVTPLIIYEETTDIWINIHDIFHVFPQSHEEEIEFIFASECKTGFRHLY
KITSILKESKYKRSSGGLPAPSDFKCPIKEEIAITSGEWEVLGRHGSNIQVDEVRRLVYFEGTKDSPLEHHLYVVSYVNP
GEVTRLTDRGYSHSCCISQHCDFFISKYSNQKNPHCVSLYKLSSPEDDPTCKTKEFWATILDSAGPLPDYTPPEIFSFES
TTGFTLYGMLYKPHDLQPGKKYPTVLFIYGGPQVQLVNNRFKGVKYFRLNTLASLGYVVVVIDNRGSCHRGLKFEGAFKY
KMGQIEIDDQVEGLQYLASRYDFIDLDRVGIHGWSYGGYLSLMALMQRSDIFRVAIAGAPVTLWIFYDTGYTERYMGHPD
QNEQGYYLGSVAMQAEKFPSEPNRLLLLHGFLDENVHFAHTSILLSFLVRAGKPYDLQIYPQERHSIRVPESGEHYELHL
LHYLQENLGSRIAALKVI
;
_entity_poly.pdbx_strand_id   A,B,C
#
# COMPACT_ATOMS: atom_id res chain seq x y z
N LEU A 48 -56.09 36.32 3.13
CA LEU A 48 -55.04 37.06 2.35
C LEU A 48 -55.07 36.59 0.88
N GLU A 49 -55.44 37.50 -0.04
CA GLU A 49 -55.53 37.17 -1.49
C GLU A 49 -54.13 37.13 -2.09
N PRO A 50 -53.83 36.21 -3.05
CA PRO A 50 -52.56 36.25 -3.76
C PRO A 50 -52.55 37.39 -4.79
N PHE A 51 -51.58 38.31 -4.68
CA PHE A 51 -51.38 39.33 -5.73
C PHE A 51 -50.62 38.69 -6.90
N TYR A 52 -51.15 38.83 -8.12
CA TYR A 52 -50.47 38.35 -9.36
C TYR A 52 -49.95 39.56 -10.15
N VAL A 53 -48.71 39.48 -10.65
CA VAL A 53 -48.09 40.62 -11.38
C VAL A 53 -48.74 40.71 -12.76
N GLU A 54 -48.79 41.91 -13.34
CA GLU A 54 -49.33 42.09 -14.72
C GLU A 54 -48.53 41.20 -15.68
N ARG A 55 -49.23 40.42 -16.51
CA ARG A 55 -48.56 39.49 -17.46
C ARG A 55 -48.29 40.22 -18.78
N TYR A 56 -47.07 40.72 -18.96
CA TYR A 56 -46.68 41.45 -20.19
C TYR A 56 -46.06 40.49 -21.20
N SER A 57 -46.03 40.87 -22.48
CA SER A 57 -45.35 40.08 -23.53
C SER A 57 -43.83 40.30 -23.45
N TRP A 58 -43.07 39.46 -24.15
CA TRP A 58 -41.59 39.62 -24.28
C TRP A 58 -41.28 41.04 -24.79
N SER A 59 -41.96 41.47 -25.86
CA SER A 59 -41.74 42.81 -26.46
C SER A 59 -42.11 43.92 -25.47
N GLN A 60 -43.17 43.72 -24.68
CA GLN A 60 -43.62 44.74 -23.71
C GLN A 60 -42.62 44.86 -22.54
N LEU A 61 -42.10 43.74 -22.05
CA LEU A 61 -41.10 43.76 -20.94
C LEU A 61 -39.80 44.40 -21.43
N LYS A 62 -39.42 44.15 -22.69
CA LYS A 62 -38.20 44.79 -23.28
C LYS A 62 -38.37 46.31 -23.29
N LYS A 63 -39.56 46.78 -23.71
CA LYS A 63 -39.86 48.24 -23.77
C LYS A 63 -39.87 48.82 -22.35
N LEU A 64 -40.53 48.15 -21.41
CA LEU A 64 -40.56 48.60 -19.98
C LEU A 64 -39.12 48.70 -19.46
N LEU A 65 -38.27 47.73 -19.78
CA LEU A 65 -36.86 47.74 -19.29
C LEU A 65 -36.06 48.84 -19.97
N ALA A 66 -36.30 49.09 -21.27
CA ALA A 66 -35.60 50.15 -22.01
C ALA A 66 -36.00 51.54 -21.49
N ASP A 67 -37.29 51.74 -21.21
CA ASP A 67 -37.82 53.06 -20.73
C ASP A 67 -37.28 53.34 -19.32
N THR A 68 -37.18 52.31 -18.47
CA THR A 68 -36.74 52.49 -17.06
C THR A 68 -35.21 52.59 -16.98
N ARG A 69 -34.50 52.21 -18.05
CA ARG A 69 -33.02 52.31 -18.13
C ARG A 69 -32.61 53.72 -18.59
N LYS A 70 -33.47 54.37 -19.38
CA LYS A 70 -33.19 55.69 -20.01
C LYS A 70 -33.25 56.79 -18.95
N ALA A 77 -20.84 56.81 -14.93
CA ALA A 77 -19.78 57.80 -14.64
C ALA A 77 -19.06 57.43 -13.33
N LYS A 78 -17.78 57.05 -13.43
CA LYS A 78 -16.97 56.67 -12.23
C LYS A 78 -16.53 57.95 -11.51
N ALA A 79 -16.77 58.02 -10.21
CA ALA A 79 -16.39 59.20 -9.38
C ALA A 79 -14.88 59.37 -9.39
N PRO A 80 -14.36 60.58 -9.14
CA PRO A 80 -12.92 60.81 -9.06
C PRO A 80 -12.23 59.86 -8.06
N HIS A 81 -10.99 59.45 -8.35
CA HIS A 81 -10.27 58.46 -7.50
C HIS A 81 -8.76 58.57 -7.74
N ASP A 82 -7.97 57.79 -6.99
CA ASP A 82 -6.48 57.84 -7.04
C ASP A 82 -6.05 59.30 -6.82
N PHE A 83 -6.47 59.89 -5.72
CA PHE A 83 -6.17 61.31 -5.41
C PHE A 83 -4.71 61.45 -4.97
N MET A 84 -4.13 62.62 -5.23
CA MET A 84 -2.74 62.95 -4.80
C MET A 84 -2.66 64.45 -4.51
N PHE A 85 -2.12 64.81 -3.33
CA PHE A 85 -1.97 66.23 -2.94
C PHE A 85 -0.53 66.68 -3.18
N VAL A 86 -0.35 67.84 -3.81
CA VAL A 86 1.01 68.42 -4.05
C VAL A 86 1.00 69.87 -3.55
N LYS A 87 1.97 70.23 -2.70
CA LYS A 87 2.04 71.60 -2.12
C LYS A 87 2.52 72.59 -3.20
N ARG A 88 1.87 73.74 -3.29
CA ARG A 88 2.24 74.80 -4.27
C ARG A 88 3.48 75.55 -3.77
N ASN A 89 3.62 75.71 -2.45
CA ASN A 89 4.74 76.49 -1.85
C ASN A 89 4.80 77.87 -2.52
N ASP A 90 3.68 78.60 -2.46
CA ASP A 90 3.55 79.93 -3.11
C ASP A 90 3.01 80.92 -2.07
N PRO A 91 3.88 81.46 -1.18
CA PRO A 91 3.44 82.34 -0.10
C PRO A 91 2.49 83.47 -0.53
N ASP A 92 2.75 84.08 -1.69
CA ASP A 92 1.92 85.21 -2.18
C ASP A 92 0.67 84.70 -2.92
N GLY A 93 0.67 83.42 -3.31
CA GLY A 93 -0.43 82.85 -4.13
C GLY A 93 -1.63 82.42 -3.30
N PRO A 94 -2.83 82.27 -3.91
CA PRO A 94 -4.05 81.95 -3.16
C PRO A 94 -4.31 80.45 -2.91
N HIS A 95 -3.43 79.56 -3.38
CA HIS A 95 -3.67 78.09 -3.26
C HIS A 95 -2.58 77.44 -2.40
N SER A 96 -2.97 76.52 -1.51
CA SER A 96 -2.02 75.75 -0.67
C SER A 96 -1.59 74.47 -1.40
N ASP A 97 -2.51 73.85 -2.15
CA ASP A 97 -2.27 72.51 -2.76
C ASP A 97 -2.89 72.43 -4.16
N ARG A 98 -2.32 71.58 -5.01
CA ARG A 98 -3.02 71.07 -6.22
C ARG A 98 -3.30 69.57 -5.99
N ILE A 99 -4.54 69.14 -6.22
CA ILE A 99 -4.88 67.69 -6.17
C ILE A 99 -4.96 67.15 -7.60
N TYR A 100 -4.37 65.98 -7.84
CA TYR A 100 -4.50 65.27 -9.13
C TYR A 100 -5.35 64.01 -8.89
N TYR A 101 -6.10 63.58 -9.91
CA TYR A 101 -7.01 62.41 -9.74
C TYR A 101 -7.46 61.89 -11.10
N LEU A 102 -7.84 60.60 -11.13
CA LEU A 102 -8.45 60.00 -12.34
C LEU A 102 -9.96 60.15 -12.26
N ALA A 103 -10.60 60.56 -13.36
CA ALA A 103 -12.08 60.67 -13.40
C ALA A 103 -12.56 60.57 -14.86
N MET A 104 -13.82 60.20 -15.04
CA MET A 104 -14.50 60.27 -16.36
C MET A 104 -15.03 61.69 -16.54
N SER A 105 -14.76 62.33 -17.68
CA SER A 105 -15.17 63.75 -17.90
C SER A 105 -16.69 63.89 -17.69
N GLY A 106 -17.46 62.84 -18.03
CA GLY A 106 -18.93 62.85 -17.82
C GLY A 106 -19.54 61.47 -17.96
N GLU A 107 -20.75 61.41 -18.55
CA GLU A 107 -21.57 60.16 -18.60
C GLU A 107 -20.81 59.03 -19.31
N ASN A 108 -20.38 59.26 -20.56
CA ASN A 108 -19.81 58.16 -21.39
C ASN A 108 -18.55 58.67 -22.11
N ARG A 109 -17.37 58.34 -21.57
CA ARG A 109 -16.07 58.83 -22.11
C ARG A 109 -14.92 58.10 -21.40
N GLU A 110 -13.68 58.34 -21.83
CA GLU A 110 -12.49 57.67 -21.22
C GLU A 110 -12.16 58.30 -19.86
N ASN A 111 -11.57 57.50 -18.96
CA ASN A 111 -10.95 58.02 -17.72
C ASN A 111 -9.65 58.76 -18.08
N THR A 112 -9.43 59.95 -17.54
CA THR A 112 -8.18 60.72 -17.79
C THR A 112 -7.76 61.45 -16.51
N LEU A 113 -6.61 62.12 -16.54
CA LEU A 113 -6.05 62.81 -15.35
C LEU A 113 -6.61 64.24 -15.27
N PHE A 114 -7.15 64.61 -14.11
CA PHE A 114 -7.62 65.99 -13.84
C PHE A 114 -6.83 66.57 -12.67
N TYR A 115 -6.82 67.90 -12.55
CA TYR A 115 -6.29 68.57 -11.33
C TYR A 115 -7.28 69.64 -10.88
N SER A 116 -7.28 69.92 -9.56
CA SER A 116 -8.12 71.00 -8.98
C SER A 116 -7.25 71.83 -8.03
N GLU A 117 -7.62 73.09 -7.79
CA GLU A 117 -6.83 74.02 -6.94
C GLU A 117 -7.46 74.05 -5.54
N ILE A 118 -6.65 73.85 -4.49
CA ILE A 118 -7.15 73.92 -3.08
C ILE A 118 -6.82 75.30 -2.52
N PRO A 119 -7.82 76.18 -2.29
CA PRO A 119 -7.56 77.53 -1.81
C PRO A 119 -7.05 77.56 -0.36
N LYS A 120 -6.22 78.56 -0.03
CA LYS A 120 -5.71 78.74 1.36
C LYS A 120 -6.85 79.13 2.30
N THR A 121 -7.87 79.81 1.78
CA THR A 121 -9.06 80.23 2.59
C THR A 121 -10.34 79.99 1.78
N ILE A 122 -11.48 79.89 2.46
CA ILE A 122 -12.80 79.68 1.77
C ILE A 122 -13.82 80.66 2.37
N ASN A 123 -14.88 80.96 1.60
CA ASN A 123 -16.08 81.66 2.14
C ASN A 123 -16.96 80.60 2.83
N ARG A 124 -16.98 80.58 4.16
CA ARG A 124 -17.69 79.53 4.93
C ARG A 124 -19.21 79.79 4.93
N ALA A 125 -19.63 80.90 4.32
CA ALA A 125 -21.06 81.14 4.00
C ALA A 125 -21.49 80.29 2.81
N ALA A 126 -20.67 80.27 1.74
CA ALA A 126 -21.01 79.59 0.47
C ALA A 126 -20.43 78.17 0.44
N VAL A 127 -20.77 77.40 -0.59
CA VAL A 127 -20.22 76.03 -0.82
C VAL A 127 -19.34 76.07 -2.08
N LEU A 128 -18.04 75.81 -1.93
CA LEU A 128 -17.10 75.86 -3.09
C LEU A 128 -17.20 74.57 -3.90
N MET A 129 -17.46 74.69 -5.20
CA MET A 129 -17.35 73.55 -6.16
C MET A 129 -15.99 73.64 -6.86
N LEU A 130 -15.05 72.76 -6.53
CA LEU A 130 -13.73 72.72 -7.23
C LEU A 130 -14.00 72.41 -8.70
N SER A 131 -13.47 73.24 -9.62
CA SER A 131 -13.62 72.98 -11.07
C SER A 131 -12.53 71.98 -11.50
N TRP A 132 -12.91 71.03 -12.38
CA TRP A 132 -11.96 70.00 -12.88
C TRP A 132 -11.16 70.60 -14.04
N LYS A 133 -9.84 70.66 -13.92
CA LYS A 133 -8.97 71.10 -15.04
C LYS A 133 -8.36 69.86 -15.69
N PRO A 134 -8.50 69.65 -17.01
CA PRO A 134 -7.83 68.56 -17.70
C PRO A 134 -6.31 68.72 -17.60
N LEU A 135 -5.61 67.69 -17.10
CA LEU A 135 -4.12 67.72 -17.07
C LEU A 135 -3.57 67.42 -18.47
N LEU A 136 -4.31 66.63 -19.27
CA LEU A 136 -3.78 66.10 -20.56
C LEU A 136 -4.54 66.71 -21.74
N ASP A 137 -3.87 66.82 -22.89
CA ASP A 137 -4.48 67.28 -24.15
C ASP A 137 -5.21 66.10 -24.80
N LEU A 138 -6.25 66.36 -25.59
CA LEU A 138 -6.98 65.29 -26.32
C LEU A 138 -6.09 64.73 -27.43
N TYR A 148 -8.26 46.19 -27.47
CA TYR A 148 -7.50 45.62 -26.33
C TYR A 148 -6.78 44.33 -26.77
N SER A 149 -5.57 44.11 -26.26
CA SER A 149 -4.85 42.82 -26.40
C SER A 149 -5.45 41.79 -25.42
N ARG A 150 -5.06 40.52 -25.56
CA ARG A 150 -5.57 39.43 -24.68
C ARG A 150 -5.13 39.70 -23.23
N GLU A 151 -3.88 40.12 -23.03
CA GLU A 151 -3.34 40.34 -21.67
C GLU A 151 -4.02 41.57 -21.03
N GLU A 152 -4.47 42.54 -21.83
CA GLU A 152 -5.27 43.68 -21.31
C GLU A 152 -6.66 43.19 -20.89
N GLU A 153 -7.32 42.37 -21.72
CA GLU A 153 -8.67 41.83 -21.41
C GLU A 153 -8.63 41.07 -20.08
N LEU A 154 -7.65 40.15 -19.95
CA LEU A 154 -7.56 39.27 -18.76
C LEU A 154 -7.25 40.09 -17.50
N LEU A 155 -6.37 41.10 -17.60
CA LEU A 155 -6.08 41.99 -16.45
C LEU A 155 -7.35 42.72 -16.02
N ARG A 156 -8.14 43.21 -16.99
CA ARG A 156 -9.40 43.93 -16.69
C ARG A 156 -10.39 42.97 -16.00
N GLU A 157 -10.37 41.68 -16.35
CA GLU A 157 -11.19 40.66 -15.65
C GLU A 157 -10.66 40.49 -14.22
N ARG A 158 -9.34 40.34 -14.06
CA ARG A 158 -8.73 40.09 -12.72
C ARG A 158 -8.93 41.31 -11.82
N LYS A 159 -8.84 42.54 -12.36
CA LYS A 159 -8.97 43.78 -11.56
C LYS A 159 -10.44 44.22 -11.46
N ARG A 160 -11.35 43.55 -12.20
CA ARG A 160 -12.79 43.91 -12.23
C ARG A 160 -12.95 45.36 -12.72
N ILE A 161 -12.18 45.76 -13.74
CA ILE A 161 -12.27 47.12 -14.33
C ILE A 161 -13.38 47.11 -15.38
N GLY A 162 -14.36 48.02 -15.26
CA GLY A 162 -15.44 48.15 -16.26
C GLY A 162 -15.24 49.35 -17.18
N THR A 163 -14.28 50.23 -16.86
CA THR A 163 -14.15 51.55 -17.53
C THR A 163 -12.98 51.52 -18.53
N VAL A 164 -12.89 52.56 -19.36
CA VAL A 164 -11.85 52.67 -20.42
C VAL A 164 -10.96 53.88 -20.10
N GLY A 165 -9.70 53.87 -20.57
CA GLY A 165 -8.79 55.01 -20.40
C GLY A 165 -7.70 54.69 -19.39
N ILE A 166 -7.20 55.71 -18.69
CA ILE A 166 -6.09 55.53 -17.69
C ILE A 166 -6.69 54.87 -16.44
N ALA A 167 -6.17 53.69 -16.07
CA ALA A 167 -6.66 52.91 -14.92
C ALA A 167 -5.85 53.27 -13.66
N SER A 168 -4.60 53.70 -13.84
CA SER A 168 -3.73 54.10 -12.71
C SER A 168 -2.61 55.02 -13.23
N TYR A 169 -1.84 55.61 -12.31
CA TYR A 169 -0.70 56.47 -12.71
C TYR A 169 0.40 56.39 -11.66
N ASP A 170 1.64 56.61 -12.10
CA ASP A 170 2.83 56.66 -11.21
C ASP A 170 3.24 58.14 -11.09
N TYR A 171 3.86 58.54 -9.97
CA TYR A 171 4.31 59.94 -9.79
C TYR A 171 5.64 59.96 -9.03
N HIS A 172 6.62 60.69 -9.57
CA HIS A 172 7.89 60.98 -8.86
C HIS A 172 7.83 62.42 -8.35
N GLN A 173 7.76 62.61 -7.02
CA GLN A 173 7.54 63.96 -6.43
C GLN A 173 8.75 64.85 -6.69
N GLY A 174 9.97 64.29 -6.62
CA GLY A 174 11.21 65.06 -6.82
C GLY A 174 11.23 65.82 -8.14
N SER A 175 10.69 65.22 -9.21
CA SER A 175 10.75 65.80 -10.58
C SER A 175 9.37 66.21 -11.09
N GLY A 176 8.30 65.67 -10.49
CA GLY A 176 6.91 65.93 -10.95
C GLY A 176 6.55 65.08 -12.16
N THR A 177 7.28 63.98 -12.39
CA THR A 177 7.07 63.13 -13.59
C THR A 177 5.87 62.20 -13.37
N PHE A 178 4.83 62.32 -14.20
CA PHE A 178 3.73 61.33 -14.26
C PHE A 178 4.11 60.22 -15.23
N LEU A 179 3.77 58.96 -14.90
CA LEU A 179 3.87 57.83 -15.88
C LEU A 179 2.55 57.08 -15.85
N PHE A 180 2.03 56.72 -17.03
CA PHE A 180 0.73 56.03 -17.11
C PHE A 180 0.59 55.33 -18.47
N GLN A 181 -0.20 54.26 -18.50
CA GLN A 181 -0.51 53.53 -19.75
C GLN A 181 -1.90 53.98 -20.23
N ALA A 182 -1.99 54.43 -21.50
CA ALA A 182 -3.28 54.75 -22.14
C ALA A 182 -3.41 53.89 -23.40
N GLY A 183 -4.11 52.76 -23.29
CA GLY A 183 -4.19 51.77 -24.40
C GLY A 183 -2.85 51.11 -24.63
N SER A 184 -2.40 51.07 -25.89
CA SER A 184 -1.13 50.38 -26.26
C SER A 184 0.10 51.23 -25.91
N GLY A 185 -0.11 52.53 -25.61
CA GLY A 185 1.01 53.46 -25.37
C GLY A 185 1.34 53.62 -23.90
N ILE A 186 2.62 53.79 -23.58
CA ILE A 186 3.06 54.29 -22.25
C ILE A 186 3.42 55.78 -22.42
N TYR A 187 2.90 56.64 -21.54
CA TYR A 187 3.03 58.10 -21.70
C TYR A 187 3.59 58.72 -20.42
N HIS A 188 4.19 59.91 -20.54
CA HIS A 188 4.66 60.69 -19.36
C HIS A 188 4.39 62.18 -19.58
N VAL A 189 3.97 62.88 -18.52
CA VAL A 189 3.95 64.38 -18.50
C VAL A 189 4.62 64.82 -17.20
N LYS A 190 4.89 66.12 -17.06
CA LYS A 190 5.57 66.67 -15.86
C LYS A 190 4.73 67.83 -15.30
N ASP A 191 4.40 67.78 -14.00
CA ASP A 191 3.70 68.89 -13.32
C ASP A 191 3.90 68.79 -11.81
N GLY A 192 4.01 69.94 -11.13
CA GLY A 192 4.11 69.99 -9.67
C GLY A 192 5.52 69.78 -9.16
N GLY A 193 6.50 69.60 -10.06
CA GLY A 193 7.91 69.46 -9.66
C GLY A 193 8.57 70.82 -9.46
N PRO A 194 9.92 70.89 -9.46
CA PRO A 194 10.63 72.17 -9.42
C PRO A 194 10.36 73.03 -10.67
N GLN A 195 9.91 72.40 -11.76
CA GLN A 195 9.63 73.13 -13.04
C GLN A 195 8.27 73.82 -12.96
N GLY A 196 7.49 73.61 -11.90
CA GLY A 196 6.32 74.45 -11.59
C GLY A 196 4.99 73.80 -11.95
N PHE A 197 3.95 74.61 -12.13
CA PHE A 197 2.55 74.11 -12.31
C PHE A 197 1.95 74.69 -13.59
N THR A 198 1.42 73.82 -14.46
CA THR A 198 0.81 74.25 -15.74
C THR A 198 -0.52 74.97 -15.48
N GLN A 199 -0.91 75.88 -16.37
CA GLN A 199 -2.26 76.49 -16.34
C GLN A 199 -3.05 76.03 -17.57
N GLN A 200 -2.59 74.99 -18.26
CA GLN A 200 -3.28 74.46 -19.47
C GLN A 200 -2.95 72.98 -19.65
N PRO A 201 -3.77 72.23 -20.41
CA PRO A 201 -3.50 70.81 -20.67
C PRO A 201 -2.10 70.55 -21.25
N LEU A 202 -1.46 69.46 -20.77
CA LEU A 202 -0.10 69.06 -21.25
C LEU A 202 -0.24 67.97 -22.31
N ARG A 203 0.66 67.96 -23.30
CA ARG A 203 0.68 66.90 -24.35
C ARG A 203 1.33 65.64 -23.77
N PRO A 204 0.64 64.48 -23.75
CA PRO A 204 1.27 63.23 -23.32
C PRO A 204 2.47 62.88 -24.20
N ASN A 205 3.63 62.64 -23.58
CA ASN A 205 4.87 62.27 -24.32
C ASN A 205 4.92 60.74 -24.44
N LEU A 206 4.77 60.22 -25.66
CA LEU A 206 4.79 58.76 -25.91
C LEU A 206 6.19 58.21 -25.61
N VAL A 207 6.26 57.14 -24.81
CA VAL A 207 7.55 56.40 -24.63
C VAL A 207 7.73 55.51 -25.86
N GLU A 208 8.61 55.90 -26.79
CA GLU A 208 8.84 55.14 -28.05
C GLU A 208 9.47 53.79 -27.69
N THR A 209 9.31 52.79 -28.57
CA THR A 209 9.79 51.42 -28.28
C THR A 209 10.08 50.67 -29.59
N SER A 210 10.96 49.67 -29.52
CA SER A 210 11.18 48.71 -30.63
C SER A 210 10.46 47.39 -30.32
N CYS A 211 9.83 47.27 -29.15
CA CYS A 211 9.08 46.05 -28.75
C CYS A 211 7.84 45.88 -29.63
N PRO A 212 7.62 44.70 -30.25
CA PRO A 212 6.46 44.48 -31.12
C PRO A 212 5.12 44.30 -30.40
N ASN A 213 5.14 43.76 -29.17
CA ASN A 213 3.90 43.36 -28.45
C ASN A 213 3.55 44.40 -27.38
N ILE A 214 2.38 44.24 -26.77
CA ILE A 214 1.87 45.21 -25.75
C ILE A 214 2.85 45.26 -24.57
N ARG A 215 3.14 46.48 -24.10
CA ARG A 215 3.95 46.69 -22.87
C ARG A 215 2.99 46.86 -21.69
N MET A 216 3.15 46.06 -20.63
CA MET A 216 2.23 46.09 -19.47
C MET A 216 2.96 46.61 -18.23
N ASP A 217 2.23 47.17 -17.28
CA ASP A 217 2.69 47.39 -15.88
C ASP A 217 3.93 48.30 -15.87
N PRO A 218 3.85 49.52 -16.44
CA PRO A 218 4.98 50.45 -16.41
C PRO A 218 5.15 51.07 -15.01
N LYS A 219 6.38 51.10 -14.51
CA LYS A 219 6.67 51.74 -13.19
C LYS A 219 7.86 52.70 -13.32
N LEU A 220 7.75 53.90 -12.73
CA LEU A 220 8.90 54.84 -12.65
C LEU A 220 9.90 54.33 -11.62
N CYS A 221 11.19 54.44 -11.92
CA CYS A 221 12.25 54.21 -10.91
C CYS A 221 12.22 55.35 -9.90
N PRO A 222 11.93 55.09 -8.60
CA PRO A 222 11.90 56.16 -7.59
C PRO A 222 13.26 56.83 -7.42
N ALA A 223 14.35 56.07 -7.63
CA ALA A 223 15.73 56.59 -7.48
C ALA A 223 16.11 57.52 -8.65
N ASP A 224 15.44 57.37 -9.81
CA ASP A 224 15.83 58.13 -11.03
C ASP A 224 14.64 58.18 -11.99
N PRO A 225 13.96 59.34 -12.13
CA PRO A 225 12.76 59.43 -12.98
C PRO A 225 13.04 59.45 -14.50
N ASP A 226 14.30 59.30 -14.92
CA ASP A 226 14.62 59.09 -16.35
C ASP A 226 14.32 57.64 -16.74
N TRP A 227 14.35 56.71 -15.76
CA TRP A 227 14.21 55.26 -16.05
C TRP A 227 12.81 54.78 -15.70
N ILE A 228 12.21 54.00 -16.61
CA ILE A 228 10.95 53.23 -16.31
C ILE A 228 11.26 51.75 -16.53
N ALA A 229 10.48 50.88 -15.89
CA ALA A 229 10.45 49.44 -16.25
C ALA A 229 9.07 49.10 -16.78
N PHE A 230 8.97 48.03 -17.57
CA PHE A 230 7.65 47.50 -18.00
C PHE A 230 7.81 46.02 -18.35
N ILE A 231 6.69 45.31 -18.48
CA ILE A 231 6.70 43.88 -18.89
C ILE A 231 6.41 43.80 -20.40
N HIS A 232 7.16 42.95 -21.10
CA HIS A 232 6.88 42.64 -22.53
C HIS A 232 7.07 41.14 -22.74
N SER A 233 6.03 40.45 -23.24
CA SER A 233 6.09 38.97 -23.41
C SER A 233 6.68 38.32 -22.15
N ASN A 234 6.14 38.66 -20.97
CA ASN A 234 6.47 38.00 -19.68
C ASN A 234 7.97 38.10 -19.37
N ASP A 235 8.61 39.21 -19.76
CA ASP A 235 10.02 39.50 -19.37
C ASP A 235 10.13 40.97 -18.96
N ILE A 236 11.12 41.31 -18.13
CA ILE A 236 11.27 42.70 -17.61
C ILE A 236 12.15 43.48 -18.59
N TRP A 237 11.67 44.64 -19.02
CA TRP A 237 12.45 45.60 -19.85
C TRP A 237 12.62 46.90 -19.07
N ILE A 238 13.64 47.70 -19.40
CA ILE A 238 13.75 49.09 -18.88
C ILE A 238 13.94 50.03 -20.07
N SER A 239 13.58 51.30 -19.87
CA SER A 239 13.64 52.32 -20.95
C SER A 239 13.92 53.70 -20.33
N ASN A 240 14.88 54.42 -20.90
CA ASN A 240 15.23 55.78 -20.41
C ASN A 240 14.44 56.80 -21.24
N ILE A 241 13.59 57.60 -20.60
CA ILE A 241 12.63 58.48 -21.33
C ILE A 241 13.33 59.79 -21.75
N VAL A 242 14.65 59.91 -21.49
CA VAL A 242 15.45 61.07 -21.98
C VAL A 242 16.37 60.59 -23.11
N THR A 243 17.18 59.56 -22.86
CA THR A 243 18.17 59.06 -23.85
C THR A 243 17.50 58.13 -24.88
N ARG A 244 16.38 57.50 -24.51
CA ARG A 244 15.64 56.54 -25.37
C ARG A 244 16.40 55.21 -25.47
N GLU A 245 17.36 54.96 -24.56
CA GLU A 245 17.97 53.61 -24.46
C GLU A 245 16.89 52.62 -24.00
N GLU A 246 16.79 51.48 -24.66
CA GLU A 246 15.81 50.41 -24.31
C GLU A 246 16.57 49.10 -24.12
N ARG A 247 16.26 48.34 -23.06
CA ARG A 247 17.10 47.20 -22.64
C ARG A 247 16.24 46.12 -21.99
N ARG A 248 16.35 44.89 -22.50
CA ARG A 248 15.67 43.70 -21.92
C ARG A 248 16.52 43.15 -20.77
N LEU A 249 15.93 43.00 -19.57
CA LEU A 249 16.68 42.58 -18.36
C LEU A 249 16.61 41.07 -18.16
N THR A 250 15.48 40.44 -18.52
CA THR A 250 15.27 38.99 -18.26
C THR A 250 15.04 38.27 -19.59
N TYR A 251 15.57 37.05 -19.72
CA TYR A 251 15.48 36.26 -20.99
C TYR A 251 14.85 34.91 -20.67
N VAL A 252 13.72 34.98 -19.96
CA VAL A 252 13.09 33.79 -19.31
C VAL A 252 12.00 33.22 -20.23
N HIS A 253 11.38 34.06 -21.07
CA HIS A 253 10.26 33.61 -21.93
C HIS A 253 10.60 33.82 -23.42
N ASN A 254 10.08 32.95 -24.28
CA ASN A 254 10.19 33.11 -25.76
C ASN A 254 8.79 33.34 -26.33
N GLU A 255 8.54 34.54 -26.87
CA GLU A 255 7.20 34.92 -27.40
C GLU A 255 6.82 34.04 -28.59
N LEU A 256 7.81 33.52 -29.34
CA LEU A 256 7.55 32.69 -30.54
C LEU A 256 7.10 31.27 -30.12
N ALA A 257 7.46 30.84 -28.91
CA ALA A 257 7.19 29.44 -28.46
C ALA A 257 5.72 29.30 -28.04
N ASN A 258 5.20 28.06 -28.09
CA ASN A 258 3.84 27.74 -27.58
C ASN A 258 3.88 27.69 -26.04
N MET A 259 2.74 27.93 -25.39
CA MET A 259 2.69 28.05 -23.89
C MET A 259 2.85 26.66 -23.25
N GLU A 260 2.57 25.58 -23.99
CA GLU A 260 2.85 24.20 -23.52
C GLU A 260 4.36 24.01 -23.35
N GLU A 261 5.16 24.64 -24.23
CA GLU A 261 6.64 24.47 -24.24
C GLU A 261 7.29 25.44 -23.26
N ASP A 262 6.92 26.73 -23.31
CA ASP A 262 7.57 27.79 -22.48
C ASP A 262 6.60 28.26 -21.39
N ALA A 263 6.83 27.83 -20.14
CA ALA A 263 5.91 28.14 -19.01
C ALA A 263 6.59 29.06 -17.98
N ARG A 264 7.61 29.81 -18.39
CA ARG A 264 8.39 30.67 -17.46
C ARG A 264 8.04 32.14 -17.69
N SER A 265 8.05 32.94 -16.62
CA SER A 265 7.80 34.40 -16.71
C SER A 265 8.59 35.13 -15.61
N ALA A 266 8.85 36.43 -15.82
CA ALA A 266 9.59 37.26 -14.84
C ALA A 266 8.87 38.58 -14.64
N GLY A 267 8.75 39.03 -13.38
CA GLY A 267 8.15 40.34 -13.06
C GLY A 267 6.63 40.33 -13.22
N VAL A 268 6.02 39.14 -13.25
CA VAL A 268 4.57 38.99 -13.55
C VAL A 268 3.89 38.27 -12.38
N ALA A 269 2.69 38.73 -11.99
CA ALA A 269 1.81 37.97 -11.07
C ALA A 269 0.99 36.97 -11.87
N THR A 270 1.01 35.69 -11.46
CA THR A 270 0.28 34.61 -12.18
C THR A 270 -1.21 34.68 -11.84
N PHE A 271 -2.00 33.77 -12.44
CA PHE A 271 -3.49 33.86 -12.37
C PHE A 271 -4.00 33.94 -10.92
N VAL A 272 -3.60 32.99 -10.07
CA VAL A 272 -4.18 32.86 -8.70
C VAL A 272 -3.89 34.14 -7.90
N LEU A 273 -2.72 34.76 -8.12
CA LEU A 273 -2.35 35.96 -7.33
C LEU A 273 -3.11 37.20 -7.84
N GLN A 274 -3.39 37.28 -9.14
CA GLN A 274 -4.24 38.37 -9.66
C GLN A 274 -5.69 38.14 -9.22
N GLU A 275 -6.17 36.90 -9.28
CA GLU A 275 -7.61 36.60 -9.07
C GLU A 275 -7.93 36.49 -7.57
N GLU A 276 -7.01 35.94 -6.75
CA GLU A 276 -7.34 35.56 -5.36
C GLU A 276 -6.55 36.38 -4.32
N PHE A 277 -5.53 37.14 -4.73
CA PHE A 277 -4.74 37.94 -3.75
C PHE A 277 -4.65 39.41 -4.18
N ASP A 278 -5.27 39.78 -5.31
CA ASP A 278 -5.23 41.17 -5.84
C ASP A 278 -3.77 41.67 -5.91
N ARG A 279 -2.83 40.80 -6.30
CA ARG A 279 -1.46 41.24 -6.66
C ARG A 279 -1.35 41.20 -8.19
N TYR A 280 -0.99 42.33 -8.80
CA TYR A 280 -1.00 42.48 -10.28
C TYR A 280 0.41 42.75 -10.81
N SER A 281 1.37 43.01 -9.91
CA SER A 281 2.79 43.23 -10.32
C SER A 281 3.66 42.09 -9.78
N GLY A 282 4.79 41.82 -10.44
CA GLY A 282 5.75 40.81 -9.97
C GLY A 282 7.16 41.36 -9.88
N TYR A 283 7.33 42.69 -9.91
CA TYR A 283 8.67 43.32 -9.79
C TYR A 283 8.54 44.66 -9.06
N TRP A 284 9.63 45.06 -8.39
CA TRP A 284 9.63 46.27 -7.53
C TRP A 284 10.99 46.98 -7.64
N TRP A 285 10.98 48.24 -8.08
CA TRP A 285 12.22 49.07 -8.10
C TRP A 285 12.75 49.22 -6.67
N CYS A 286 14.08 49.14 -6.51
CA CYS A 286 14.71 49.63 -5.25
C CYS A 286 14.58 51.16 -5.23
N PRO A 287 14.12 51.76 -4.11
CA PRO A 287 13.84 53.20 -4.07
C PRO A 287 15.09 54.10 -4.07
N LYS A 288 16.27 53.52 -3.78
CA LYS A 288 17.53 54.31 -3.75
C LYS A 288 18.55 53.70 -4.73
N ALA A 289 19.43 54.54 -5.28
CA ALA A 289 20.53 54.09 -6.15
C ALA A 289 21.82 54.03 -5.33
N GLU A 290 22.70 53.07 -5.64
CA GLU A 290 24.02 52.97 -4.97
C GLU A 290 25.05 53.71 -5.82
N THR A 291 25.64 54.78 -5.29
CA THR A 291 26.70 55.55 -6.00
C THR A 291 27.91 54.65 -6.24
N THR A 292 28.52 54.73 -7.43
CA THR A 292 29.77 53.98 -7.75
C THR A 292 30.95 54.95 -7.71
N PRO A 293 32.20 54.45 -7.55
CA PRO A 293 33.39 55.30 -7.57
C PRO A 293 33.67 55.97 -8.93
N SER A 294 32.97 55.56 -9.99
CA SER A 294 33.19 56.11 -11.36
C SER A 294 32.35 57.38 -11.59
N GLY A 295 31.46 57.71 -10.65
CA GLY A 295 30.48 58.80 -10.85
C GLY A 295 29.16 58.30 -11.41
N GLY A 296 29.03 56.98 -11.57
CA GLY A 296 27.78 56.35 -12.04
C GLY A 296 26.90 55.92 -10.86
N LYS A 297 26.09 54.88 -11.05
CA LYS A 297 25.21 54.36 -9.96
C LYS A 297 24.71 52.96 -10.30
N ILE A 298 24.16 52.27 -9.29
CA ILE A 298 23.52 50.94 -9.48
C ILE A 298 22.02 51.07 -9.14
N LEU A 299 21.15 50.86 -10.11
CA LEU A 299 19.69 50.71 -9.86
C LEU A 299 19.40 49.21 -9.66
N ARG A 300 18.49 48.89 -8.74
CA ARG A 300 18.14 47.47 -8.45
C ARG A 300 16.64 47.25 -8.70
N ILE A 301 16.28 46.06 -9.17
CA ILE A 301 14.86 45.62 -9.29
C ILE A 301 14.74 44.24 -8.64
N LEU A 302 13.99 44.13 -7.54
CA LEU A 302 13.53 42.80 -7.06
C LEU A 302 12.42 42.32 -8.00
N TYR A 303 12.45 41.05 -8.40
CA TYR A 303 11.31 40.50 -9.18
C TYR A 303 11.05 39.04 -8.80
N GLU A 304 9.80 38.62 -8.98
CA GLU A 304 9.38 37.20 -8.83
C GLU A 304 9.60 36.50 -10.17
N GLU A 305 10.24 35.32 -10.15
CA GLU A 305 10.35 34.46 -11.35
C GLU A 305 9.44 33.25 -11.17
N ASN A 306 8.59 32.97 -12.16
CA ASN A 306 7.57 31.89 -12.07
C ASN A 306 7.89 30.80 -13.10
N ASP A 307 7.68 29.54 -12.70
CA ASP A 307 7.73 28.38 -13.65
C ASP A 307 6.41 27.61 -13.51
N GLU A 308 5.58 27.65 -14.55
CA GLU A 308 4.21 27.06 -14.51
C GLU A 308 4.19 25.71 -15.24
N SER A 309 5.36 25.07 -15.43
CA SER A 309 5.46 23.80 -16.18
C SER A 309 4.55 22.73 -15.58
N GLU A 310 4.55 22.59 -14.25
CA GLU A 310 3.79 21.50 -13.57
C GLU A 310 2.34 21.92 -13.33
N VAL A 311 1.96 23.15 -13.69
CA VAL A 311 0.56 23.64 -13.49
C VAL A 311 -0.32 23.08 -14.60
N GLU A 312 -1.53 22.64 -14.26
CA GLU A 312 -2.45 22.01 -15.26
C GLU A 312 -2.84 23.03 -16.32
N ILE A 313 -2.95 22.59 -17.58
CA ILE A 313 -3.45 23.45 -18.70
C ILE A 313 -4.91 23.10 -18.95
N ILE A 314 -5.78 24.11 -19.00
CA ILE A 314 -7.21 23.89 -19.37
C ILE A 314 -7.51 24.72 -20.63
N HIS A 315 -8.57 24.34 -21.36
CA HIS A 315 -8.96 25.06 -22.60
C HIS A 315 -10.22 25.88 -22.33
N VAL A 316 -10.19 27.16 -22.70
CA VAL A 316 -11.40 28.04 -22.62
C VAL A 316 -11.72 28.50 -24.04
N THR A 317 -13.00 28.39 -24.44
CA THR A 317 -13.45 28.76 -25.81
C THR A 317 -12.90 30.14 -26.17
N SER A 318 -12.35 30.28 -27.38
CA SER A 318 -11.91 31.60 -27.89
C SER A 318 -13.13 32.48 -28.12
N PRO A 319 -13.09 33.79 -27.79
CA PRO A 319 -14.20 34.71 -28.06
C PRO A 319 -14.53 34.79 -29.55
N MET A 320 -13.54 34.56 -30.41
CA MET A 320 -13.75 34.41 -31.88
C MET A 320 -14.45 33.07 -32.15
N LEU A 321 -15.79 33.03 -32.06
CA LEU A 321 -16.53 31.74 -32.15
C LEU A 321 -16.37 31.13 -33.55
N GLU A 322 -16.12 31.95 -34.57
CA GLU A 322 -15.95 31.49 -35.97
C GLU A 322 -14.73 30.57 -36.10
N THR A 323 -13.73 30.75 -35.22
CA THR A 323 -12.49 29.91 -35.24
C THR A 323 -12.83 28.47 -34.81
N ARG A 324 -13.82 28.30 -33.93
CA ARG A 324 -14.12 26.99 -33.28
C ARG A 324 -12.85 26.46 -32.62
N ARG A 325 -12.07 27.36 -31.99
CA ARG A 325 -10.82 27.00 -31.29
C ARG A 325 -10.94 27.42 -29.83
N ALA A 326 -10.00 26.94 -29.00
CA ALA A 326 -9.95 27.28 -27.56
C ALA A 326 -8.55 27.82 -27.25
N ASP A 327 -8.44 28.68 -26.23
CA ASP A 327 -7.13 29.22 -25.78
C ASP A 327 -6.64 28.36 -24.62
N SER A 328 -5.32 28.18 -24.50
CA SER A 328 -4.72 27.43 -23.37
C SER A 328 -4.56 28.37 -22.16
N PHE A 329 -4.81 27.84 -20.95
N PHE A 329 -4.67 27.80 -20.95
CA PHE A 329 -4.72 28.65 -19.70
CA PHE A 329 -4.77 28.58 -19.69
C PHE A 329 -4.05 27.81 -18.60
C PHE A 329 -4.07 27.79 -18.57
N ARG A 330 -3.00 28.35 -17.98
CA ARG A 330 -2.36 27.72 -16.79
C ARG A 330 -3.26 27.96 -15.58
N TYR A 331 -4.00 26.92 -15.15
CA TYR A 331 -5.01 27.06 -14.08
C TYR A 331 -4.69 26.09 -12.94
N PRO A 332 -4.18 26.57 -11.78
CA PRO A 332 -3.93 25.71 -10.63
C PRO A 332 -5.25 25.30 -9.94
N LYS A 333 -5.85 24.18 -10.35
CA LYS A 333 -7.10 23.70 -9.70
C LYS A 333 -6.77 23.16 -8.31
N THR A 334 -7.74 23.22 -7.39
CA THR A 334 -7.52 22.88 -5.96
C THR A 334 -6.89 21.49 -5.85
N GLY A 335 -5.87 21.36 -5.00
CA GLY A 335 -5.20 20.06 -4.75
C GLY A 335 -4.13 19.73 -5.79
N THR A 336 -3.80 20.68 -6.68
CA THR A 336 -2.75 20.43 -7.73
C THR A 336 -1.66 21.50 -7.60
N ALA A 337 -0.64 21.44 -8.47
CA ALA A 337 0.60 22.23 -8.29
C ALA A 337 0.33 23.72 -8.56
N ASN A 338 0.73 24.58 -7.62
CA ASN A 338 0.88 26.04 -7.90
C ASN A 338 2.18 26.23 -8.65
N PRO A 339 2.42 27.41 -9.30
CA PRO A 339 3.68 27.65 -10.00
C PRO A 339 4.89 27.52 -9.06
N LYS A 340 6.04 27.11 -9.62
CA LYS A 340 7.33 27.14 -8.88
C LYS A 340 7.83 28.58 -8.87
N VAL A 341 7.96 29.18 -7.69
CA VAL A 341 8.27 30.64 -7.57
C VAL A 341 9.63 30.83 -6.89
N THR A 342 10.32 31.91 -7.23
CA THR A 342 11.55 32.34 -6.51
C THR A 342 11.70 33.85 -6.59
N PHE A 343 12.63 34.41 -5.82
CA PHE A 343 13.00 35.85 -5.94
C PHE A 343 14.26 35.96 -6.80
N LYS A 344 14.36 37.04 -7.56
CA LYS A 344 15.55 37.35 -8.38
C LYS A 344 15.83 38.85 -8.24
N MET A 345 17.07 39.27 -8.49
CA MET A 345 17.41 40.72 -8.47
C MET A 345 18.17 41.08 -9.74
N SER A 346 17.70 42.10 -10.45
CA SER A 346 18.44 42.67 -11.61
C SER A 346 19.25 43.87 -11.13
N GLU A 347 20.56 43.87 -11.40
CA GLU A 347 21.48 44.96 -10.94
C GLU A 347 21.92 45.75 -12.18
N ILE A 348 21.41 46.98 -12.33
CA ILE A 348 21.68 47.80 -13.56
C ILE A 348 22.75 48.84 -13.23
N MET A 349 23.96 48.66 -13.77
CA MET A 349 25.06 49.66 -13.61
C MET A 349 24.93 50.72 -14.69
N ILE A 350 24.92 52.00 -14.28
CA ILE A 350 24.71 53.15 -15.22
C ILE A 350 25.88 54.12 -15.03
N ASP A 351 26.38 54.70 -16.12
CA ASP A 351 27.55 55.62 -16.07
C ASP A 351 27.08 57.03 -15.73
N ALA A 352 27.98 58.02 -15.78
CA ALA A 352 27.70 59.39 -15.29
C ALA A 352 26.63 60.09 -16.13
N GLU A 353 26.51 59.73 -17.42
CA GLU A 353 25.56 60.42 -18.34
C GLU A 353 24.33 59.53 -18.61
N GLY A 354 24.10 58.51 -17.76
CA GLY A 354 22.82 57.78 -17.78
C GLY A 354 22.78 56.67 -18.84
N ARG A 355 23.94 56.18 -19.29
CA ARG A 355 23.99 55.03 -20.24
C ARG A 355 24.20 53.74 -19.44
N ILE A 356 23.57 52.64 -19.87
CA ILE A 356 23.75 51.32 -19.18
C ILE A 356 25.16 50.80 -19.50
N ILE A 357 25.94 50.47 -18.45
CA ILE A 357 27.27 49.83 -18.62
C ILE A 357 27.03 48.32 -18.80
N ASP A 358 26.36 47.70 -17.83
CA ASP A 358 26.09 46.24 -17.86
C ASP A 358 24.86 45.94 -16.98
N VAL A 359 24.22 44.79 -17.20
CA VAL A 359 23.11 44.31 -16.33
C VAL A 359 23.53 42.94 -15.77
N ILE A 360 23.53 42.78 -14.45
CA ILE A 360 23.86 41.48 -13.81
C ILE A 360 22.58 40.91 -13.20
N ASP A 361 22.09 39.81 -13.76
CA ASP A 361 20.91 39.09 -13.20
C ASP A 361 21.39 38.19 -12.07
N LYS A 362 20.72 38.24 -10.91
CA LYS A 362 21.22 37.57 -9.67
C LYS A 362 20.14 36.67 -9.08
N GLU A 363 20.55 35.55 -8.48
CA GLU A 363 19.63 34.54 -7.91
C GLU A 363 19.94 34.37 -6.42
N LEU A 364 19.04 33.72 -5.67
CA LEU A 364 19.24 33.51 -4.22
C LEU A 364 20.44 32.56 -4.01
N ILE A 365 21.23 32.81 -2.95
CA ILE A 365 22.45 32.01 -2.67
C ILE A 365 22.07 30.54 -2.43
N GLN A 366 20.93 30.29 -1.77
CA GLN A 366 20.36 28.92 -1.64
C GLN A 366 18.96 28.93 -2.23
N PRO A 367 18.36 27.77 -2.58
CA PRO A 367 17.03 27.73 -3.17
C PRO A 367 15.94 28.37 -2.31
N PHE A 368 14.86 28.83 -2.96
CA PHE A 368 13.70 29.47 -2.29
C PHE A 368 13.10 28.52 -1.24
N GLU A 369 13.05 27.22 -1.55
CA GLU A 369 12.40 26.21 -0.66
C GLU A 369 13.20 26.04 0.64
N ILE A 370 14.50 26.36 0.62
CA ILE A 370 15.39 26.23 1.81
C ILE A 370 15.33 27.53 2.64
N LEU A 371 15.45 28.69 1.99
CA LEU A 371 15.47 30.00 2.70
C LEU A 371 14.07 30.36 3.22
N PHE A 372 13.01 29.85 2.58
CA PHE A 372 11.62 30.19 2.97
C PHE A 372 10.79 28.90 3.11
N GLU A 373 11.19 28.04 4.07
CA GLU A 373 10.58 26.70 4.25
C GLU A 373 9.05 26.83 4.36
N GLY A 374 8.33 26.07 3.54
CA GLY A 374 6.87 25.92 3.68
C GLY A 374 6.07 27.01 2.99
N VAL A 375 6.74 27.96 2.32
CA VAL A 375 6.03 29.11 1.66
C VAL A 375 5.52 28.66 0.29
N GLU A 376 4.22 28.85 0.02
CA GLU A 376 3.62 28.61 -1.32
C GLU A 376 3.46 29.93 -2.08
N TYR A 377 2.98 30.97 -1.40
CA TYR A 377 2.54 32.21 -2.08
C TYR A 377 3.38 33.41 -1.61
N ILE A 378 3.92 34.17 -2.57
CA ILE A 378 4.42 35.54 -2.30
C ILE A 378 3.22 36.49 -2.40
N ALA A 379 2.60 36.84 -1.26
CA ALA A 379 1.35 37.62 -1.25
C ALA A 379 1.65 39.08 -1.60
N ARG A 380 2.67 39.67 -0.98
CA ARG A 380 3.05 41.09 -1.21
C ARG A 380 4.57 41.22 -1.18
N ALA A 381 5.12 42.30 -1.74
CA ALA A 381 6.57 42.55 -1.68
C ALA A 381 6.87 44.02 -1.94
N GLY A 382 8.08 44.46 -1.57
CA GLY A 382 8.54 45.84 -1.78
C GLY A 382 9.90 46.05 -1.17
N TRP A 383 10.26 47.30 -0.90
CA TRP A 383 11.56 47.66 -0.28
C TRP A 383 11.31 48.49 0.99
N THR A 384 12.28 48.49 1.91
CA THR A 384 12.26 49.42 3.06
C THR A 384 12.49 50.84 2.55
N PRO A 385 12.09 51.90 3.29
CA PRO A 385 12.14 53.27 2.78
C PRO A 385 13.51 53.70 2.23
N GLU A 386 14.60 53.27 2.88
CA GLU A 386 15.97 53.68 2.48
C GLU A 386 16.58 52.63 1.53
N GLY A 387 15.85 51.55 1.24
CA GLY A 387 16.28 50.54 0.25
C GLY A 387 17.29 49.56 0.82
N LYS A 388 17.45 49.52 2.15
CA LYS A 388 18.45 48.64 2.80
C LYS A 388 18.06 47.17 2.58
N TYR A 389 16.77 46.86 2.77
CA TYR A 389 16.25 45.48 2.61
C TYR A 389 15.08 45.48 1.61
N ALA A 390 14.86 44.33 0.96
CA ALA A 390 13.56 44.02 0.33
C ALA A 390 12.69 43.31 1.38
N TRP A 391 11.38 43.56 1.37
CA TRP A 391 10.46 42.84 2.29
C TRP A 391 9.46 42.02 1.48
N SER A 392 8.90 40.98 2.10
CA SER A 392 7.86 40.16 1.45
C SER A 392 6.91 39.58 2.51
N ILE A 393 5.62 39.51 2.18
CA ILE A 393 4.62 38.83 3.06
C ILE A 393 4.35 37.46 2.44
N LEU A 394 4.70 36.38 3.17
CA LEU A 394 4.75 35.01 2.61
C LEU A 394 3.71 34.13 3.31
N LEU A 395 2.97 33.33 2.52
CA LEU A 395 1.95 32.40 3.07
C LEU A 395 2.44 30.96 2.87
N ASP A 396 2.01 30.06 3.76
CA ASP A 396 2.13 28.60 3.51
C ASP A 396 0.94 28.15 2.65
N ARG A 397 0.92 26.89 2.22
CA ARG A 397 -0.17 26.40 1.32
C ARG A 397 -1.53 26.51 2.01
N SER A 398 -1.62 26.11 3.28
CA SER A 398 -2.91 26.13 4.03
C SER A 398 -3.40 27.57 4.21
N GLN A 399 -2.50 28.56 4.05
CA GLN A 399 -2.83 29.99 4.25
C GLN A 399 -3.26 30.22 5.70
N THR A 400 -2.62 29.49 6.63
CA THR A 400 -2.84 29.68 8.09
C THR A 400 -1.56 30.20 8.75
N ARG A 401 -0.49 30.40 7.98
CA ARG A 401 0.78 30.97 8.50
C ARG A 401 1.20 32.13 7.60
N LEU A 402 1.31 33.33 8.18
CA LEU A 402 1.85 34.52 7.47
C LEU A 402 3.24 34.83 8.03
N GLN A 403 4.17 35.25 7.18
CA GLN A 403 5.50 35.75 7.62
C GLN A 403 5.79 37.07 6.92
N ILE A 404 6.37 38.04 7.64
CA ILE A 404 7.01 39.22 7.00
C ILE A 404 8.53 39.00 7.08
N VAL A 405 9.18 38.84 5.92
CA VAL A 405 10.61 38.45 5.87
C VAL A 405 11.40 39.56 5.16
N LEU A 406 12.45 40.08 5.80
CA LEU A 406 13.38 41.03 5.14
C LEU A 406 14.41 40.24 4.34
N ILE A 407 14.73 40.73 3.14
CA ILE A 407 15.66 40.03 2.21
C ILE A 407 16.73 41.05 1.79
N SER A 408 17.97 40.85 2.27
CA SER A 408 19.11 41.73 1.87
C SER A 408 19.50 41.45 0.43
N PRO A 409 19.92 42.47 -0.35
CA PRO A 409 20.54 42.24 -1.66
C PRO A 409 21.77 41.33 -1.62
N GLU A 410 22.42 41.21 -0.44
CA GLU A 410 23.63 40.36 -0.28
C GLU A 410 23.25 38.88 -0.32
N LEU A 411 21.95 38.54 -0.18
CA LEU A 411 21.47 37.15 -0.36
C LEU A 411 21.52 36.74 -1.84
N PHE A 412 21.70 37.70 -2.75
CA PHE A 412 21.66 37.41 -4.20
C PHE A 412 23.09 37.39 -4.77
N ILE A 413 23.41 36.35 -5.55
CA ILE A 413 24.72 36.24 -6.25
C ILE A 413 24.46 36.20 -7.76
N PRO A 414 25.41 36.66 -8.60
CA PRO A 414 25.26 36.57 -10.05
C PRO A 414 24.92 35.14 -10.55
N VAL A 415 24.04 35.05 -11.54
CA VAL A 415 23.74 33.75 -12.22
C VAL A 415 25.02 33.28 -12.93
N GLU A 416 25.51 32.07 -12.62
CA GLU A 416 26.77 31.56 -13.20
C GLU A 416 26.64 30.07 -13.52
N ASP A 417 26.87 29.70 -14.79
CA ASP A 417 26.89 28.27 -15.22
C ASP A 417 28.21 27.62 -14.80
N ASP A 418 29.32 28.37 -14.92
CA ASP A 418 30.67 27.87 -14.51
C ASP A 418 30.61 27.44 -13.04
N VAL A 419 30.60 26.12 -12.79
CA VAL A 419 30.45 25.55 -11.42
C VAL A 419 31.66 25.96 -10.56
N MET A 420 32.81 26.26 -11.19
CA MET A 420 34.02 26.74 -10.47
C MET A 420 33.75 28.14 -9.89
N GLU A 421 33.29 29.08 -10.74
CA GLU A 421 33.04 30.48 -10.32
C GLU A 421 31.82 30.55 -9.40
N ARG A 422 30.76 29.78 -9.70
CA ARG A 422 29.53 29.74 -8.87
C ARG A 422 29.91 29.50 -7.40
N GLN A 423 30.79 28.50 -7.15
CA GLN A 423 31.20 28.15 -5.77
C GLN A 423 32.01 29.31 -5.15
N ARG A 424 32.84 29.97 -5.96
CA ARG A 424 33.62 31.15 -5.50
C ARG A 424 32.66 32.26 -5.03
N LEU A 425 31.55 32.46 -5.76
CA LEU A 425 30.55 33.50 -5.40
C LEU A 425 29.78 33.08 -4.14
N ILE A 426 29.39 31.80 -4.04
CA ILE A 426 28.68 31.27 -2.85
C ILE A 426 29.52 31.54 -1.59
N GLU A 427 30.84 31.35 -1.68
CA GLU A 427 31.74 31.50 -0.51
C GLU A 427 31.99 32.98 -0.22
N SER A 428 31.87 33.85 -1.23
CA SER A 428 32.14 35.30 -1.07
C SER A 428 31.03 35.99 -0.25
N VAL A 429 29.91 35.30 0.00
CA VAL A 429 28.77 35.89 0.76
C VAL A 429 28.85 35.43 2.22
N PRO A 430 28.90 36.36 3.20
CA PRO A 430 28.99 35.99 4.62
C PRO A 430 27.85 35.09 5.11
N ASP A 431 28.12 34.29 6.15
CA ASP A 431 27.11 33.39 6.76
C ASP A 431 26.12 34.21 7.61
N SER A 432 26.53 35.41 8.05
CA SER A 432 25.67 36.29 8.86
C SER A 432 24.55 36.89 8.01
N VAL A 433 24.76 37.01 6.69
CA VAL A 433 23.68 37.44 5.74
C VAL A 433 22.64 36.33 5.64
N THR A 434 21.40 36.61 6.04
CA THR A 434 20.36 35.57 6.22
C THR A 434 18.99 36.21 6.05
N PRO A 435 17.93 35.45 5.67
CA PRO A 435 16.57 35.99 5.68
C PRO A 435 16.16 36.33 7.13
N LEU A 436 15.47 37.46 7.33
CA LEU A 436 15.08 37.91 8.69
C LEU A 436 13.55 37.88 8.81
N ILE A 437 13.00 36.85 9.48
CA ILE A 437 11.54 36.80 9.75
C ILE A 437 11.24 37.78 10.89
N ILE A 438 10.80 38.99 10.55
CA ILE A 438 10.56 40.08 11.54
C ILE A 438 9.17 39.91 12.18
N TYR A 439 8.31 39.08 11.57
CA TYR A 439 6.95 38.84 12.12
C TYR A 439 6.43 37.50 11.59
N GLU A 440 5.79 36.72 12.46
CA GLU A 440 5.19 35.42 12.06
C GLU A 440 3.93 35.20 12.92
N GLU A 441 2.82 34.84 12.29
CA GLU A 441 1.53 34.64 13.00
C GLU A 441 0.83 33.41 12.40
N THR A 442 -0.05 32.79 13.18
CA THR A 442 -0.84 31.63 12.70
C THR A 442 -2.30 31.79 13.13
N THR A 443 -3.20 31.02 12.51
CA THR A 443 -4.65 31.05 12.84
C THR A 443 -5.25 29.68 12.51
N ASP A 444 -6.35 29.31 13.17
CA ASP A 444 -7.06 28.04 12.85
C ASP A 444 -8.20 28.30 11.87
N ILE A 445 -8.37 29.56 11.43
CA ILE A 445 -9.39 29.91 10.41
C ILE A 445 -8.67 30.16 9.08
N TRP A 446 -8.20 31.40 8.83
CA TRP A 446 -7.34 31.65 7.64
C TRP A 446 -6.72 33.05 7.73
N ILE A 447 -5.59 33.25 7.03
CA ILE A 447 -4.99 34.61 6.88
C ILE A 447 -5.75 35.36 5.78
N ASN A 448 -6.29 36.54 6.11
CA ASN A 448 -6.85 37.47 5.11
C ASN A 448 -5.76 38.47 4.74
N ILE A 449 -5.22 38.37 3.52
CA ILE A 449 -4.14 39.30 3.07
C ILE A 449 -4.73 40.70 2.90
N HIS A 450 -3.95 41.73 3.25
CA HIS A 450 -4.36 43.15 3.15
C HIS A 450 -3.17 43.99 2.67
N ASP A 451 -3.40 45.29 2.44
CA ASP A 451 -2.37 46.18 1.81
C ASP A 451 -1.72 47.07 2.88
N ILE A 452 -1.98 46.81 4.16
CA ILE A 452 -1.44 47.63 5.28
C ILE A 452 -0.06 47.10 5.68
N PHE A 453 0.98 47.90 5.50
CA PHE A 453 2.33 47.60 6.05
C PHE A 453 3.18 48.87 5.95
N HIS A 454 3.47 49.48 7.11
CA HIS A 454 4.24 50.76 7.15
C HIS A 454 5.54 50.54 7.92
N VAL A 455 6.68 50.83 7.28
CA VAL A 455 8.02 50.73 7.95
C VAL A 455 8.49 52.16 8.28
N PHE A 456 8.80 52.43 9.54
CA PHE A 456 9.33 53.75 9.97
C PHE A 456 10.80 53.87 9.54
N PRO A 457 11.33 55.09 9.35
CA PRO A 457 12.76 55.27 9.08
C PRO A 457 13.64 54.58 10.14
N GLN A 458 14.74 53.96 9.71
CA GLN A 458 15.64 53.21 10.61
C GLN A 458 16.23 54.16 11.67
N SER A 459 15.91 53.95 12.94
CA SER A 459 16.46 54.78 14.04
C SER A 459 17.70 54.11 14.64
N HIS A 460 17.57 52.84 15.04
CA HIS A 460 18.71 52.05 15.58
C HIS A 460 19.20 51.07 14.52
N GLU A 461 20.41 50.52 14.69
CA GLU A 461 21.12 49.79 13.62
C GLU A 461 20.48 48.41 13.41
N GLU A 462 20.30 47.64 14.50
CA GLU A 462 19.82 46.23 14.40
C GLU A 462 18.36 46.16 14.89
N GLU A 463 17.51 47.07 14.40
CA GLU A 463 16.07 47.08 14.78
C GLU A 463 15.22 47.52 13.58
N ILE A 464 13.97 47.06 13.51
CA ILE A 464 12.99 47.59 12.52
C ILE A 464 11.68 47.89 13.26
N GLU A 465 11.13 49.09 13.01
CA GLU A 465 9.87 49.57 13.63
C GLU A 465 8.82 49.62 12.53
N PHE A 466 7.65 49.00 12.73
CA PHE A 466 6.63 48.96 11.65
C PHE A 466 5.22 48.80 12.22
N ILE A 467 4.22 49.30 11.47
CA ILE A 467 2.78 49.02 11.76
C ILE A 467 2.31 47.91 10.82
N PHE A 468 1.65 46.90 11.37
CA PHE A 468 0.98 45.83 10.58
C PHE A 468 -0.44 45.67 11.11
N ALA A 469 -1.32 45.01 10.34
CA ALA A 469 -2.71 44.72 10.78
C ALA A 469 -2.90 43.20 10.85
N SER A 470 -3.72 42.72 11.80
CA SER A 470 -3.88 41.25 11.98
C SER A 470 -5.21 40.95 12.71
N GLU A 471 -5.85 39.85 12.30
CA GLU A 471 -7.03 39.29 13.02
C GLU A 471 -6.59 38.16 13.95
N CYS A 472 -5.31 37.75 13.88
CA CYS A 472 -4.85 36.47 14.50
C CYS A 472 -4.91 36.54 16.04
N LYS A 473 -4.77 37.73 16.62
CA LYS A 473 -4.74 37.86 18.11
C LYS A 473 -6.17 37.77 18.67
N THR A 474 -7.09 38.60 18.16
CA THR A 474 -8.43 38.79 18.80
C THR A 474 -9.58 38.28 17.93
N GLY A 475 -9.33 37.98 16.65
CA GLY A 475 -10.42 37.61 15.72
C GLY A 475 -11.02 38.81 15.02
N PHE A 476 -10.46 40.00 15.24
CA PHE A 476 -10.87 41.24 14.51
C PHE A 476 -9.60 41.95 14.02
N ARG A 477 -9.63 42.51 12.81
CA ARG A 477 -8.40 43.11 12.22
C ARG A 477 -8.07 44.41 12.97
N HIS A 478 -6.88 44.49 13.56
CA HIS A 478 -6.47 45.68 14.33
C HIS A 478 -5.03 46.08 13.99
N LEU A 479 -4.68 47.35 14.21
CA LEU A 479 -3.32 47.86 13.93
C LEU A 479 -2.42 47.56 15.13
N TYR A 480 -1.20 47.08 14.86
CA TYR A 480 -0.19 46.78 15.92
C TYR A 480 1.11 47.47 15.53
N LYS A 481 1.73 48.20 16.46
CA LYS A 481 3.11 48.72 16.24
C LYS A 481 4.10 47.70 16.78
N ILE A 482 5.03 47.23 15.93
CA ILE A 482 5.95 46.13 16.30
C ILE A 482 7.39 46.61 16.08
N THR A 483 8.28 46.30 17.03
CA THR A 483 9.74 46.52 16.87
C THR A 483 10.45 45.16 16.91
N SER A 484 11.19 44.82 15.85
CA SER A 484 11.87 43.49 15.77
C SER A 484 13.38 43.69 15.82
N ILE A 485 14.08 42.81 16.55
CA ILE A 485 15.57 42.86 16.65
C ILE A 485 16.16 42.05 15.50
N LEU A 486 17.03 42.67 14.69
CA LEU A 486 17.68 41.96 13.56
C LEU A 486 18.93 41.24 14.09
N LYS A 487 18.74 40.09 14.74
CA LYS A 487 19.87 39.31 15.33
C LYS A 487 20.62 38.57 14.22
N GLU A 488 21.91 38.30 14.44
CA GLU A 488 22.67 37.34 13.60
C GLU A 488 22.10 35.94 13.83
N SER A 489 21.72 35.23 12.76
CA SER A 489 21.18 33.85 12.90
C SER A 489 22.33 32.89 13.28
N LYS A 490 22.02 31.88 14.09
CA LYS A 490 23.02 30.88 14.50
C LYS A 490 23.15 29.79 13.41
N TYR A 491 22.26 29.81 12.41
CA TYR A 491 22.45 28.98 11.18
C TYR A 491 23.64 29.54 10.38
N LYS A 492 24.56 28.66 9.98
CA LYS A 492 25.71 29.06 9.13
C LYS A 492 25.77 28.10 7.93
N ARG A 493 25.59 28.62 6.72
CA ARG A 493 25.41 27.77 5.51
C ARG A 493 26.75 27.14 5.09
N SER A 494 27.88 27.71 5.52
CA SER A 494 29.22 27.12 5.26
C SER A 494 29.36 25.76 5.96
N SER A 495 28.67 25.56 7.08
CA SER A 495 28.67 24.25 7.80
C SER A 495 27.99 23.17 6.96
N GLY A 496 27.19 23.56 5.96
CA GLY A 496 26.70 22.62 4.93
C GLY A 496 25.48 21.84 5.39
N GLY A 497 24.61 22.46 6.21
CA GLY A 497 23.34 21.84 6.63
C GLY A 497 22.15 22.70 6.24
N LEU A 498 20.93 22.21 6.50
CA LEU A 498 19.70 23.00 6.27
C LEU A 498 19.32 23.73 7.56
N PRO A 499 18.67 24.91 7.48
CA PRO A 499 18.27 25.65 8.68
C PRO A 499 17.18 24.95 9.51
N ALA A 500 17.26 25.10 10.84
CA ALA A 500 16.22 24.59 11.76
C ALA A 500 14.96 25.46 11.65
N PRO A 501 13.79 25.01 12.16
CA PRO A 501 12.53 25.70 11.93
C PRO A 501 12.55 27.21 12.24
N SER A 502 13.23 27.61 13.32
CA SER A 502 13.15 29.01 13.83
C SER A 502 14.53 29.70 13.77
N ASP A 503 15.39 29.29 12.83
CA ASP A 503 16.77 29.86 12.75
C ASP A 503 16.74 31.29 12.19
N PHE A 504 15.71 31.66 11.41
CA PHE A 504 15.65 33.00 10.80
C PHE A 504 14.63 33.90 11.52
N LYS A 505 13.94 33.38 12.56
CA LYS A 505 12.93 34.18 13.30
C LYS A 505 13.63 35.25 14.14
N CYS A 506 13.09 36.48 14.13
CA CYS A 506 13.65 37.60 14.93
C CYS A 506 12.91 37.71 16.26
N PRO A 507 13.58 38.13 17.36
CA PRO A 507 12.88 38.35 18.63
C PRO A 507 12.06 39.65 18.59
N ILE A 508 10.86 39.63 19.20
CA ILE A 508 9.99 40.83 19.26
C ILE A 508 10.38 41.66 20.49
N LYS A 509 11.00 42.82 20.28
CA LYS A 509 11.33 43.75 21.40
C LYS A 509 10.02 44.35 21.95
N GLU A 510 9.02 44.57 21.10
CA GLU A 510 7.84 45.39 21.47
C GLU A 510 6.68 45.05 20.53
N GLU A 511 5.49 44.75 21.09
CA GLU A 511 4.24 44.58 20.30
C GLU A 511 3.13 45.36 21.00
N ILE A 512 2.59 46.39 20.34
CA ILE A 512 1.65 47.36 20.98
C ILE A 512 0.35 47.40 20.17
N ALA A 513 -0.76 46.99 20.77
CA ALA A 513 -2.08 47.10 20.12
C ALA A 513 -2.46 48.59 19.99
N ILE A 514 -2.66 49.07 18.76
CA ILE A 514 -3.05 50.49 18.51
C ILE A 514 -4.57 50.61 18.55
N THR A 515 -5.28 49.63 17.96
CA THR A 515 -6.76 49.56 18.00
C THR A 515 -7.17 48.24 18.67
N SER A 516 -8.45 48.14 19.08
CA SER A 516 -9.02 46.90 19.67
C SER A 516 -10.55 47.02 19.72
N GLY A 517 -11.24 45.88 19.84
CA GLY A 517 -12.71 45.87 20.03
C GLY A 517 -13.43 44.95 19.05
N GLU A 518 -14.77 44.94 19.12
CA GLU A 518 -15.63 44.06 18.27
C GLU A 518 -15.89 44.74 16.92
N TRP A 519 -14.82 45.13 16.23
CA TRP A 519 -14.91 45.86 14.93
C TRP A 519 -13.56 45.76 14.22
N GLU A 520 -13.51 46.02 12.91
CA GLU A 520 -12.27 45.74 12.14
C GLU A 520 -11.73 47.00 11.47
N VAL A 521 -10.40 47.07 11.34
CA VAL A 521 -9.71 48.01 10.41
C VAL A 521 -9.83 47.43 8.99
N LEU A 522 -10.03 48.29 7.99
CA LEU A 522 -10.13 47.85 6.57
C LEU A 522 -8.77 48.03 5.88
N GLY A 523 -8.35 47.04 5.08
CA GLY A 523 -7.03 47.09 4.40
C GLY A 523 -7.06 46.54 2.98
N ARG A 524 -8.23 46.55 2.33
CA ARG A 524 -8.36 46.05 0.94
C ARG A 524 -9.25 46.99 0.11
N HIS A 525 -9.22 46.83 -1.22
CA HIS A 525 -10.11 47.58 -2.15
C HIS A 525 -9.83 49.09 -2.09
N GLY A 526 -8.60 49.48 -1.75
CA GLY A 526 -8.24 50.91 -1.63
C GLY A 526 -8.10 51.34 -0.18
N SER A 527 -8.79 50.66 0.74
CA SER A 527 -8.66 50.96 2.20
C SER A 527 -7.21 50.69 2.64
N ASN A 528 -6.61 51.65 3.35
CA ASN A 528 -5.22 51.52 3.85
C ASN A 528 -5.05 52.48 5.04
N ILE A 529 -3.82 52.71 5.49
CA ILE A 529 -3.55 53.67 6.60
C ILE A 529 -2.75 54.86 6.05
N GLN A 530 -2.82 56.00 6.72
CA GLN A 530 -1.85 57.11 6.49
C GLN A 530 -1.17 57.42 7.83
N VAL A 531 0.18 57.45 7.84
CA VAL A 531 0.94 57.66 9.11
C VAL A 531 1.45 59.11 9.13
N ASP A 532 1.04 59.88 10.13
CA ASP A 532 1.64 61.20 10.45
C ASP A 532 2.84 60.95 11.38
N GLU A 533 4.06 60.92 10.83
CA GLU A 533 5.27 60.58 11.63
C GLU A 533 5.65 61.78 12.52
N VAL A 534 5.15 62.98 12.21
CA VAL A 534 5.42 64.20 13.03
C VAL A 534 4.55 64.16 14.29
N ARG A 535 3.22 64.17 14.13
CA ARG A 535 2.26 64.13 15.26
C ARG A 535 2.17 62.71 15.84
N ARG A 536 2.70 61.72 15.11
CA ARG A 536 2.74 60.31 15.56
C ARG A 536 1.29 59.77 15.66
N LEU A 537 0.48 60.06 14.63
CA LEU A 537 -0.90 59.53 14.50
C LEU A 537 -0.97 58.54 13.36
N VAL A 538 -2.02 57.72 13.30
CA VAL A 538 -2.30 56.85 12.12
C VAL A 538 -3.77 56.99 11.74
N TYR A 539 -4.05 57.35 10.49
CA TYR A 539 -5.44 57.43 9.97
C TYR A 539 -5.81 56.08 9.35
N PHE A 540 -7.04 55.61 9.60
CA PHE A 540 -7.48 54.27 9.10
C PHE A 540 -8.99 54.27 8.91
N GLU A 541 -9.49 53.34 8.10
CA GLU A 541 -10.95 53.11 7.93
C GLU A 541 -11.35 51.90 8.78
N GLY A 542 -12.57 51.90 9.33
CA GLY A 542 -12.99 50.82 10.25
C GLY A 542 -14.50 50.71 10.37
N THR A 543 -14.97 49.69 11.10
CA THR A 543 -16.41 49.44 11.32
C THR A 543 -16.78 49.74 12.78
N LYS A 544 -16.02 50.62 13.45
CA LYS A 544 -16.13 50.80 14.93
C LYS A 544 -17.54 51.29 15.30
N ASP A 545 -18.12 52.20 14.51
CA ASP A 545 -19.47 52.76 14.82
C ASP A 545 -20.56 51.75 14.42
N SER A 546 -20.35 51.02 13.33
CA SER A 546 -21.39 50.11 12.79
C SER A 546 -20.79 49.22 11.71
N PRO A 547 -21.21 47.94 11.60
CA PRO A 547 -20.81 47.09 10.48
C PRO A 547 -21.49 47.47 9.15
N LEU A 548 -22.45 48.40 9.20
CA LEU A 548 -23.19 48.85 7.99
C LEU A 548 -22.56 50.12 7.40
N GLU A 549 -21.59 50.74 8.10
CA GLU A 549 -20.95 52.00 7.60
C GLU A 549 -19.44 51.92 7.75
N HIS A 550 -18.69 52.32 6.72
CA HIS A 550 -17.23 52.55 6.84
C HIS A 550 -16.99 54.01 7.26
N HIS A 551 -16.10 54.24 8.22
CA HIS A 551 -15.80 55.62 8.67
C HIS A 551 -14.28 55.83 8.74
N LEU A 552 -13.84 57.08 8.58
CA LEU A 552 -12.42 57.45 8.78
C LEU A 552 -12.16 57.68 10.27
N TYR A 553 -11.07 57.10 10.80
CA TYR A 553 -10.69 57.30 12.22
C TYR A 553 -9.22 57.71 12.30
N VAL A 554 -8.83 58.33 13.42
CA VAL A 554 -7.41 58.64 13.70
C VAL A 554 -7.10 58.24 15.15
N VAL A 555 -5.86 57.82 15.40
CA VAL A 555 -5.43 57.33 16.74
C VAL A 555 -3.92 57.56 16.88
N SER A 556 -3.43 57.76 18.11
CA SER A 556 -1.97 57.81 18.36
C SER A 556 -1.40 56.38 18.34
N TYR A 557 -0.19 56.21 17.79
CA TYR A 557 0.49 54.89 17.82
C TYR A 557 1.60 54.89 18.88
N VAL A 558 1.71 55.98 19.65
CA VAL A 558 2.72 56.09 20.76
C VAL A 558 2.07 55.64 22.06
N ASN A 559 1.05 56.36 22.53
CA ASN A 559 0.23 55.94 23.69
C ASN A 559 -1.20 55.78 23.21
N PRO A 560 -1.51 54.68 22.47
CA PRO A 560 -2.83 54.49 21.90
C PRO A 560 -3.94 54.50 22.97
N GLY A 561 -5.05 55.19 22.66
CA GLY A 561 -6.21 55.27 23.57
C GLY A 561 -7.48 55.62 22.82
N GLU A 562 -7.84 56.91 22.81
CA GLU A 562 -9.14 57.35 22.22
C GLU A 562 -9.04 57.34 20.69
N VAL A 563 -10.01 56.68 20.04
CA VAL A 563 -10.13 56.66 18.56
C VAL A 563 -11.15 57.73 18.14
N THR A 564 -10.72 58.76 17.42
CA THR A 564 -11.61 59.86 16.99
C THR A 564 -12.16 59.56 15.59
N ARG A 565 -13.49 59.54 15.44
CA ARG A 565 -14.13 59.38 14.11
C ARG A 565 -14.13 60.74 13.40
N LEU A 566 -13.59 60.80 12.18
CA LEU A 566 -13.47 62.07 11.41
C LEU A 566 -14.60 62.20 10.39
N THR A 567 -15.40 61.15 10.16
CA THR A 567 -16.49 61.20 9.15
C THR A 567 -17.86 61.27 9.86
N ASP A 568 -18.87 61.80 9.16
CA ASP A 568 -20.21 62.05 9.78
C ASP A 568 -21.06 60.77 9.68
N ARG A 569 -21.75 60.41 10.78
CA ARG A 569 -22.61 59.19 10.81
C ARG A 569 -23.81 59.40 9.89
N GLY A 570 -24.48 58.31 9.51
CA GLY A 570 -25.60 58.35 8.55
C GLY A 570 -25.13 58.16 7.11
N TYR A 571 -23.82 57.98 6.92
CA TYR A 571 -23.22 57.71 5.58
C TYR A 571 -22.14 56.65 5.71
N SER A 572 -21.95 55.84 4.66
CA SER A 572 -20.75 54.97 4.54
C SER A 572 -19.68 55.71 3.71
N HIS A 573 -18.42 55.67 4.15
CA HIS A 573 -17.35 56.53 3.57
C HIS A 573 -16.24 55.66 2.96
N SER A 574 -15.65 56.14 1.86
CA SER A 574 -14.36 55.62 1.33
C SER A 574 -13.41 56.82 1.18
N CYS A 575 -12.26 56.78 1.87
CA CYS A 575 -11.50 58.02 2.14
C CYS A 575 -10.06 57.93 1.61
N CYS A 576 -9.54 59.07 1.14
CA CYS A 576 -8.10 59.25 0.81
C CYS A 576 -7.54 60.39 1.65
N ILE A 577 -6.49 60.12 2.43
CA ILE A 577 -5.84 61.18 3.26
C ILE A 577 -4.62 61.72 2.51
N SER A 578 -4.48 63.04 2.45
CA SER A 578 -3.28 63.70 1.87
C SER A 578 -2.01 63.11 2.50
N GLN A 579 -0.96 62.96 1.70
CA GLN A 579 0.38 62.55 2.22
C GLN A 579 0.82 63.53 3.32
N HIS A 580 0.39 64.79 3.23
CA HIS A 580 0.79 65.85 4.20
C HIS A 580 -0.12 65.85 5.44
N CYS A 581 -1.16 65.01 5.44
CA CYS A 581 -1.97 64.70 6.67
C CYS A 581 -2.73 65.93 7.17
N ASP A 582 -2.98 66.91 6.29
CA ASP A 582 -3.73 68.13 6.65
C ASP A 582 -5.06 68.20 5.88
N PHE A 583 -5.31 67.22 4.99
CA PHE A 583 -6.58 67.14 4.23
C PHE A 583 -7.00 65.67 4.10
N PHE A 584 -8.28 65.44 3.83
CA PHE A 584 -8.76 64.09 3.44
C PHE A 584 -9.97 64.25 2.53
N ILE A 585 -10.14 63.32 1.58
CA ILE A 585 -11.32 63.30 0.69
C ILE A 585 -12.19 62.10 1.09
N SER A 586 -13.51 62.24 0.95
CA SER A 586 -14.46 61.13 1.25
C SER A 586 -15.43 60.98 0.09
N LYS A 587 -15.49 59.78 -0.51
CA LYS A 587 -16.63 59.36 -1.34
C LYS A 587 -17.66 58.74 -0.40
N TYR A 588 -18.81 59.41 -0.21
CA TYR A 588 -19.80 58.97 0.82
C TYR A 588 -21.19 58.86 0.18
N SER A 589 -21.97 57.90 0.66
CA SER A 589 -23.38 57.71 0.20
C SER A 589 -24.18 57.08 1.33
N ASN A 590 -25.50 57.00 1.17
CA ASN A 590 -26.35 56.15 2.06
C ASN A 590 -27.53 55.62 1.24
N GLN A 591 -28.39 54.82 1.87
CA GLN A 591 -29.50 54.12 1.15
C GLN A 591 -30.31 55.13 0.32
N LYS A 592 -30.54 56.33 0.85
CA LYS A 592 -31.46 57.31 0.21
C LYS A 592 -30.69 58.23 -0.76
N ASN A 593 -29.42 58.51 -0.50
CA ASN A 593 -28.66 59.55 -1.26
C ASN A 593 -27.54 58.91 -2.08
N PRO A 594 -27.52 59.10 -3.42
CA PRO A 594 -26.37 58.66 -4.24
C PRO A 594 -25.03 59.28 -3.82
N HIS A 595 -23.95 58.75 -4.40
CA HIS A 595 -22.56 59.01 -3.92
C HIS A 595 -22.19 60.49 -4.12
N CYS A 596 -21.48 61.06 -3.14
CA CYS A 596 -20.86 62.41 -3.25
C CYS A 596 -19.35 62.29 -3.03
N VAL A 597 -18.57 63.28 -3.47
CA VAL A 597 -17.13 63.37 -3.10
C VAL A 597 -16.86 64.78 -2.58
N SER A 598 -16.38 64.89 -1.35
CA SER A 598 -16.12 66.21 -0.70
C SER A 598 -14.70 66.23 -0.14
N LEU A 599 -14.09 67.42 -0.07
CA LEU A 599 -12.76 67.61 0.54
C LEU A 599 -12.93 68.19 1.94
N TYR A 600 -12.20 67.65 2.93
CA TYR A 600 -12.27 68.14 4.32
C TYR A 600 -10.87 68.57 4.76
N LYS A 601 -10.75 69.78 5.32
CA LYS A 601 -9.46 70.25 5.90
C LYS A 601 -9.34 69.69 7.32
N LEU A 602 -8.13 69.22 7.67
CA LEU A 602 -7.85 68.73 9.05
C LEU A 602 -7.10 69.83 9.82
N SER A 603 -7.32 69.91 11.13
CA SER A 603 -6.56 70.85 12.00
C SER A 603 -6.56 70.35 13.44
N SER A 604 -5.57 70.78 14.23
CA SER A 604 -5.48 70.42 15.66
C SER A 604 -5.83 71.64 16.51
N PRO A 605 -6.51 71.46 17.67
CA PRO A 605 -6.67 72.55 18.63
C PRO A 605 -5.31 72.99 19.16
N GLU A 606 -5.17 74.28 19.49
CA GLU A 606 -3.87 74.88 19.90
C GLU A 606 -3.35 74.19 21.19
N ASP A 607 -4.25 73.63 22.01
CA ASP A 607 -3.86 73.02 23.32
C ASP A 607 -3.44 71.56 23.17
N ASP A 608 -3.68 70.93 22.01
CA ASP A 608 -3.43 69.47 21.86
C ASP A 608 -3.17 69.13 20.40
N PRO A 609 -1.90 69.02 19.95
CA PRO A 609 -1.58 68.62 18.57
C PRO A 609 -2.03 67.19 18.25
N THR A 610 -2.20 66.34 19.28
CA THR A 610 -2.69 64.94 19.12
C THR A 610 -4.14 64.93 18.66
N CYS A 611 -4.96 65.88 19.15
CA CYS A 611 -6.41 65.92 18.83
C CYS A 611 -6.60 66.43 17.39
N LYS A 612 -7.54 65.84 16.64
CA LYS A 612 -7.77 66.20 15.22
C LYS A 612 -9.24 66.60 15.01
N THR A 613 -9.46 67.73 14.32
CA THR A 613 -10.83 68.20 13.97
C THR A 613 -10.96 68.28 12.44
N LYS A 614 -12.20 68.23 11.95
CA LYS A 614 -12.50 68.24 10.49
C LYS A 614 -13.28 69.52 10.15
N GLU A 615 -13.16 70.00 8.92
CA GLU A 615 -13.98 71.13 8.43
C GLU A 615 -14.21 70.97 6.92
N PHE A 616 -15.47 70.91 6.49
CA PHE A 616 -15.80 70.89 5.04
C PHE A 616 -15.05 72.01 4.35
N TRP A 617 -14.35 71.69 3.24
CA TRP A 617 -13.56 72.69 2.49
C TRP A 617 -14.22 72.96 1.13
N ALA A 618 -14.51 71.91 0.37
CA ALA A 618 -15.08 72.08 -0.99
C ALA A 618 -15.71 70.77 -1.49
N THR A 619 -16.67 70.88 -2.41
CA THR A 619 -17.27 69.73 -3.12
C THR A 619 -16.38 69.38 -4.33
N ILE A 620 -16.15 68.09 -4.58
CA ILE A 620 -15.45 67.62 -5.81
C ILE A 620 -16.51 67.07 -6.78
N LEU A 621 -17.38 66.17 -6.30
CA LEU A 621 -18.51 65.67 -7.12
C LEU A 621 -19.82 65.85 -6.35
N ASP A 622 -20.78 66.57 -6.96
CA ASP A 622 -22.11 66.82 -6.36
C ASP A 622 -23.01 65.60 -6.60
N SER A 623 -23.77 65.17 -5.59
CA SER A 623 -24.77 64.10 -5.79
C SER A 623 -25.84 64.57 -6.79
N ALA A 624 -26.31 63.65 -7.64
CA ALA A 624 -27.46 63.95 -8.54
C ALA A 624 -28.72 64.20 -7.70
N GLY A 625 -28.75 63.70 -6.46
CA GLY A 625 -29.94 63.73 -5.61
C GLY A 625 -30.73 62.43 -5.73
N PRO A 626 -31.66 62.12 -4.81
CA PRO A 626 -32.48 60.91 -4.90
C PRO A 626 -33.06 60.75 -6.31
N LEU A 627 -32.88 59.57 -6.93
CA LEU A 627 -33.41 59.32 -8.31
C LEU A 627 -34.93 59.48 -8.28
N PRO A 628 -35.54 60.00 -9.36
CA PRO A 628 -36.99 60.25 -9.40
C PRO A 628 -37.82 58.95 -9.38
N ASP A 629 -37.23 57.84 -9.84
CA ASP A 629 -37.96 56.56 -10.04
C ASP A 629 -37.28 55.44 -9.23
N TYR A 630 -36.92 55.70 -7.98
CA TYR A 630 -36.22 54.70 -7.13
C TYR A 630 -36.69 54.81 -5.67
N THR A 631 -37.23 53.71 -5.13
CA THR A 631 -37.56 53.61 -3.69
C THR A 631 -36.49 52.76 -3.00
N PRO A 632 -35.62 53.35 -2.15
CA PRO A 632 -34.60 52.57 -1.45
C PRO A 632 -35.20 51.45 -0.60
N PRO A 633 -34.45 50.36 -0.34
CA PRO A 633 -34.90 49.32 0.60
C PRO A 633 -34.74 49.77 2.06
N GLU A 634 -35.36 49.03 2.99
CA GLU A 634 -35.17 49.25 4.44
C GLU A 634 -34.15 48.23 4.97
N ILE A 635 -33.10 48.70 5.65
CA ILE A 635 -32.19 47.77 6.39
C ILE A 635 -32.96 47.22 7.60
N PHE A 636 -33.04 45.89 7.72
CA PHE A 636 -33.61 45.25 8.92
C PHE A 636 -32.53 44.35 9.56
N SER A 637 -32.84 43.81 10.75
CA SER A 637 -31.94 42.83 11.40
C SER A 637 -32.75 41.89 12.30
N PHE A 638 -32.19 40.74 12.64
CA PHE A 638 -32.87 39.76 13.52
C PHE A 638 -31.81 39.00 14.34
N GLU A 639 -32.15 38.68 15.60
CA GLU A 639 -31.25 37.87 16.46
C GLU A 639 -31.35 36.41 16.02
N SER A 640 -30.30 35.89 15.37
CA SER A 640 -30.31 34.52 14.79
C SER A 640 -30.15 33.49 15.90
N THR A 641 -30.72 32.30 15.71
CA THR A 641 -30.51 31.14 16.62
C THR A 641 -29.02 30.75 16.63
N THR A 642 -28.25 31.21 15.64
CA THR A 642 -26.79 30.94 15.54
C THR A 642 -26.01 31.78 16.56
N GLY A 643 -26.64 32.81 17.13
CA GLY A 643 -26.00 33.65 18.18
C GLY A 643 -25.41 34.94 17.61
N PHE A 644 -25.71 35.25 16.35
CA PHE A 644 -25.23 36.51 15.71
C PHE A 644 -26.44 37.37 15.31
N THR A 645 -26.28 38.70 15.34
CA THR A 645 -27.21 39.60 14.62
C THR A 645 -26.94 39.46 13.12
N LEU A 646 -27.97 39.12 12.34
CA LEU A 646 -27.85 39.08 10.86
C LEU A 646 -28.64 40.25 10.26
N TYR A 647 -28.01 40.99 9.36
CA TYR A 647 -28.65 42.19 8.75
C TYR A 647 -29.23 41.80 7.39
N GLY A 648 -30.27 42.53 6.96
CA GLY A 648 -30.94 42.26 5.68
C GLY A 648 -31.41 43.55 5.03
N MET A 649 -31.85 43.45 3.77
CA MET A 649 -32.49 44.59 3.06
C MET A 649 -33.85 44.14 2.56
N LEU A 650 -34.89 44.94 2.79
CA LEU A 650 -36.27 44.59 2.36
C LEU A 650 -36.76 45.63 1.35
N TYR A 651 -37.07 45.19 0.14
CA TYR A 651 -37.79 46.03 -0.86
C TYR A 651 -39.28 45.68 -0.78
N LYS A 652 -40.09 46.52 -0.13
CA LYS A 652 -41.56 46.32 -0.10
C LYS A 652 -42.11 46.53 -1.51
N PRO A 653 -43.14 45.75 -1.93
CA PRO A 653 -43.78 46.00 -3.22
C PRO A 653 -44.34 47.43 -3.29
N HIS A 654 -44.15 48.10 -4.42
CA HIS A 654 -44.63 49.50 -4.59
C HIS A 654 -46.16 49.52 -4.59
N ASP A 655 -46.75 50.56 -4.00
CA ASP A 655 -48.24 50.70 -3.95
C ASP A 655 -48.83 49.44 -3.29
N LEU A 656 -48.41 49.16 -2.05
CA LEU A 656 -48.93 48.01 -1.27
C LEU A 656 -50.46 48.08 -1.19
N GLN A 657 -51.16 47.02 -1.63
CA GLN A 657 -52.61 46.86 -1.36
C GLN A 657 -52.78 46.01 -0.10
N PRO A 658 -53.76 46.32 0.78
CA PRO A 658 -53.94 45.56 2.02
C PRO A 658 -54.74 44.27 1.78
N GLY A 659 -54.51 43.25 2.60
CA GLY A 659 -55.18 41.94 2.47
C GLY A 659 -54.70 41.16 1.25
N LYS A 660 -53.45 41.39 0.82
CA LYS A 660 -52.88 40.70 -0.37
C LYS A 660 -51.44 40.28 -0.08
N LYS A 661 -51.08 39.04 -0.46
CA LYS A 661 -49.71 38.51 -0.28
C LYS A 661 -49.02 38.44 -1.65
N TYR A 662 -47.74 38.83 -1.71
CA TYR A 662 -47.02 39.09 -2.98
C TYR A 662 -45.94 38.03 -3.20
N PRO A 663 -45.55 37.74 -4.46
CA PRO A 663 -44.43 36.84 -4.74
C PRO A 663 -43.13 37.47 -4.23
N THR A 664 -42.22 36.64 -3.72
CA THR A 664 -40.98 37.12 -3.07
C THR A 664 -39.76 36.63 -3.87
N VAL A 665 -38.81 37.53 -4.13
CA VAL A 665 -37.52 37.16 -4.78
C VAL A 665 -36.38 37.42 -3.79
N LEU A 666 -35.62 36.37 -3.45
CA LEU A 666 -34.42 36.52 -2.58
C LEU A 666 -33.19 36.65 -3.49
N PHE A 667 -32.57 37.83 -3.54
CA PHE A 667 -31.27 38.01 -4.23
C PHE A 667 -30.15 37.68 -3.23
N ILE A 668 -29.14 36.91 -3.66
CA ILE A 668 -28.13 36.32 -2.73
C ILE A 668 -26.74 36.37 -3.36
N TYR A 669 -25.72 36.66 -2.55
CA TYR A 669 -24.32 36.26 -2.88
C TYR A 669 -23.88 35.22 -1.83
N GLY A 670 -23.70 35.66 -0.58
CA GLY A 670 -23.60 34.74 0.57
C GLY A 670 -22.22 34.09 0.71
N GLY A 671 -21.27 34.45 -0.14
CA GLY A 671 -19.90 33.91 -0.08
C GLY A 671 -18.96 34.83 0.69
N PRO A 672 -17.69 34.43 0.89
CA PRO A 672 -16.72 35.29 1.58
C PRO A 672 -16.29 36.49 0.74
N GLN A 673 -15.76 37.53 1.42
CA GLN A 673 -15.15 38.72 0.79
C GLN A 673 -16.21 39.72 0.31
N VAL A 674 -17.50 39.49 0.61
CA VAL A 674 -18.59 40.39 0.14
C VAL A 674 -19.55 40.69 1.30
N GLN A 675 -20.04 41.93 1.35
CA GLN A 675 -21.18 42.34 2.20
C GLN A 675 -22.20 43.07 1.31
N LEU A 676 -23.39 42.51 1.11
CA LEU A 676 -24.43 43.16 0.29
C LEU A 676 -25.22 44.19 1.12
N VAL A 677 -25.41 43.91 2.42
CA VAL A 677 -26.29 44.75 3.28
C VAL A 677 -25.43 45.78 4.02
N ASN A 678 -25.64 47.06 3.73
CA ASN A 678 -24.90 48.17 4.41
C ASN A 678 -25.57 49.49 4.03
N ASN A 679 -25.15 50.59 4.67
CA ASN A 679 -25.79 51.91 4.44
C ASN A 679 -25.09 52.61 3.28
N ARG A 680 -25.29 52.09 2.06
CA ARG A 680 -24.76 52.70 0.81
C ARG A 680 -25.90 52.82 -0.19
N PHE A 681 -25.73 53.66 -1.22
CA PHE A 681 -26.77 53.81 -2.26
C PHE A 681 -26.77 52.55 -3.16
N LYS A 682 -27.94 51.93 -3.32
CA LYS A 682 -28.07 50.70 -4.15
C LYS A 682 -28.83 51.00 -5.44
N GLY A 683 -29.03 52.28 -5.76
CA GLY A 683 -29.86 52.68 -6.92
C GLY A 683 -29.11 52.63 -8.25
N VAL A 684 -27.81 52.33 -8.22
CA VAL A 684 -27.04 52.08 -9.48
C VAL A 684 -26.95 50.58 -9.71
N LYS A 685 -26.06 49.90 -8.96
CA LYS A 685 -25.69 48.49 -9.25
C LYS A 685 -26.88 47.56 -9.04
N TYR A 686 -27.77 47.87 -8.08
CA TYR A 686 -28.94 47.03 -7.77
C TYR A 686 -30.23 47.81 -8.06
N PHE A 687 -30.24 48.56 -9.17
CA PHE A 687 -31.42 49.34 -9.59
C PHE A 687 -32.60 48.41 -9.90
N ARG A 688 -32.31 47.22 -10.45
CA ARG A 688 -33.37 46.31 -10.96
C ARG A 688 -34.07 45.58 -9.81
N LEU A 689 -33.53 45.63 -8.58
CA LEU A 689 -34.29 45.14 -7.40
C LEU A 689 -35.47 46.08 -7.14
N ASN A 690 -35.25 47.38 -7.35
CA ASN A 690 -36.34 48.40 -7.27
C ASN A 690 -37.34 48.14 -8.40
N THR A 691 -36.86 47.75 -9.59
CA THR A 691 -37.76 47.43 -10.74
C THR A 691 -38.66 46.23 -10.40
N LEU A 692 -38.09 45.20 -9.76
CA LEU A 692 -38.89 44.02 -9.34
C LEU A 692 -39.96 44.46 -8.34
N ALA A 693 -39.58 45.30 -7.36
CA ALA A 693 -40.54 45.83 -6.35
C ALA A 693 -41.64 46.66 -7.04
N SER A 694 -41.30 47.37 -8.12
CA SER A 694 -42.27 48.23 -8.84
C SER A 694 -43.33 47.39 -9.56
N LEU A 695 -43.08 46.09 -9.77
CA LEU A 695 -44.04 45.21 -10.49
C LEU A 695 -44.81 44.31 -9.51
N GLY A 696 -44.48 44.38 -8.21
CA GLY A 696 -45.22 43.63 -7.18
C GLY A 696 -44.45 42.44 -6.63
N TYR A 697 -43.12 42.41 -6.79
CA TYR A 697 -42.28 41.39 -6.12
C TYR A 697 -41.76 41.96 -4.80
N VAL A 698 -41.91 41.21 -3.71
CA VAL A 698 -41.10 41.46 -2.49
C VAL A 698 -39.66 41.08 -2.84
N VAL A 699 -38.69 41.96 -2.58
CA VAL A 699 -37.26 41.59 -2.80
C VAL A 699 -36.55 41.61 -1.44
N VAL A 700 -35.75 40.56 -1.18
CA VAL A 700 -35.03 40.42 0.12
C VAL A 700 -33.55 40.16 -0.19
N VAL A 701 -32.65 40.75 0.61
CA VAL A 701 -31.19 40.41 0.58
C VAL A 701 -30.75 40.19 2.02
N ILE A 702 -29.98 39.11 2.26
CA ILE A 702 -29.52 38.76 3.64
C ILE A 702 -28.03 38.41 3.58
N ASP A 703 -27.24 39.01 4.48
CA ASP A 703 -25.81 38.63 4.65
C ASP A 703 -25.74 37.48 5.66
N ASN A 704 -25.57 36.25 5.16
CA ASN A 704 -25.43 35.05 6.03
C ASN A 704 -24.02 35.02 6.63
N ARG A 705 -23.80 34.12 7.60
CA ARG A 705 -22.44 33.88 8.17
C ARG A 705 -21.48 33.53 7.02
N GLY A 706 -20.22 33.98 7.11
CA GLY A 706 -19.26 33.83 6.01
C GLY A 706 -19.01 35.14 5.28
N SER A 707 -20.01 36.04 5.29
CA SER A 707 -19.85 37.40 4.70
C SER A 707 -18.87 38.23 5.55
N CYS A 708 -18.41 39.36 5.03
CA CYS A 708 -17.27 40.10 5.64
C CYS A 708 -17.76 41.28 6.50
N HIS A 709 -16.81 41.98 7.14
CA HIS A 709 -17.07 43.18 7.98
C HIS A 709 -17.72 42.78 9.32
N ARG A 710 -17.58 41.52 9.73
CA ARG A 710 -18.14 41.05 11.03
C ARG A 710 -17.10 40.23 11.81
N GLY A 711 -15.84 40.19 11.36
CA GLY A 711 -14.76 39.52 12.10
C GLY A 711 -14.55 38.09 11.66
N LEU A 712 -13.44 37.48 12.12
CA LEU A 712 -12.96 36.19 11.57
C LEU A 712 -13.84 35.03 12.04
N LYS A 713 -14.39 35.10 13.27
CA LYS A 713 -15.27 34.01 13.80
C LYS A 713 -16.49 33.90 12.88
N PHE A 714 -17.18 35.03 12.66
CA PHE A 714 -18.38 35.10 11.79
C PHE A 714 -18.03 34.66 10.37
N GLU A 715 -16.85 35.07 9.88
CA GLU A 715 -16.38 34.68 8.52
C GLU A 715 -16.05 33.18 8.49
N GLY A 716 -15.46 32.66 9.56
CA GLY A 716 -14.97 31.26 9.61
C GLY A 716 -16.08 30.25 9.90
N ALA A 717 -17.35 30.67 9.90
CA ALA A 717 -18.48 29.77 10.23
C ALA A 717 -18.56 28.62 9.23
N PHE A 718 -18.31 28.87 7.93
CA PHE A 718 -18.45 27.81 6.89
C PHE A 718 -17.09 27.24 6.49
N LYS A 719 -16.06 27.38 7.32
CA LYS A 719 -14.76 26.71 7.02
C LYS A 719 -15.02 25.20 6.88
N TYR A 720 -14.54 24.59 5.80
CA TYR A 720 -14.66 23.14 5.52
C TYR A 720 -16.09 22.73 5.15
N LYS A 721 -17.08 23.62 5.25
CA LYS A 721 -18.49 23.23 4.99
C LYS A 721 -19.22 24.34 4.23
N MET A 722 -18.58 24.87 3.18
CA MET A 722 -19.26 25.82 2.25
C MET A 722 -20.49 25.15 1.64
N GLY A 723 -21.61 25.88 1.58
CA GLY A 723 -22.87 25.36 1.00
C GLY A 723 -23.79 24.73 2.04
N GLN A 724 -23.31 24.53 3.28
CA GLN A 724 -24.06 23.73 4.28
C GLN A 724 -24.81 24.64 5.27
N ILE A 725 -24.43 25.91 5.42
CA ILE A 725 -24.98 26.77 6.51
C ILE A 725 -25.68 28.01 5.95
N GLU A 726 -25.37 28.42 4.71
CA GLU A 726 -25.78 29.76 4.22
C GLU A 726 -27.31 29.83 4.10
N ILE A 727 -27.92 28.79 3.52
CA ILE A 727 -29.39 28.82 3.24
C ILE A 727 -30.18 28.75 4.55
N ASP A 728 -29.62 28.16 5.62
CA ASP A 728 -30.28 28.18 6.95
C ASP A 728 -30.52 29.63 7.38
N ASP A 729 -29.49 30.48 7.25
CA ASP A 729 -29.59 31.92 7.63
C ASP A 729 -30.59 32.62 6.70
N GLN A 730 -30.51 32.33 5.39
CA GLN A 730 -31.39 32.99 4.38
C GLN A 730 -32.85 32.64 4.69
N VAL A 731 -33.12 31.37 4.99
CA VAL A 731 -34.50 30.90 5.35
C VAL A 731 -34.91 31.51 6.70
N GLU A 732 -33.99 31.55 7.66
CA GLU A 732 -34.28 32.15 9.00
C GLU A 732 -34.71 33.61 8.82
N GLY A 733 -33.97 34.37 7.99
CA GLY A 733 -34.32 35.77 7.70
C GLY A 733 -35.65 35.89 6.98
N LEU A 734 -35.93 34.99 6.02
CA LEU A 734 -37.23 34.98 5.32
C LEU A 734 -38.37 34.71 6.31
N GLN A 735 -38.19 33.74 7.21
CA GLN A 735 -39.25 33.35 8.18
C GLN A 735 -39.45 34.46 9.23
N TYR A 736 -38.37 35.16 9.61
CA TYR A 736 -38.48 36.35 10.49
C TYR A 736 -39.34 37.41 9.79
N LEU A 737 -39.05 37.72 8.52
CA LEU A 737 -39.77 38.77 7.76
C LEU A 737 -41.25 38.40 7.64
N ALA A 738 -41.56 37.15 7.28
CA ALA A 738 -42.95 36.72 7.02
C ALA A 738 -43.79 36.74 8.32
N SER A 739 -43.14 36.53 9.47
CA SER A 739 -43.83 36.61 10.79
C SER A 739 -44.20 38.06 11.11
N ARG A 740 -43.35 39.02 10.71
CA ARG A 740 -43.58 40.47 10.97
C ARG A 740 -44.41 41.09 9.84
N TYR A 741 -44.38 40.50 8.64
CA TYR A 741 -45.07 41.09 7.45
C TYR A 741 -45.93 40.01 6.77
N ASP A 742 -47.24 40.25 6.71
CA ASP A 742 -48.21 39.25 6.18
C ASP A 742 -48.35 39.37 4.67
N PHE A 743 -47.72 40.38 4.04
CA PHE A 743 -47.80 40.56 2.58
C PHE A 743 -46.77 39.67 1.86
N ILE A 744 -45.91 38.96 2.62
CA ILE A 744 -44.94 38.00 2.02
C ILE A 744 -45.63 36.65 1.81
N ASP A 745 -45.85 36.26 0.55
CA ASP A 745 -46.38 34.92 0.20
C ASP A 745 -45.21 33.92 0.20
N LEU A 746 -45.12 33.07 1.23
CA LEU A 746 -44.00 32.09 1.35
C LEU A 746 -44.21 30.90 0.40
N ASP A 747 -45.37 30.82 -0.26
CA ASP A 747 -45.65 29.73 -1.25
C ASP A 747 -45.18 30.16 -2.65
N ARG A 748 -44.64 31.37 -2.78
CA ARG A 748 -44.07 31.85 -4.08
C ARG A 748 -42.77 32.61 -3.80
N VAL A 749 -41.72 31.88 -3.42
CA VAL A 749 -40.37 32.48 -3.18
C VAL A 749 -39.42 32.03 -4.29
N GLY A 750 -38.81 32.99 -4.99
CA GLY A 750 -37.71 32.70 -5.93
C GLY A 750 -36.37 33.08 -5.33
N ILE A 751 -35.28 32.49 -5.84
CA ILE A 751 -33.91 32.89 -5.41
C ILE A 751 -33.05 33.10 -6.66
N HIS A 752 -32.16 34.10 -6.62
CA HIS A 752 -31.28 34.41 -7.77
C HIS A 752 -29.94 34.97 -7.28
N GLY A 753 -28.83 34.50 -7.86
CA GLY A 753 -27.49 35.01 -7.53
C GLY A 753 -26.51 34.72 -8.66
N TRP A 754 -25.31 35.31 -8.58
CA TRP A 754 -24.23 35.09 -9.58
C TRP A 754 -22.97 34.60 -8.87
N SER A 755 -22.23 33.68 -9.51
CA SER A 755 -20.99 33.11 -8.92
C SER A 755 -21.36 32.33 -7.66
N TYR A 756 -20.81 32.69 -6.49
CA TYR A 756 -21.21 32.05 -5.21
C TYR A 756 -22.73 32.17 -5.01
N GLY A 757 -23.32 33.30 -5.45
CA GLY A 757 -24.78 33.51 -5.40
C GLY A 757 -25.54 32.48 -6.22
N GLY A 758 -25.06 32.18 -7.44
CA GLY A 758 -25.66 31.12 -8.27
C GLY A 758 -25.44 29.75 -7.65
N TYR A 759 -24.26 29.54 -7.06
CA TYR A 759 -23.95 28.31 -6.27
C TYR A 759 -25.00 28.12 -5.18
N LEU A 760 -25.22 29.15 -4.35
CA LEU A 760 -26.19 29.03 -3.22
C LEU A 760 -27.63 28.96 -3.75
N SER A 761 -27.92 29.61 -4.88
CA SER A 761 -29.25 29.47 -5.52
C SER A 761 -29.53 27.99 -5.83
N LEU A 762 -28.52 27.27 -6.31
CA LEU A 762 -28.66 25.81 -6.57
C LEU A 762 -28.79 25.06 -5.24
N MET A 763 -27.95 25.37 -4.25
CA MET A 763 -28.04 24.73 -2.92
C MET A 763 -29.43 24.97 -2.31
N ALA A 764 -30.00 26.17 -2.52
CA ALA A 764 -31.33 26.50 -1.98
C ALA A 764 -32.39 25.54 -2.55
N LEU A 765 -32.46 25.41 -3.88
CA LEU A 765 -33.45 24.51 -4.54
C LEU A 765 -33.16 23.05 -4.15
N MET A 766 -31.89 22.70 -4.00
CA MET A 766 -31.47 21.31 -3.68
C MET A 766 -31.86 20.97 -2.23
N GLN A 767 -31.49 21.84 -1.28
CA GLN A 767 -31.69 21.56 0.16
C GLN A 767 -33.13 21.88 0.58
N ARG A 768 -33.72 22.95 0.03
CA ARG A 768 -35.00 23.50 0.56
C ARG A 768 -35.98 23.77 -0.61
N SER A 769 -36.43 22.73 -1.29
CA SER A 769 -37.51 22.86 -2.31
C SER A 769 -38.85 23.16 -1.62
N ASP A 770 -38.95 22.89 -0.31
CA ASP A 770 -40.15 23.26 0.50
C ASP A 770 -40.29 24.79 0.58
N ILE A 771 -39.17 25.52 0.50
CA ILE A 771 -39.16 27.01 0.65
C ILE A 771 -39.14 27.67 -0.73
N PHE A 772 -38.24 27.23 -1.63
CA PHE A 772 -37.93 27.98 -2.87
C PHE A 772 -38.64 27.34 -4.07
N ARG A 773 -39.52 28.10 -4.72
CA ARG A 773 -40.24 27.64 -5.93
C ARG A 773 -39.27 27.59 -7.11
N VAL A 774 -38.56 28.69 -7.37
CA VAL A 774 -37.67 28.81 -8.56
C VAL A 774 -36.27 29.23 -8.09
N ALA A 775 -35.24 28.70 -8.76
CA ALA A 775 -33.85 29.13 -8.54
C ALA A 775 -33.23 29.51 -9.88
N ILE A 776 -32.70 30.73 -9.99
CA ILE A 776 -31.95 31.16 -11.20
C ILE A 776 -30.49 31.33 -10.80
N ALA A 777 -29.62 30.44 -11.29
CA ALA A 777 -28.20 30.39 -10.88
C ALA A 777 -27.30 30.87 -12.03
N GLY A 778 -26.61 32.00 -11.82
CA GLY A 778 -25.65 32.52 -12.82
C GLY A 778 -24.23 32.05 -12.53
N ALA A 779 -23.53 31.57 -13.56
CA ALA A 779 -22.10 31.17 -13.47
C ALA A 779 -21.80 30.52 -12.12
N PRO A 780 -22.50 29.42 -11.75
CA PRO A 780 -22.37 28.85 -10.41
C PRO A 780 -21.19 27.88 -10.29
N VAL A 781 -20.57 27.83 -9.11
CA VAL A 781 -19.64 26.71 -8.77
C VAL A 781 -20.49 25.47 -8.48
N THR A 782 -20.23 24.37 -9.22
CA THR A 782 -20.97 23.08 -9.05
C THR A 782 -20.01 21.96 -8.57
N LEU A 783 -18.71 22.08 -8.87
CA LEU A 783 -17.67 21.17 -8.30
C LEU A 783 -16.52 22.02 -7.78
N TRP A 784 -16.20 21.91 -6.48
CA TRP A 784 -15.12 22.71 -5.87
C TRP A 784 -13.74 22.21 -6.35
N ILE A 785 -13.64 20.95 -6.81
CA ILE A 785 -12.36 20.43 -7.39
C ILE A 785 -12.03 21.22 -8.66
N PHE A 786 -13.03 21.79 -9.35
CA PHE A 786 -12.80 22.57 -10.59
C PHE A 786 -12.30 23.99 -10.28
N TYR A 787 -12.47 24.48 -9.06
CA TYR A 787 -12.03 25.86 -8.73
C TYR A 787 -10.56 25.82 -8.30
N ASP A 788 -9.96 26.99 -8.00
CA ASP A 788 -8.49 27.13 -7.96
C ASP A 788 -7.95 26.96 -6.54
N THR A 789 -6.62 26.84 -6.43
CA THR A 789 -5.91 26.57 -5.16
C THR A 789 -6.13 27.71 -4.15
N GLY A 790 -5.77 28.93 -4.55
CA GLY A 790 -5.77 30.10 -3.65
C GLY A 790 -7.08 30.25 -2.90
N TYR A 791 -8.20 30.22 -3.61
CA TYR A 791 -9.54 30.43 -2.99
C TYR A 791 -9.98 29.15 -2.25
N THR A 792 -10.03 28.02 -2.96
CA THR A 792 -10.75 26.82 -2.45
C THR A 792 -10.06 26.27 -1.20
N GLU A 793 -8.72 26.14 -1.22
CA GLU A 793 -7.98 25.53 -0.08
C GLU A 793 -8.00 26.47 1.13
N ARG A 794 -8.14 27.79 0.91
CA ARG A 794 -8.25 28.77 2.02
C ARG A 794 -9.46 28.43 2.89
N TYR A 795 -10.61 28.22 2.25
CA TYR A 795 -11.92 28.09 2.96
C TYR A 795 -12.25 26.62 3.18
N MET A 796 -11.76 25.70 2.33
CA MET A 796 -12.19 24.28 2.36
C MET A 796 -11.02 23.34 2.65
N GLY A 797 -9.77 23.84 2.67
CA GLY A 797 -8.59 22.98 2.87
C GLY A 797 -8.32 22.09 1.66
N HIS A 798 -7.34 21.19 1.79
CA HIS A 798 -6.97 20.25 0.70
C HIS A 798 -8.06 19.19 0.55
N PRO A 799 -8.46 18.82 -0.69
CA PRO A 799 -9.50 17.79 -0.90
C PRO A 799 -9.31 16.49 -0.12
N ASP A 800 -8.07 16.06 0.10
CA ASP A 800 -7.78 14.79 0.83
C ASP A 800 -8.19 14.94 2.31
N GLN A 801 -8.09 16.16 2.85
CA GLN A 801 -8.38 16.44 4.28
C GLN A 801 -9.84 16.87 4.47
N ASN A 802 -10.68 16.80 3.43
CA ASN A 802 -12.09 17.26 3.54
C ASN A 802 -12.96 16.57 2.47
N GLU A 803 -12.95 15.24 2.45
CA GLU A 803 -13.69 14.46 1.42
C GLU A 803 -15.20 14.75 1.51
N GLN A 804 -15.73 14.88 2.73
CA GLN A 804 -17.20 15.06 2.92
C GLN A 804 -17.60 16.51 2.61
N GLY A 805 -16.79 17.49 3.06
CA GLY A 805 -17.05 18.91 2.77
C GLY A 805 -17.06 19.19 1.27
N TYR A 806 -16.05 18.70 0.55
CA TYR A 806 -15.98 18.87 -0.92
C TYR A 806 -17.20 18.18 -1.57
N TYR A 807 -17.56 16.99 -1.08
CA TYR A 807 -18.73 16.25 -1.64
C TYR A 807 -20.01 17.04 -1.40
N LEU A 808 -20.31 17.36 -0.13
CA LEU A 808 -21.57 18.05 0.25
C LEU A 808 -21.59 19.48 -0.32
N GLY A 809 -20.43 20.11 -0.42
CA GLY A 809 -20.32 21.49 -0.94
C GLY A 809 -20.47 21.58 -2.44
N SER A 810 -20.43 20.45 -3.15
CA SER A 810 -20.49 20.41 -4.64
C SER A 810 -21.90 20.02 -5.11
N VAL A 811 -22.62 20.93 -5.77
CA VAL A 811 -24.05 20.66 -6.12
C VAL A 811 -24.09 19.55 -7.20
N ALA A 812 -23.09 19.49 -8.07
CA ALA A 812 -23.08 18.54 -9.21
C ALA A 812 -22.99 17.09 -8.70
N MET A 813 -22.40 16.88 -7.52
CA MET A 813 -22.30 15.51 -6.93
C MET A 813 -23.65 15.07 -6.36
N GLN A 814 -24.65 15.96 -6.34
CA GLN A 814 -25.98 15.65 -5.73
C GLN A 814 -27.09 16.08 -6.69
N ALA A 815 -26.99 15.68 -7.97
CA ALA A 815 -27.96 16.08 -9.02
C ALA A 815 -29.32 15.41 -8.76
N GLU A 816 -29.33 14.25 -8.11
CA GLU A 816 -30.58 13.47 -7.90
C GLU A 816 -31.45 14.15 -6.82
N LYS A 817 -30.92 15.15 -6.10
CA LYS A 817 -31.69 15.86 -5.05
C LYS A 817 -32.44 17.06 -5.64
N PHE A 818 -32.23 17.38 -6.93
CA PHE A 818 -33.01 18.45 -7.60
C PHE A 818 -34.44 17.96 -7.84
N PRO A 819 -35.43 18.87 -8.00
CA PRO A 819 -36.81 18.46 -8.23
C PRO A 819 -37.01 17.73 -9.57
N SER A 820 -37.92 16.75 -9.59
CA SER A 820 -38.40 16.13 -10.85
C SER A 820 -39.59 16.93 -11.38
N GLU A 821 -39.44 18.26 -11.41
CA GLU A 821 -40.56 19.20 -11.68
C GLU A 821 -40.00 20.41 -12.41
N PRO A 822 -40.41 20.67 -13.68
CA PRO A 822 -39.81 21.74 -14.49
C PRO A 822 -40.15 23.16 -14.02
N ASN A 823 -39.53 24.16 -14.66
CA ASN A 823 -39.85 25.59 -14.43
C ASN A 823 -39.43 25.99 -13.00
N ARG A 824 -38.43 25.31 -12.44
CA ARG A 824 -37.91 25.63 -11.08
C ARG A 824 -36.42 25.93 -11.13
N LEU A 825 -35.70 25.46 -12.15
CA LEU A 825 -34.23 25.60 -12.22
C LEU A 825 -33.84 26.27 -13.53
N LEU A 826 -33.24 27.46 -13.46
CA LEU A 826 -32.67 28.15 -14.64
C LEU A 826 -31.17 28.33 -14.42
N LEU A 827 -30.36 27.85 -15.36
CA LEU A 827 -28.88 28.03 -15.31
C LEU A 827 -28.48 29.11 -16.32
N LEU A 828 -27.69 30.08 -15.89
CA LEU A 828 -27.13 31.13 -16.77
C LEU A 828 -25.60 31.03 -16.71
N HIS A 829 -24.91 31.21 -17.84
CA HIS A 829 -23.42 31.16 -17.80
C HIS A 829 -22.83 31.90 -19.01
N GLY A 830 -21.82 32.74 -18.76
CA GLY A 830 -20.95 33.25 -19.84
C GLY A 830 -20.14 32.11 -20.43
N PHE A 831 -20.16 31.96 -21.75
CA PHE A 831 -19.57 30.76 -22.41
C PHE A 831 -18.03 30.81 -22.32
N LEU A 832 -17.47 32.03 -22.19
CA LEU A 832 -16.00 32.24 -22.27
C LEU A 832 -15.41 32.40 -20.86
N ASP A 833 -16.16 31.98 -19.83
CA ASP A 833 -15.77 32.22 -18.41
C ASP A 833 -14.48 31.43 -18.11
N GLU A 834 -13.40 32.15 -17.81
CA GLU A 834 -12.10 31.53 -17.43
C GLU A 834 -11.96 31.48 -15.90
N ASN A 835 -12.91 32.09 -15.16
CA ASN A 835 -12.89 32.10 -13.68
C ASN A 835 -13.68 30.88 -13.18
N VAL A 836 -15.02 30.92 -13.28
CA VAL A 836 -15.86 29.72 -13.07
C VAL A 836 -16.09 29.08 -14.44
N HIS A 837 -15.28 28.07 -14.77
CA HIS A 837 -15.29 27.46 -16.13
C HIS A 837 -16.73 27.04 -16.50
N PHE A 838 -17.06 27.04 -17.78
CA PHE A 838 -18.41 26.61 -18.23
C PHE A 838 -18.64 25.14 -17.87
N ALA A 839 -17.54 24.40 -17.64
CA ALA A 839 -17.60 22.95 -17.31
C ALA A 839 -18.41 22.73 -16.03
N HIS A 840 -18.39 23.69 -15.10
CA HIS A 840 -19.29 23.65 -13.91
C HIS A 840 -20.74 23.40 -14.36
N THR A 841 -21.23 24.16 -15.34
CA THR A 841 -22.62 24.00 -15.83
C THR A 841 -22.72 22.71 -16.65
N SER A 842 -21.81 22.50 -17.60
CA SER A 842 -21.92 21.34 -18.54
C SER A 842 -21.92 20.01 -17.75
N ILE A 843 -21.08 19.90 -16.71
CA ILE A 843 -21.01 18.64 -15.92
C ILE A 843 -22.26 18.52 -15.03
N LEU A 844 -22.77 19.64 -14.49
CA LEU A 844 -24.06 19.61 -13.74
C LEU A 844 -25.17 19.13 -14.67
N LEU A 845 -25.23 19.68 -15.88
CA LEU A 845 -26.24 19.24 -16.89
C LEU A 845 -26.06 17.74 -17.17
N SER A 846 -24.81 17.29 -17.28
CA SER A 846 -24.51 15.85 -17.55
C SER A 846 -25.17 14.97 -16.48
N PHE A 847 -25.05 15.34 -15.20
CA PHE A 847 -25.62 14.53 -14.09
C PHE A 847 -27.14 14.75 -13.99
N LEU A 848 -27.61 15.97 -14.29
CA LEU A 848 -29.08 16.23 -14.31
C LEU A 848 -29.73 15.38 -15.40
N VAL A 849 -29.12 15.34 -16.59
CA VAL A 849 -29.64 14.50 -17.72
C VAL A 849 -29.62 13.03 -17.30
N ARG A 850 -28.53 12.60 -16.65
CA ARG A 850 -28.36 11.19 -16.19
C ARG A 850 -29.36 10.85 -15.08
N ALA A 851 -29.75 11.84 -14.26
CA ALA A 851 -30.71 11.62 -13.14
C ALA A 851 -32.16 11.91 -13.60
N GLY A 852 -32.37 12.19 -14.89
CA GLY A 852 -33.72 12.43 -15.43
C GLY A 852 -34.36 13.68 -14.85
N LYS A 853 -33.56 14.74 -14.64
CA LYS A 853 -34.06 16.00 -14.01
C LYS A 853 -34.20 17.07 -15.08
N PRO A 854 -35.26 17.90 -15.03
CA PRO A 854 -35.44 18.97 -16.01
C PRO A 854 -34.62 20.22 -15.63
N TYR A 855 -34.30 21.04 -16.63
CA TYR A 855 -33.57 22.32 -16.39
C TYR A 855 -33.90 23.29 -17.52
N ASP A 856 -33.78 24.60 -17.24
CA ASP A 856 -33.74 25.64 -18.31
C ASP A 856 -32.31 26.17 -18.37
N LEU A 857 -31.86 26.59 -19.55
CA LEU A 857 -30.46 27.05 -19.75
C LEU A 857 -30.43 28.29 -20.64
N GLN A 858 -29.65 29.30 -20.24
CA GLN A 858 -29.29 30.43 -21.13
C GLN A 858 -27.77 30.55 -21.14
N ILE A 859 -27.18 30.66 -22.33
CA ILE A 859 -25.72 30.90 -22.50
C ILE A 859 -25.53 32.34 -22.97
N TYR A 860 -24.45 32.99 -22.53
CA TYR A 860 -24.03 34.31 -23.07
C TYR A 860 -22.71 34.10 -23.81
N PRO A 861 -22.76 33.75 -25.12
CA PRO A 861 -21.57 33.33 -25.87
C PRO A 861 -20.42 34.35 -25.92
N GLN A 862 -20.71 35.64 -25.70
CA GLN A 862 -19.68 36.72 -25.81
C GLN A 862 -19.14 37.12 -24.43
N GLU A 863 -19.58 36.47 -23.35
CA GLU A 863 -19.28 36.95 -21.97
C GLU A 863 -18.33 35.99 -21.24
N ARG A 864 -17.51 36.55 -20.34
CA ARG A 864 -16.69 35.75 -19.39
C ARG A 864 -17.46 35.68 -18.06
N HIS A 865 -16.82 35.99 -16.92
CA HIS A 865 -17.48 35.83 -15.59
C HIS A 865 -18.50 36.95 -15.36
N SER A 866 -18.20 38.17 -15.82
CA SER A 866 -19.12 39.32 -15.74
C SER A 866 -19.84 39.52 -17.07
N ILE A 867 -20.87 40.37 -17.09
CA ILE A 867 -21.60 40.72 -18.34
C ILE A 867 -21.19 42.14 -18.76
N ARG A 868 -20.45 42.26 -19.87
CA ARG A 868 -19.84 43.56 -20.30
C ARG A 868 -20.59 44.12 -21.52
N VAL A 869 -20.93 43.27 -22.50
CA VAL A 869 -21.64 43.73 -23.72
C VAL A 869 -23.08 44.10 -23.34
N PRO A 870 -23.53 45.35 -23.55
CA PRO A 870 -24.86 45.79 -23.09
C PRO A 870 -26.02 44.95 -23.63
N GLU A 871 -25.91 44.43 -24.85
CA GLU A 871 -26.97 43.58 -25.46
C GLU A 871 -27.13 42.29 -24.63
N SER A 872 -26.03 41.74 -24.11
CA SER A 872 -26.09 40.54 -23.23
C SER A 872 -26.82 40.90 -21.93
N GLY A 873 -26.46 42.04 -21.32
CA GLY A 873 -27.12 42.53 -20.09
C GLY A 873 -28.61 42.75 -20.30
N GLU A 874 -28.98 43.35 -21.43
CA GLU A 874 -30.41 43.62 -21.76
C GLU A 874 -31.15 42.29 -21.93
N HIS A 875 -30.53 41.32 -22.61
CA HIS A 875 -31.17 39.99 -22.82
C HIS A 875 -31.30 39.26 -21.48
N TYR A 876 -30.29 39.37 -20.61
CA TYR A 876 -30.30 38.70 -19.28
C TYR A 876 -31.44 39.28 -18.42
N GLU A 877 -31.53 40.62 -18.34
CA GLU A 877 -32.59 41.29 -17.54
C GLU A 877 -33.97 40.91 -18.09
N LEU A 878 -34.10 40.91 -19.41
CA LEU A 878 -35.41 40.61 -20.08
C LEU A 878 -35.81 39.16 -19.79
N HIS A 879 -34.91 38.21 -20.03
CA HIS A 879 -35.22 36.76 -19.81
C HIS A 879 -35.57 36.52 -18.34
N LEU A 880 -34.76 37.04 -17.41
CA LEU A 880 -34.99 36.81 -15.96
C LEU A 880 -36.35 37.38 -15.56
N LEU A 881 -36.63 38.63 -15.96
CA LEU A 881 -37.93 39.28 -15.64
C LEU A 881 -39.07 38.44 -16.22
N HIS A 882 -38.93 37.97 -17.46
CA HIS A 882 -39.97 37.14 -18.12
C HIS A 882 -40.08 35.78 -17.43
N TYR A 883 -38.97 35.23 -16.94
CA TYR A 883 -38.96 33.90 -16.28
C TYR A 883 -39.67 33.99 -14.91
N LEU A 884 -39.39 35.06 -14.15
CA LEU A 884 -40.06 35.30 -12.84
C LEU A 884 -41.57 35.48 -13.07
N GLN A 885 -41.95 36.25 -14.09
CA GLN A 885 -43.38 36.46 -14.45
C GLN A 885 -44.03 35.09 -14.70
N GLU A 886 -43.44 34.28 -15.59
CA GLU A 886 -44.12 33.07 -16.12
C GLU A 886 -44.08 31.91 -15.10
N ASN A 887 -43.14 31.92 -14.15
CA ASN A 887 -42.92 30.72 -13.29
C ASN A 887 -43.04 31.06 -11.80
N LEU A 888 -43.32 32.32 -11.44
CA LEU A 888 -43.45 32.70 -10.00
C LEU A 888 -44.57 33.73 -9.82
N GLY A 889 -44.49 34.87 -10.51
CA GLY A 889 -45.28 36.07 -10.16
C GLY A 889 -46.69 36.05 -10.72
N SER A 890 -46.88 35.62 -11.97
CA SER A 890 -48.15 35.84 -12.70
C SER A 890 -49.22 34.82 -12.29
N ARG A 891 -50.44 35.02 -12.80
CA ARG A 891 -51.59 34.08 -12.58
C ARG A 891 -51.33 32.78 -13.35
N ILE A 892 -50.84 32.90 -14.59
CA ILE A 892 -50.50 31.71 -15.44
C ILE A 892 -49.48 30.84 -14.70
N ALA A 893 -48.54 31.45 -13.97
CA ALA A 893 -47.54 30.71 -13.16
C ALA A 893 -48.24 29.85 -12.10
N ALA A 894 -49.36 30.33 -11.56
CA ALA A 894 -50.14 29.57 -10.54
C ALA A 894 -50.92 28.44 -11.22
N LEU A 895 -51.54 28.71 -12.38
CA LEU A 895 -52.33 27.69 -13.13
C LEU A 895 -51.42 26.54 -13.58
N LYS A 896 -50.16 26.84 -13.91
CA LYS A 896 -49.21 25.83 -14.47
C LYS A 896 -48.87 24.76 -13.42
N VAL A 897 -48.72 25.15 -12.15
CA VAL A 897 -48.21 24.22 -11.09
C VAL A 897 -49.13 22.99 -11.05
N ILE A 898 -48.55 21.79 -11.11
CA ILE A 898 -49.31 20.51 -11.15
C ILE A 898 -49.44 19.97 -9.71
N LEU B 48 -29.64 -58.35 11.44
CA LEU B 48 -29.49 -56.89 11.10
C LEU B 48 -28.68 -56.75 9.80
N GLU B 49 -29.32 -56.29 8.72
CA GLU B 49 -28.63 -56.05 7.42
C GLU B 49 -28.04 -54.64 7.41
N PRO B 50 -26.86 -54.43 6.78
CA PRO B 50 -26.30 -53.08 6.65
C PRO B 50 -27.07 -52.22 5.64
N PHE B 51 -27.49 -51.02 6.07
CA PHE B 51 -28.05 -50.01 5.13
C PHE B 51 -26.91 -49.38 4.34
N TYR B 52 -27.10 -49.18 3.03
CA TYR B 52 -26.09 -48.54 2.16
C TYR B 52 -26.69 -47.28 1.55
N VAL B 53 -25.99 -46.14 1.70
CA VAL B 53 -26.52 -44.83 1.21
C VAL B 53 -26.55 -44.85 -0.32
N GLU B 54 -27.52 -44.16 -0.93
CA GLU B 54 -27.58 -44.02 -2.40
C GLU B 54 -26.22 -43.49 -2.90
N ARG B 55 -25.59 -44.21 -3.82
CA ARG B 55 -24.28 -43.78 -4.40
C ARG B 55 -24.54 -42.73 -5.48
N TYR B 56 -24.42 -41.45 -5.14
CA TYR B 56 -24.58 -40.34 -6.12
C TYR B 56 -23.22 -39.97 -6.72
N SER B 57 -23.23 -39.47 -7.96
CA SER B 57 -21.99 -38.96 -8.61
C SER B 57 -21.59 -37.62 -7.99
N TRP B 58 -20.37 -37.16 -8.30
CA TRP B 58 -19.85 -35.85 -7.82
C TRP B 58 -20.80 -34.73 -8.25
N SER B 59 -21.25 -34.75 -9.51
CA SER B 59 -22.18 -33.71 -10.05
C SER B 59 -23.54 -33.81 -9.35
N GLN B 60 -24.00 -35.04 -9.07
CA GLN B 60 -25.31 -35.26 -8.40
C GLN B 60 -25.25 -34.75 -6.96
N LEU B 61 -24.17 -35.10 -6.23
CA LEU B 61 -23.99 -34.61 -4.83
C LEU B 61 -23.89 -33.08 -4.81
N LYS B 62 -23.26 -32.47 -5.84
CA LYS B 62 -23.17 -30.99 -5.92
C LYS B 62 -24.56 -30.38 -6.07
N LYS B 63 -25.41 -30.96 -6.92
CA LYS B 63 -26.78 -30.43 -7.16
C LYS B 63 -27.62 -30.63 -5.89
N LEU B 64 -27.53 -31.81 -5.28
CA LEU B 64 -28.26 -32.10 -4.01
C LEU B 64 -27.90 -31.05 -2.96
N LEU B 65 -26.60 -30.75 -2.80
CA LEU B 65 -26.14 -29.78 -1.77
C LEU B 65 -26.56 -28.35 -2.15
N ALA B 66 -26.55 -28.02 -3.45
CA ALA B 66 -26.99 -26.68 -3.92
C ALA B 66 -28.49 -26.50 -3.68
N ASP B 67 -29.29 -27.53 -3.96
CA ASP B 67 -30.77 -27.47 -3.79
C ASP B 67 -31.11 -27.29 -2.30
N THR B 68 -30.47 -28.06 -1.42
CA THR B 68 -30.76 -28.03 0.03
C THR B 68 -30.16 -26.77 0.68
N ARG B 69 -29.10 -26.21 0.09
CA ARG B 69 -28.49 -24.95 0.62
C ARG B 69 -29.55 -23.85 0.65
N LYS B 70 -30.31 -23.71 -0.44
CA LYS B 70 -31.43 -22.72 -0.52
C LYS B 70 -32.74 -23.46 -0.22
N ALA B 77 -28.56 -13.91 8.23
CA ALA B 77 -28.98 -12.63 8.84
C ALA B 77 -28.54 -12.57 10.30
N LYS B 78 -27.65 -11.63 10.64
CA LYS B 78 -27.21 -11.43 12.05
C LYS B 78 -28.38 -10.84 12.86
N ALA B 79 -28.77 -11.52 13.94
CA ALA B 79 -29.84 -11.02 14.85
C ALA B 79 -29.36 -9.73 15.50
N PRO B 80 -30.27 -8.84 15.96
CA PRO B 80 -29.86 -7.57 16.57
C PRO B 80 -29.00 -7.78 17.83
N HIS B 81 -28.09 -6.84 18.10
CA HIS B 81 -27.13 -6.98 19.22
C HIS B 81 -26.56 -5.59 19.60
N ASP B 82 -25.68 -5.55 20.59
CA ASP B 82 -25.10 -4.28 21.13
C ASP B 82 -26.27 -3.31 21.41
N PHE B 83 -27.23 -3.76 22.21
CA PHE B 83 -28.42 -2.94 22.54
C PHE B 83 -28.02 -1.84 23.52
N MET B 84 -28.71 -0.69 23.45
CA MET B 84 -28.48 0.42 24.40
C MET B 84 -29.81 1.17 24.61
N PHE B 85 -30.17 1.40 25.88
CA PHE B 85 -31.45 2.09 26.22
C PHE B 85 -31.15 3.55 26.56
N VAL B 86 -31.92 4.48 25.96
CA VAL B 86 -31.80 5.94 26.27
C VAL B 86 -33.20 6.46 26.63
N LYS B 87 -33.33 7.03 27.83
CA LYS B 87 -34.63 7.56 28.32
C LYS B 87 -35.02 8.80 27.51
N ARG B 88 -36.29 8.90 27.11
CA ARG B 88 -36.79 10.05 26.30
C ARG B 88 -36.96 11.28 27.21
N ASN B 89 -37.35 11.08 28.47
CA ASN B 89 -37.64 12.21 29.40
C ASN B 89 -38.65 13.16 28.74
N ASP B 90 -39.73 12.60 28.19
CA ASP B 90 -40.76 13.39 27.46
C ASP B 90 -42.10 13.15 28.15
N PRO B 91 -42.47 13.95 29.18
CA PRO B 91 -43.68 13.70 29.95
C PRO B 91 -44.97 13.61 29.12
N ASP B 92 -45.08 14.42 28.05
CA ASP B 92 -46.31 14.47 27.21
C ASP B 92 -46.26 13.40 26.12
N GLY B 93 -45.08 12.83 25.84
CA GLY B 93 -44.92 11.87 24.73
C GLY B 93 -45.31 10.45 25.12
N PRO B 94 -45.60 9.57 24.13
CA PRO B 94 -45.99 8.18 24.41
C PRO B 94 -44.85 7.19 24.67
N HIS B 95 -43.59 7.58 24.47
CA HIS B 95 -42.44 6.63 24.55
C HIS B 95 -41.60 6.90 25.80
N SER B 96 -41.19 5.83 26.49
CA SER B 96 -40.32 5.94 27.70
C SER B 96 -38.85 5.94 27.27
N ASP B 97 -38.49 5.01 26.38
CA ASP B 97 -37.07 4.80 25.97
C ASP B 97 -36.97 4.71 24.45
N ARG B 98 -35.79 5.07 23.92
CA ARG B 98 -35.38 4.66 22.54
C ARG B 98 -34.26 3.63 22.68
N ILE B 99 -34.42 2.46 22.07
CA ILE B 99 -33.33 1.43 22.05
C ILE B 99 -32.55 1.58 20.74
N TYR B 100 -31.22 1.62 20.83
CA TYR B 100 -30.34 1.55 19.63
C TYR B 100 -29.68 0.17 19.58
N TYR B 101 -29.38 -0.34 18.37
CA TYR B 101 -28.77 -1.68 18.23
C TYR B 101 -28.16 -1.83 16.83
N LEU B 102 -27.22 -2.78 16.69
CA LEU B 102 -26.65 -3.15 15.38
C LEU B 102 -27.41 -4.37 14.84
N ALA B 103 -27.66 -4.41 13.54
CA ALA B 103 -28.39 -5.52 12.90
C ALA B 103 -28.29 -5.44 11.37
N MET B 104 -28.84 -6.43 10.67
CA MET B 104 -28.99 -6.38 9.20
C MET B 104 -30.40 -6.87 8.83
N SER B 105 -31.24 -5.97 8.31
CA SER B 105 -32.65 -6.28 7.90
C SER B 105 -32.73 -7.52 7.00
N GLY B 106 -31.70 -7.78 6.18
CA GLY B 106 -31.72 -8.87 5.18
C GLY B 106 -30.42 -9.66 5.19
N GLU B 107 -30.35 -10.72 4.38
CA GLU B 107 -29.20 -11.65 4.36
C GLU B 107 -28.10 -11.14 3.42
N ASN B 108 -28.42 -10.17 2.54
CA ASN B 108 -27.45 -9.65 1.54
C ASN B 108 -27.29 -8.13 1.73
N ARG B 109 -26.91 -7.69 2.93
CA ARG B 109 -26.68 -6.24 3.20
C ARG B 109 -25.81 -6.06 4.45
N GLU B 110 -25.34 -4.82 4.68
CA GLU B 110 -24.33 -4.52 5.72
C GLU B 110 -24.96 -4.50 7.12
N ASN B 111 -24.15 -4.74 8.14
CA ASN B 111 -24.52 -4.50 9.56
C ASN B 111 -24.57 -2.99 9.79
N THR B 112 -25.69 -2.46 10.30
CA THR B 112 -25.83 -0.99 10.48
C THR B 112 -26.62 -0.67 11.76
N LEU B 113 -26.65 0.61 12.16
CA LEU B 113 -27.31 1.04 13.41
C LEU B 113 -28.81 1.25 13.18
N PHE B 114 -29.65 0.70 14.06
CA PHE B 114 -31.11 0.92 14.03
C PHE B 114 -31.57 1.47 15.38
N TYR B 115 -32.77 2.05 15.42
CA TYR B 115 -33.43 2.38 16.71
C TYR B 115 -34.89 1.93 16.66
N SER B 116 -35.47 1.69 17.84
CA SER B 116 -36.91 1.38 17.96
C SER B 116 -37.48 2.20 19.12
N GLU B 117 -38.80 2.47 19.07
CA GLU B 117 -39.47 3.28 20.12
C GLU B 117 -40.06 2.32 21.17
N ILE B 118 -39.73 2.54 22.45
CA ILE B 118 -40.33 1.75 23.57
C ILE B 118 -41.51 2.53 24.11
N PRO B 119 -42.76 2.07 23.90
CA PRO B 119 -43.94 2.80 24.38
C PRO B 119 -44.06 2.72 25.92
N LYS B 120 -44.56 3.80 26.54
CA LYS B 120 -44.80 3.86 28.00
C LYS B 120 -45.81 2.76 28.40
N THR B 121 -46.80 2.52 27.54
CA THR B 121 -47.86 1.51 27.81
C THR B 121 -48.06 0.63 26.57
N ILE B 122 -48.69 -0.54 26.73
CA ILE B 122 -48.96 -1.45 25.58
C ILE B 122 -50.41 -1.96 25.68
N ASN B 123 -50.95 -2.44 24.55
CA ASN B 123 -52.21 -3.20 24.55
C ASN B 123 -51.90 -4.65 24.95
N ARG B 124 -52.22 -5.02 26.19
CA ARG B 124 -51.77 -6.33 26.76
C ARG B 124 -52.58 -7.48 26.14
N ALA B 125 -53.62 -7.17 25.35
CA ALA B 125 -54.36 -8.19 24.56
C ALA B 125 -53.64 -8.49 23.24
N ALA B 126 -52.83 -7.54 22.74
CA ALA B 126 -52.14 -7.68 21.43
C ALA B 126 -50.64 -7.94 21.63
N VAL B 127 -49.93 -8.26 20.53
CA VAL B 127 -48.45 -8.47 20.56
C VAL B 127 -47.80 -7.36 19.73
N LEU B 128 -47.01 -6.50 20.38
CA LEU B 128 -46.35 -5.36 19.69
C LEU B 128 -45.06 -5.84 19.00
N MET B 129 -45.02 -5.81 17.67
CA MET B 129 -43.75 -5.94 16.90
C MET B 129 -43.14 -4.54 16.75
N LEU B 130 -41.94 -4.32 17.29
CA LEU B 130 -41.27 -2.99 17.17
C LEU B 130 -40.78 -2.83 15.72
N SER B 131 -41.00 -1.65 15.14
CA SER B 131 -40.47 -1.35 13.78
C SER B 131 -39.01 -0.90 13.90
N TRP B 132 -38.17 -1.36 12.97
CA TRP B 132 -36.73 -0.98 12.92
C TRP B 132 -36.58 0.31 12.12
N LYS B 133 -36.16 1.40 12.75
CA LYS B 133 -35.90 2.68 12.02
C LYS B 133 -34.40 2.79 11.76
N PRO B 134 -33.96 3.02 10.50
CA PRO B 134 -32.54 3.21 10.22
C PRO B 134 -32.04 4.51 10.89
N LEU B 135 -30.91 4.44 11.60
CA LEU B 135 -30.30 5.64 12.23
C LEU B 135 -29.48 6.40 11.18
N LEU B 136 -28.97 5.72 10.15
CA LEU B 136 -28.00 6.33 9.20
C LEU B 136 -28.51 6.19 7.76
N ASP B 137 -27.94 6.99 6.84
CA ASP B 137 -28.06 6.76 5.38
C ASP B 137 -27.06 5.66 4.98
N TYR B 148 -10.65 -4.47 2.47
CA TYR B 148 -10.10 -4.62 3.84
C TYR B 148 -8.57 -4.51 3.81
N SER B 149 -8.00 -3.72 4.73
CA SER B 149 -6.54 -3.73 5.02
C SER B 149 -6.19 -5.05 5.71
N ARG B 150 -4.89 -5.32 5.88
CA ARG B 150 -4.43 -6.57 6.56
C ARG B 150 -4.84 -6.54 8.04
N GLU B 151 -4.73 -5.37 8.70
CA GLU B 151 -5.03 -5.27 10.15
C GLU B 151 -6.54 -5.45 10.39
N GLU B 152 -7.39 -5.03 9.45
CA GLU B 152 -8.85 -5.30 9.53
C GLU B 152 -9.12 -6.79 9.35
N GLU B 153 -8.52 -7.39 8.31
CA GLU B 153 -8.70 -8.83 7.98
C GLU B 153 -8.33 -9.69 9.19
N LEU B 154 -7.21 -9.37 9.85
CA LEU B 154 -6.70 -10.18 10.99
C LEU B 154 -7.57 -9.97 12.23
N LEU B 155 -8.01 -8.72 12.49
CA LEU B 155 -8.90 -8.46 13.65
C LEU B 155 -10.17 -9.30 13.53
N ARG B 156 -10.70 -9.43 12.30
CA ARG B 156 -11.94 -10.21 12.06
C ARG B 156 -11.69 -11.70 12.33
N GLU B 157 -10.48 -12.19 12.06
CA GLU B 157 -10.09 -13.57 12.46
C GLU B 157 -10.08 -13.67 13.98
N ARG B 158 -9.41 -12.73 14.66
CA ARG B 158 -9.26 -12.75 16.14
C ARG B 158 -10.64 -12.64 16.81
N LYS B 159 -11.50 -11.74 16.33
CA LYS B 159 -12.86 -11.53 16.90
C LYS B 159 -13.85 -12.58 16.35
N ARG B 160 -13.47 -13.34 15.31
CA ARG B 160 -14.38 -14.32 14.67
C ARG B 160 -15.61 -13.61 14.08
N ILE B 161 -15.40 -12.45 13.44
CA ILE B 161 -16.50 -11.70 12.78
C ILE B 161 -16.76 -12.30 11.40
N GLY B 162 -17.98 -12.80 11.15
CA GLY B 162 -18.39 -13.27 9.81
C GLY B 162 -19.09 -12.17 9.02
N THR B 163 -19.68 -11.18 9.70
CA THR B 163 -20.56 -10.18 9.05
C THR B 163 -19.74 -9.01 8.49
N VAL B 164 -20.40 -8.15 7.70
CA VAL B 164 -19.78 -6.95 7.07
C VAL B 164 -20.52 -5.71 7.60
N GLY B 165 -19.83 -4.57 7.70
CA GLY B 165 -20.46 -3.30 8.12
C GLY B 165 -19.96 -2.83 9.48
N ILE B 166 -20.84 -2.24 10.28
CA ILE B 166 -20.44 -1.70 11.62
C ILE B 166 -20.41 -2.88 12.62
N ALA B 167 -19.24 -3.15 13.20
CA ALA B 167 -19.05 -4.28 14.14
C ALA B 167 -19.34 -3.85 15.58
N SER B 168 -19.13 -2.56 15.90
CA SER B 168 -19.34 -2.04 17.27
C SER B 168 -19.50 -0.51 17.24
N TYR B 169 -19.88 0.10 18.39
CA TYR B 169 -20.04 1.57 18.45
C TYR B 169 -19.85 2.07 19.89
N ASP B 170 -19.28 3.27 20.02
CA ASP B 170 -19.20 4.01 21.30
C ASP B 170 -20.36 5.01 21.38
N TYR B 171 -20.86 5.27 22.59
CA TYR B 171 -21.90 6.30 22.82
C TYR B 171 -21.52 7.12 24.07
N HIS B 172 -21.55 8.44 23.95
CA HIS B 172 -21.37 9.36 25.10
C HIS B 172 -22.75 9.89 25.50
N GLN B 173 -23.27 9.44 26.65
CA GLN B 173 -24.67 9.73 27.05
C GLN B 173 -24.86 11.24 27.29
N GLY B 174 -23.84 11.91 27.84
CA GLY B 174 -23.92 13.35 28.15
C GLY B 174 -24.24 14.19 26.91
N SER B 175 -23.76 13.78 25.73
CA SER B 175 -23.88 14.59 24.49
C SER B 175 -24.77 13.88 23.45
N GLY B 176 -24.86 12.55 23.51
CA GLY B 176 -25.62 11.77 22.50
C GLY B 176 -24.77 11.39 21.30
N THR B 177 -23.44 11.51 21.43
CA THR B 177 -22.50 11.31 20.28
C THR B 177 -22.24 9.81 20.09
N PHE B 178 -22.60 9.27 18.94
CA PHE B 178 -22.12 7.93 18.50
C PHE B 178 -20.76 8.07 17.82
N LEU B 179 -19.86 7.12 18.05
CA LEU B 179 -18.60 7.00 17.26
C LEU B 179 -18.48 5.56 16.78
N PHE B 180 -18.11 5.35 15.51
CA PHE B 180 -18.00 3.96 14.97
C PHE B 180 -17.15 3.94 13.70
N GLN B 181 -16.53 2.78 13.44
CA GLN B 181 -15.77 2.54 12.19
C GLN B 181 -16.70 1.86 11.17
N ALA B 182 -16.67 2.33 9.92
CA ALA B 182 -17.38 1.66 8.81
C ALA B 182 -16.41 1.53 7.63
N GLY B 183 -15.68 0.41 7.56
CA GLY B 183 -14.61 0.23 6.57
C GLY B 183 -13.40 1.09 6.91
N SER B 184 -12.93 1.89 5.94
CA SER B 184 -11.71 2.73 6.14
C SER B 184 -12.05 4.02 6.90
N GLY B 185 -13.34 4.32 7.09
CA GLY B 185 -13.75 5.61 7.67
C GLY B 185 -14.14 5.50 9.14
N ILE B 186 -13.83 6.53 9.92
CA ILE B 186 -14.38 6.72 11.30
C ILE B 186 -15.47 7.80 11.21
N TYR B 187 -16.66 7.53 11.77
CA TYR B 187 -17.83 8.42 11.61
C TYR B 187 -18.45 8.72 12.98
N HIS B 188 -19.18 9.84 13.06
CA HIS B 188 -19.99 10.15 14.27
C HIS B 188 -21.37 10.65 13.85
N VAL B 189 -22.38 10.34 14.67
CA VAL B 189 -23.72 11.00 14.58
C VAL B 189 -24.15 11.37 16.00
N LYS B 190 -25.19 12.20 16.14
CA LYS B 190 -25.65 12.67 17.47
C LYS B 190 -27.15 12.40 17.59
N ASP B 191 -27.56 11.67 18.63
CA ASP B 191 -29.00 11.40 18.88
C ASP B 191 -29.22 11.05 20.35
N GLY B 192 -30.34 11.53 20.92
CA GLY B 192 -30.75 11.16 22.29
C GLY B 192 -30.03 11.97 23.35
N GLY B 193 -29.29 13.00 22.96
CA GLY B 193 -28.61 13.89 23.92
C GLY B 193 -29.51 15.05 24.34
N PRO B 194 -28.94 16.16 24.86
CA PRO B 194 -29.70 17.39 25.09
C PRO B 194 -30.25 18.03 23.81
N GLN B 195 -29.82 17.55 22.64
CA GLN B 195 -30.26 18.14 21.33
C GLN B 195 -31.36 17.28 20.69
N GLY B 196 -31.93 16.33 21.44
CA GLY B 196 -33.23 15.72 21.07
C GLY B 196 -33.08 14.44 20.27
N PHE B 197 -34.19 13.96 19.70
CA PHE B 197 -34.27 12.64 19.03
C PHE B 197 -34.72 12.82 17.58
N THR B 198 -34.04 12.15 16.63
CA THR B 198 -34.35 12.30 15.19
C THR B 198 -35.62 11.50 14.85
N GLN B 199 -36.33 11.93 13.79
CA GLN B 199 -37.47 11.16 13.22
C GLN B 199 -37.09 10.64 11.83
N GLN B 200 -35.81 10.74 11.47
CA GLN B 200 -35.33 10.35 10.11
C GLN B 200 -33.86 9.98 10.19
N PRO B 201 -33.35 9.13 9.26
CA PRO B 201 -31.94 8.74 9.27
C PRO B 201 -30.98 9.94 9.26
N LEU B 202 -29.86 9.82 9.98
CA LEU B 202 -28.84 10.90 10.08
C LEU B 202 -27.71 10.61 9.09
N ARG B 203 -27.02 11.67 8.63
CA ARG B 203 -25.85 11.51 7.73
C ARG B 203 -24.62 11.22 8.59
N PRO B 204 -23.91 10.09 8.37
CA PRO B 204 -22.66 9.83 9.09
C PRO B 204 -21.64 10.93 8.80
N ASN B 205 -21.05 11.52 9.83
CA ASN B 205 -20.04 12.59 9.67
C ASN B 205 -18.64 11.95 9.67
N LEU B 206 -17.97 11.94 8.52
CA LEU B 206 -16.61 11.37 8.40
C LEU B 206 -15.62 12.20 9.23
N VAL B 207 -14.86 11.54 10.12
CA VAL B 207 -13.74 12.21 10.84
C VAL B 207 -12.57 12.31 9.86
N GLU B 208 -12.33 13.50 9.31
CA GLU B 208 -11.26 13.73 8.30
C GLU B 208 -9.90 13.47 8.95
N THR B 209 -8.89 13.14 8.14
CA THR B 209 -7.53 12.81 8.69
C THR B 209 -6.46 13.16 7.65
N SER B 210 -5.22 13.37 8.12
CA SER B 210 -4.02 13.44 7.25
C SER B 210 -3.25 12.12 7.29
N CYS B 211 -3.70 11.17 8.13
CA CYS B 211 -3.03 9.84 8.25
C CYS B 211 -3.18 9.07 6.95
N PRO B 212 -2.09 8.50 6.40
CA PRO B 212 -2.17 7.73 5.16
C PRO B 212 -2.82 6.35 5.29
N ASN B 213 -2.63 5.69 6.44
CA ASN B 213 -2.99 4.25 6.62
C ASN B 213 -4.31 4.11 7.38
N ILE B 214 -4.83 2.88 7.45
CA ILE B 214 -6.13 2.58 8.10
C ILE B 214 -6.07 3.03 9.57
N ARG B 215 -7.09 3.76 10.03
CA ARG B 215 -7.26 4.11 11.46
C ARG B 215 -8.09 3.01 12.14
N MET B 216 -7.62 2.49 13.27
CA MET B 216 -8.28 1.33 13.95
C MET B 216 -8.66 1.69 15.38
N ASP B 217 -9.69 1.02 15.91
CA ASP B 217 -10.04 1.05 17.36
C ASP B 217 -10.29 2.49 17.82
N PRO B 218 -11.25 3.21 17.21
CA PRO B 218 -11.59 4.56 17.65
C PRO B 218 -12.44 4.55 18.94
N LYS B 219 -12.14 5.45 19.88
CA LYS B 219 -12.88 5.51 21.17
C LYS B 219 -13.16 6.97 21.53
N LEU B 220 -14.39 7.25 21.98
CA LEU B 220 -14.76 8.60 22.51
C LEU B 220 -14.08 8.80 23.86
N CYS B 221 -13.59 10.03 24.12
CA CYS B 221 -13.19 10.44 25.49
C CYS B 221 -14.47 10.62 26.32
N PRO B 222 -14.68 9.84 27.41
CA PRO B 222 -15.86 10.02 28.26
C PRO B 222 -15.90 11.40 28.93
N ALA B 223 -14.73 12.00 29.20
CA ALA B 223 -14.63 13.32 29.84
C ALA B 223 -14.95 14.44 28.83
N ASP B 224 -14.75 14.20 27.52
CA ASP B 224 -14.95 15.25 26.49
C ASP B 224 -15.28 14.60 25.15
N PRO B 225 -16.56 14.62 24.70
CA PRO B 225 -16.95 13.93 23.47
C PRO B 225 -16.53 14.65 22.18
N ASP B 226 -15.83 15.78 22.32
CA ASP B 226 -15.17 16.45 21.16
C ASP B 226 -13.91 15.68 20.75
N TRP B 227 -13.32 14.92 21.69
CA TRP B 227 -12.03 14.22 21.44
C TRP B 227 -12.28 12.72 21.22
N ILE B 228 -11.66 12.17 20.16
CA ILE B 228 -11.59 10.69 19.97
C ILE B 228 -10.11 10.29 20.02
N ALA B 229 -9.84 9.02 20.31
CA ALA B 229 -8.50 8.43 20.07
C ALA B 229 -8.65 7.33 19.02
N PHE B 230 -7.56 6.99 18.33
CA PHE B 230 -7.55 5.84 17.39
C PHE B 230 -6.12 5.35 17.24
N ILE B 231 -5.95 4.17 16.66
CA ILE B 231 -4.59 3.62 16.37
C ILE B 231 -4.27 3.85 14.88
N HIS B 232 -3.06 4.33 14.61
CA HIS B 232 -2.52 4.43 13.23
C HIS B 232 -1.09 3.91 13.23
N SER B 233 -0.82 2.84 12.47
CA SER B 233 0.54 2.25 12.36
C SER B 233 1.11 2.02 13.76
N ASN B 234 0.34 1.31 14.61
CA ASN B 234 0.80 0.83 15.94
C ASN B 234 1.23 2.01 16.83
N ASP B 235 0.56 3.16 16.70
CA ASP B 235 0.78 4.32 17.60
C ASP B 235 -0.57 4.99 17.89
N ILE B 236 -0.67 5.66 19.04
CA ILE B 236 -1.97 6.28 19.49
C ILE B 236 -2.04 7.70 18.92
N TRP B 237 -3.19 8.04 18.32
CA TRP B 237 -3.48 9.40 17.82
C TRP B 237 -4.76 9.91 18.49
N ILE B 238 -4.87 11.22 18.70
CA ILE B 238 -6.17 11.83 19.12
C ILE B 238 -6.61 12.83 18.05
N SER B 239 -7.93 13.02 17.93
CA SER B 239 -8.52 13.88 16.87
C SER B 239 -9.76 14.59 17.42
N ASN B 240 -9.81 15.92 17.30
CA ASN B 240 -10.97 16.73 17.79
C ASN B 240 -11.99 16.83 16.65
N ILE B 241 -13.21 16.35 16.86
CA ILE B 241 -14.22 16.24 15.77
C ILE B 241 -14.96 17.57 15.58
N VAL B 242 -14.66 18.58 16.41
CA VAL B 242 -15.26 19.95 16.24
C VAL B 242 -14.18 20.87 15.63
N THR B 243 -12.99 20.92 16.25
CA THR B 243 -11.90 21.83 15.78
C THR B 243 -11.12 21.19 14.62
N ARG B 244 -11.14 19.86 14.52
CA ARG B 244 -10.40 19.09 13.48
C ARG B 244 -8.89 19.06 13.80
N GLU B 245 -8.49 19.39 15.03
CA GLU B 245 -7.06 19.27 15.41
C GLU B 245 -6.71 17.78 15.47
N GLU B 246 -5.67 17.37 14.76
CA GLU B 246 -5.20 15.96 14.74
C GLU B 246 -3.78 15.92 15.32
N ARG B 247 -3.51 15.00 16.25
CA ARG B 247 -2.24 14.99 17.00
C ARG B 247 -1.82 13.54 17.28
N ARG B 248 -0.58 13.20 16.92
CA ARG B 248 0.03 11.89 17.26
C ARG B 248 0.53 11.94 18.71
N LEU B 249 0.18 10.93 19.53
CA LEU B 249 0.58 10.93 20.97
C LEU B 249 1.85 10.10 21.19
N THR B 250 1.99 8.97 20.49
CA THR B 250 3.13 8.04 20.74
C THR B 250 3.99 7.93 19.47
N TYR B 251 5.31 7.76 19.67
CA TYR B 251 6.32 7.82 18.58
C TYR B 251 7.19 6.57 18.64
N VAL B 252 6.53 5.41 18.70
CA VAL B 252 7.19 4.14 19.10
C VAL B 252 7.40 3.24 17.87
N HIS B 253 6.55 3.39 16.84
CA HIS B 253 6.65 2.53 15.62
C HIS B 253 6.94 3.41 14.39
N ASN B 254 7.62 2.82 13.39
CA ASN B 254 7.89 3.49 12.09
C ASN B 254 7.29 2.62 10.98
N GLU B 255 6.18 3.09 10.39
CA GLU B 255 5.48 2.38 9.28
C GLU B 255 6.45 2.04 8.14
N LEU B 256 7.39 2.95 7.83
CA LEU B 256 8.31 2.75 6.68
C LEU B 256 9.34 1.66 7.00
N ALA B 257 9.68 1.46 8.28
CA ALA B 257 10.72 0.48 8.67
C ALA B 257 10.17 -0.96 8.60
N ASN B 258 11.07 -1.95 8.50
CA ASN B 258 10.69 -3.39 8.48
C ASN B 258 10.22 -3.82 9.87
N MET B 259 9.33 -4.82 9.92
CA MET B 259 8.80 -5.34 11.21
C MET B 259 9.89 -6.15 11.93
N GLU B 260 10.91 -6.61 11.19
CA GLU B 260 12.10 -7.27 11.79
C GLU B 260 12.92 -6.26 12.60
N GLU B 261 12.95 -4.99 12.16
CA GLU B 261 13.75 -3.93 12.82
C GLU B 261 12.89 -3.21 13.88
N ASP B 262 11.64 -2.86 13.53
CA ASP B 262 10.73 -2.14 14.45
C ASP B 262 9.64 -3.11 14.93
N ALA B 263 9.77 -3.59 16.18
CA ALA B 263 8.79 -4.52 16.77
C ALA B 263 8.11 -3.88 17.99
N ARG B 264 8.01 -2.55 18.00
CA ARG B 264 7.36 -1.82 19.13
C ARG B 264 5.99 -1.32 18.68
N SER B 265 5.03 -1.25 19.63
CA SER B 265 3.66 -0.76 19.36
C SER B 265 3.09 -0.12 20.62
N ALA B 266 2.11 0.77 20.47
CA ALA B 266 1.48 1.46 21.62
C ALA B 266 -0.04 1.45 21.44
N GLY B 267 -0.78 1.18 22.52
CA GLY B 267 -2.26 1.21 22.51
C GLY B 267 -2.87 0.02 21.80
N VAL B 268 -2.07 -1.02 21.55
CA VAL B 268 -2.48 -2.17 20.68
C VAL B 268 -2.42 -3.46 21.50
N ALA B 269 -3.35 -4.38 21.24
CA ALA B 269 -3.29 -5.75 21.81
C ALA B 269 -2.54 -6.66 20.81
N THR B 270 -1.56 -7.42 21.31
CA THR B 270 -0.74 -8.32 20.44
C THR B 270 -1.51 -9.61 20.17
N PHE B 271 -0.94 -10.49 19.34
CA PHE B 271 -1.69 -11.65 18.78
C PHE B 271 -2.31 -12.50 19.90
N VAL B 272 -1.49 -12.94 20.86
CA VAL B 272 -1.94 -13.90 21.91
C VAL B 272 -3.13 -13.30 22.68
N LEU B 273 -3.11 -12.00 22.96
CA LEU B 273 -4.19 -11.39 23.77
C LEU B 273 -5.49 -11.30 22.95
N GLN B 274 -5.38 -10.98 21.66
CA GLN B 274 -6.57 -10.98 20.77
C GLN B 274 -7.07 -12.41 20.58
N GLU B 275 -6.17 -13.37 20.42
CA GLU B 275 -6.55 -14.76 20.04
C GLU B 275 -6.89 -15.60 21.29
N GLU B 276 -6.26 -15.33 22.44
CA GLU B 276 -6.37 -16.25 23.61
C GLU B 276 -6.99 -15.57 24.84
N PHE B 277 -7.20 -14.25 24.81
CA PHE B 277 -7.81 -13.56 25.97
C PHE B 277 -8.95 -12.62 25.53
N ASP B 278 -9.26 -12.56 24.24
CA ASP B 278 -10.32 -11.67 23.69
C ASP B 278 -10.12 -10.24 24.21
N ARG B 279 -8.87 -9.76 24.28
CA ARG B 279 -8.61 -8.31 24.48
C ARG B 279 -8.14 -7.73 23.14
N TYR B 280 -8.85 -6.71 22.64
CA TYR B 280 -8.63 -6.19 21.27
C TYR B 280 -8.15 -4.73 21.32
N SER B 281 -7.94 -4.19 22.52
CA SER B 281 -7.52 -2.78 22.69
C SER B 281 -6.41 -2.69 23.74
N GLY B 282 -5.45 -1.77 23.54
CA GLY B 282 -4.32 -1.58 24.47
C GLY B 282 -4.25 -0.18 25.03
N TYR B 283 -5.34 0.60 24.90
CA TYR B 283 -5.39 1.97 25.49
C TYR B 283 -6.78 2.21 26.08
N TRP B 284 -6.85 3.05 27.11
CA TRP B 284 -8.11 3.35 27.85
C TRP B 284 -8.14 4.82 28.24
N TRP B 285 -9.19 5.55 27.82
CA TRP B 285 -9.41 6.96 28.24
C TRP B 285 -9.64 7.01 29.75
N CYS B 286 -9.02 7.99 30.43
CA CYS B 286 -9.46 8.37 31.81
C CYS B 286 -10.84 9.01 31.68
N PRO B 287 -11.85 8.55 32.45
CA PRO B 287 -13.22 9.04 32.29
C PRO B 287 -13.48 10.44 32.87
N LYS B 288 -12.46 11.05 33.51
CA LYS B 288 -12.61 12.41 34.10
C LYS B 288 -11.46 13.31 33.62
N ALA B 289 -11.76 14.60 33.44
CA ALA B 289 -10.74 15.62 33.08
C ALA B 289 -10.37 16.41 34.34
N GLU B 290 -9.07 16.58 34.59
CA GLU B 290 -8.60 17.42 35.74
C GLU B 290 -8.58 18.89 35.30
N THR B 291 -9.39 19.73 35.94
CA THR B 291 -9.42 21.20 35.68
C THR B 291 -8.04 21.80 36.00
N THR B 292 -7.56 22.72 35.14
CA THR B 292 -6.26 23.41 35.38
C THR B 292 -6.53 24.83 35.87
N PRO B 293 -5.56 25.48 36.55
CA PRO B 293 -5.73 26.86 37.03
C PRO B 293 -5.52 27.83 35.85
N SER B 294 -6.54 27.94 34.98
CA SER B 294 -6.41 28.68 33.69
C SER B 294 -7.70 28.62 32.87
N GLY B 295 -8.60 27.66 33.16
CA GLY B 295 -9.82 27.45 32.36
C GLY B 295 -9.67 26.27 31.42
N GLY B 296 -8.47 25.65 31.39
CA GLY B 296 -8.21 24.47 30.55
C GLY B 296 -8.43 23.18 31.33
N LYS B 297 -7.94 22.05 30.80
CA LYS B 297 -8.12 20.73 31.48
C LYS B 297 -7.02 19.75 31.04
N ILE B 298 -6.89 18.66 31.80
CA ILE B 298 -5.93 17.56 31.45
C ILE B 298 -6.75 16.29 31.15
N LEU B 299 -6.66 15.81 29.91
CA LEU B 299 -7.21 14.47 29.55
C LEU B 299 -6.08 13.44 29.71
N ARG B 300 -6.44 12.21 30.06
CA ARG B 300 -5.45 11.15 30.35
C ARG B 300 -5.78 9.88 29.55
N ILE B 301 -4.74 9.21 29.04
CA ILE B 301 -4.90 7.87 28.39
C ILE B 301 -3.89 6.91 29.02
N LEU B 302 -4.37 5.88 29.71
CA LEU B 302 -3.53 4.71 30.07
C LEU B 302 -3.35 3.87 28.80
N TYR B 303 -2.12 3.42 28.52
CA TYR B 303 -1.93 2.51 27.35
C TYR B 303 -0.85 1.48 27.66
N GLU B 304 -1.00 0.31 27.05
CA GLU B 304 0.03 -0.77 27.06
C GLU B 304 1.07 -0.45 25.98
N GLU B 305 2.36 -0.54 26.30
CA GLU B 305 3.43 -0.43 25.29
C GLU B 305 4.11 -1.79 25.14
N ASN B 306 4.17 -2.32 23.91
CA ASN B 306 4.65 -3.70 23.65
C ASN B 306 6.01 -3.63 22.93
N ASP B 307 6.94 -4.53 23.30
CA ASP B 307 8.19 -4.74 22.53
C ASP B 307 8.25 -6.20 22.11
N GLU B 308 8.13 -6.46 20.80
CA GLU B 308 8.07 -7.85 20.27
C GLU B 308 9.43 -8.24 19.67
N SER B 309 10.51 -7.55 20.06
CA SER B 309 11.87 -7.81 19.53
C SER B 309 12.26 -9.28 19.70
N GLU B 310 12.06 -9.83 20.91
CA GLU B 310 12.52 -11.21 21.24
C GLU B 310 11.47 -12.25 20.82
N VAL B 311 10.27 -11.81 20.40
CA VAL B 311 9.20 -12.76 19.98
C VAL B 311 9.62 -13.37 18.63
N GLU B 312 9.43 -14.69 18.47
CA GLU B 312 9.85 -15.40 17.24
C GLU B 312 9.03 -14.92 16.04
N ILE B 313 9.66 -14.84 14.86
CA ILE B 313 8.96 -14.49 13.60
C ILE B 313 8.70 -15.77 12.80
N ILE B 314 7.46 -15.98 12.38
CA ILE B 314 7.14 -17.10 11.45
C ILE B 314 6.63 -16.50 10.13
N HIS B 315 6.58 -17.31 9.07
CA HIS B 315 6.10 -16.83 7.75
C HIS B 315 4.79 -17.55 7.39
N VAL B 316 3.78 -16.76 7.01
CA VAL B 316 2.46 -17.32 6.57
C VAL B 316 2.28 -16.91 5.10
N THR B 317 1.94 -17.87 4.23
CA THR B 317 1.80 -17.61 2.78
C THR B 317 0.89 -16.39 2.56
N SER B 318 1.31 -15.46 1.71
CA SER B 318 0.47 -14.27 1.39
C SER B 318 -0.76 -14.73 0.62
N PRO B 319 -1.97 -14.18 0.91
CA PRO B 319 -3.18 -14.54 0.19
C PRO B 319 -3.06 -14.42 -1.34
N MET B 320 -2.37 -13.40 -1.83
CA MET B 320 -2.08 -13.25 -3.29
C MET B 320 -1.04 -14.31 -3.69
N LEU B 321 -1.50 -15.47 -4.16
CA LEU B 321 -0.60 -16.62 -4.44
C LEU B 321 0.34 -16.29 -5.61
N GLU B 322 -0.03 -15.32 -6.44
CA GLU B 322 0.77 -14.95 -7.65
C GLU B 322 2.11 -14.34 -7.23
N THR B 323 2.18 -13.78 -6.01
CA THR B 323 3.44 -13.18 -5.48
C THR B 323 4.43 -14.28 -5.09
N ARG B 324 3.94 -15.48 -4.73
CA ARG B 324 4.80 -16.57 -4.19
C ARG B 324 5.64 -16.01 -3.05
N ARG B 325 5.00 -15.22 -2.17
CA ARG B 325 5.68 -14.60 -1.01
C ARG B 325 4.91 -14.96 0.27
N ALA B 326 5.50 -14.63 1.42
CA ALA B 326 4.90 -14.92 2.74
C ALA B 326 4.96 -13.66 3.60
N ASP B 327 3.97 -13.46 4.46
CA ASP B 327 3.95 -12.31 5.40
C ASP B 327 4.66 -12.72 6.70
N SER B 328 5.33 -11.77 7.36
CA SER B 328 5.99 -12.03 8.66
C SER B 328 4.96 -11.87 9.79
N PHE B 329 5.03 -12.74 10.80
N PHE B 329 5.12 -12.67 10.85
CA PHE B 329 4.09 -12.69 11.96
CA PHE B 329 4.13 -12.77 11.95
C PHE B 329 4.87 -12.91 13.25
C PHE B 329 4.88 -12.93 13.28
N ARG B 330 4.64 -12.04 14.25
CA ARG B 330 5.21 -12.22 15.62
C ARG B 330 4.35 -13.24 16.36
N TYR B 331 4.83 -14.49 16.47
CA TYR B 331 4.04 -15.61 17.04
C TYR B 331 4.79 -16.20 18.23
N PRO B 332 4.36 -15.93 19.49
CA PRO B 332 4.96 -16.56 20.66
C PRO B 332 4.59 -18.05 20.74
N LYS B 333 5.43 -18.92 20.16
CA LYS B 333 5.18 -20.39 20.24
C LYS B 333 5.44 -20.84 21.67
N THR B 334 4.72 -21.87 22.13
CA THR B 334 4.76 -22.30 23.56
C THR B 334 6.20 -22.45 24.02
N GLY B 335 6.51 -21.96 25.23
CA GLY B 335 7.84 -22.13 25.84
C GLY B 335 8.82 -21.04 25.46
N THR B 336 8.44 -20.13 24.55
CA THR B 336 9.35 -19.05 24.07
C THR B 336 8.83 -17.70 24.56
N ALA B 337 9.50 -16.60 24.19
CA ALA B 337 9.27 -15.29 24.83
C ALA B 337 7.92 -14.69 24.37
N ASN B 338 7.14 -14.19 25.34
CA ASN B 338 6.03 -13.25 25.05
C ASN B 338 6.62 -11.86 24.91
N PRO B 339 5.89 -10.87 24.34
CA PRO B 339 6.38 -9.50 24.25
C PRO B 339 6.77 -8.89 25.62
N LYS B 340 7.75 -7.99 25.63
CA LYS B 340 8.01 -7.13 26.82
C LYS B 340 6.88 -6.11 26.90
N VAL B 341 6.11 -6.12 27.99
CA VAL B 341 4.95 -5.20 28.15
C VAL B 341 5.24 -4.22 29.29
N THR B 342 4.68 -3.02 29.22
CA THR B 342 4.70 -2.06 30.36
C THR B 342 3.45 -1.18 30.29
N PHE B 343 3.17 -0.44 31.35
CA PHE B 343 2.08 0.58 31.33
C PHE B 343 2.68 1.96 31.04
N LYS B 344 1.94 2.77 30.29
CA LYS B 344 2.34 4.17 29.99
C LYS B 344 1.13 5.07 30.21
N MET B 345 1.39 6.37 30.40
CA MET B 345 0.30 7.37 30.57
C MET B 345 0.59 8.55 29.64
N SER B 346 -0.42 8.98 28.88
CA SER B 346 -0.29 10.19 28.02
C SER B 346 -1.13 11.32 28.64
N GLU B 347 -0.47 12.37 29.13
CA GLU B 347 -1.17 13.56 29.67
C GLU B 347 -1.36 14.59 28.55
N ILE B 348 -2.61 14.93 28.24
CA ILE B 348 -2.94 15.87 27.13
C ILE B 348 -3.45 17.17 27.74
N MET B 349 -2.61 18.22 27.78
CA MET B 349 -3.01 19.54 28.33
C MET B 349 -3.79 20.31 27.25
N ILE B 350 -5.00 20.76 27.60
CA ILE B 350 -5.92 21.43 26.63
C ILE B 350 -6.29 22.81 27.18
N ASP B 351 -6.38 23.82 26.30
CA ASP B 351 -6.69 25.22 26.74
C ASP B 351 -8.22 25.40 26.78
N ALA B 352 -8.67 26.62 27.10
CA ALA B 352 -10.11 26.90 27.35
C ALA B 352 -10.92 26.82 26.04
N GLU B 353 -10.28 26.97 24.88
CA GLU B 353 -11.00 26.90 23.56
C GLU B 353 -10.79 25.51 22.93
N GLY B 354 -10.27 24.55 23.69
CA GLY B 354 -10.21 23.15 23.24
C GLY B 354 -8.95 22.83 22.44
N ARG B 355 -8.02 23.78 22.31
CA ARG B 355 -6.75 23.54 21.56
C ARG B 355 -5.79 22.76 22.47
N ILE B 356 -4.91 21.95 21.87
CA ILE B 356 -3.85 21.23 22.64
C ILE B 356 -2.75 22.23 23.01
N ILE B 357 -2.43 22.32 24.32
CA ILE B 357 -1.25 23.11 24.78
C ILE B 357 0.00 22.24 24.63
N ASP B 358 -0.06 20.99 25.12
CA ASP B 358 1.12 20.08 25.07
C ASP B 358 0.67 18.63 25.35
N VAL B 359 1.52 17.67 25.00
CA VAL B 359 1.33 16.24 25.38
C VAL B 359 2.57 15.78 26.13
N ILE B 360 2.41 15.30 27.37
CA ILE B 360 3.55 14.73 28.15
C ILE B 360 3.37 13.20 28.22
N ASP B 361 4.30 12.47 27.59
CA ASP B 361 4.32 10.99 27.68
C ASP B 361 4.98 10.60 29.00
N LYS B 362 4.37 9.65 29.74
CA LYS B 362 4.83 9.32 31.12
C LYS B 362 4.98 7.80 31.27
N GLU B 363 5.99 7.38 32.05
CA GLU B 363 6.31 5.94 32.26
C GLU B 363 6.32 5.64 33.76
N LEU B 364 6.24 4.36 34.13
CA LEU B 364 6.22 3.94 35.57
C LEU B 364 7.52 4.42 36.26
N ILE B 365 7.41 4.80 37.54
CA ILE B 365 8.58 5.32 38.31
C ILE B 365 9.64 4.21 38.44
N GLN B 366 9.22 2.95 38.54
CA GLN B 366 10.15 1.78 38.47
C GLN B 366 9.67 0.87 37.35
N PRO B 367 10.53 -0.02 36.81
CA PRO B 367 10.14 -0.91 35.71
C PRO B 367 8.97 -1.83 36.06
N PHE B 368 8.21 -2.25 35.03
CA PHE B 368 7.03 -3.13 35.19
C PHE B 368 7.39 -4.39 35.97
N GLU B 369 8.58 -4.96 35.73
CA GLU B 369 9.00 -6.24 36.37
C GLU B 369 9.14 -6.06 37.88
N ILE B 370 9.50 -4.85 38.34
CA ILE B 370 9.69 -4.57 39.79
C ILE B 370 8.31 -4.32 40.44
N LEU B 371 7.51 -3.41 39.87
CA LEU B 371 6.21 -3.02 40.47
C LEU B 371 5.18 -4.14 40.36
N PHE B 372 5.32 -5.01 39.35
CA PHE B 372 4.35 -6.11 39.09
C PHE B 372 5.11 -7.42 38.93
N GLU B 373 5.70 -7.89 40.03
CA GLU B 373 6.61 -9.07 40.02
C GLU B 373 5.83 -10.31 39.59
N GLY B 374 6.31 -11.01 38.55
CA GLY B 374 5.75 -12.30 38.12
C GLY B 374 4.63 -12.14 37.09
N VAL B 375 4.25 -10.90 36.76
CA VAL B 375 3.13 -10.65 35.81
C VAL B 375 3.64 -10.88 34.38
N GLU B 376 3.01 -11.80 33.66
CA GLU B 376 3.34 -12.09 32.23
C GLU B 376 2.34 -11.36 31.31
N TYR B 377 1.05 -11.41 31.66
CA TYR B 377 -0.03 -10.92 30.76
C TYR B 377 -0.85 -9.83 31.45
N ILE B 378 -1.08 -8.71 30.75
CA ILE B 378 -2.15 -7.75 31.13
C ILE B 378 -3.45 -8.24 30.48
N ALA B 379 -4.30 -8.93 31.26
CA ALA B 379 -5.52 -9.56 30.73
C ALA B 379 -6.60 -8.50 30.48
N ARG B 380 -6.79 -7.60 31.45
CA ARG B 380 -7.80 -6.51 31.34
C ARG B 380 -7.24 -5.24 31.99
N ALA B 381 -7.78 -4.08 31.58
CA ALA B 381 -7.39 -2.79 32.20
C ALA B 381 -8.50 -1.75 31.97
N GLY B 382 -8.45 -0.67 32.74
CA GLY B 382 -9.48 0.39 32.69
C GLY B 382 -9.31 1.38 33.82
N TRP B 383 -10.34 2.16 34.12
CA TRP B 383 -10.29 3.19 35.17
C TRP B 383 -11.39 2.95 36.21
N THR B 384 -11.19 3.47 37.42
CA THR B 384 -12.29 3.55 38.43
C THR B 384 -13.27 4.62 37.97
N PRO B 385 -14.54 4.61 38.43
CA PRO B 385 -15.56 5.54 37.93
C PRO B 385 -15.12 7.02 37.98
N GLU B 386 -14.38 7.41 39.03
CA GLU B 386 -13.99 8.83 39.24
C GLU B 386 -12.62 9.11 38.58
N GLY B 387 -12.01 8.11 37.95
CA GLY B 387 -10.70 8.28 37.29
C GLY B 387 -9.57 8.44 38.29
N LYS B 388 -9.82 8.14 39.56
CA LYS B 388 -8.80 8.30 40.64
C LYS B 388 -7.66 7.30 40.41
N TYR B 389 -8.01 6.05 40.09
CA TYR B 389 -7.02 4.98 39.84
C TYR B 389 -7.28 4.34 38.47
N ALA B 390 -6.19 3.96 37.78
CA ALA B 390 -6.28 2.94 36.71
C ALA B 390 -6.33 1.57 37.39
N TRP B 391 -7.05 0.60 36.80
CA TRP B 391 -7.01 -0.80 37.33
C TRP B 391 -6.52 -1.75 36.23
N SER B 392 -5.98 -2.90 36.64
CA SER B 392 -5.56 -3.95 35.69
C SER B 392 -5.80 -5.33 36.30
N ILE B 393 -6.14 -6.32 35.46
CA ILE B 393 -6.21 -7.74 35.88
C ILE B 393 -4.97 -8.45 35.30
N LEU B 394 -4.07 -8.92 36.17
CA LEU B 394 -2.72 -9.36 35.77
C LEU B 394 -2.54 -10.86 36.03
N LEU B 395 -2.00 -11.59 35.04
CA LEU B 395 -1.76 -13.05 35.17
C LEU B 395 -0.25 -13.30 35.24
N ASP B 396 0.15 -14.31 36.01
CA ASP B 396 1.53 -14.87 35.92
C ASP B 396 1.60 -15.75 34.66
N ARG B 397 2.80 -16.17 34.26
CA ARG B 397 3.00 -16.93 33.00
C ARG B 397 2.23 -18.25 33.07
N SER B 398 2.19 -18.89 34.25
CA SER B 398 1.48 -20.20 34.40
C SER B 398 -0.04 -20.00 34.35
N GLN B 399 -0.51 -18.76 34.55
CA GLN B 399 -1.96 -18.44 34.57
C GLN B 399 -2.63 -19.21 35.72
N THR B 400 -1.91 -19.39 36.82
CA THR B 400 -2.46 -19.99 38.06
C THR B 400 -2.53 -18.92 39.16
N ARG B 401 -2.11 -17.69 38.87
CA ARG B 401 -2.24 -16.54 39.81
C ARG B 401 -2.86 -15.35 39.07
N LEU B 402 -3.99 -14.84 39.59
CA LEU B 402 -4.59 -13.58 39.08
C LEU B 402 -4.45 -12.49 40.16
N GLN B 403 -4.17 -11.25 39.74
CA GLN B 403 -4.16 -10.09 40.66
C GLN B 403 -5.00 -8.96 40.05
N ILE B 404 -5.80 -8.28 40.88
CA ILE B 404 -6.45 -7.00 40.48
C ILE B 404 -5.66 -5.86 41.15
N VAL B 405 -4.98 -5.03 40.35
CA VAL B 405 -4.06 -3.99 40.90
C VAL B 405 -4.63 -2.60 40.57
N LEU B 406 -4.61 -1.69 41.56
CA LEU B 406 -4.92 -0.26 41.32
C LEU B 406 -3.62 0.48 41.04
N ILE B 407 -3.61 1.29 39.98
CA ILE B 407 -2.38 2.02 39.53
C ILE B 407 -2.70 3.52 39.54
N SER B 408 -2.15 4.26 40.50
CA SER B 408 -2.37 5.73 40.59
C SER B 408 -1.63 6.42 39.44
N PRO B 409 -2.19 7.51 38.87
CA PRO B 409 -1.45 8.35 37.91
C PRO B 409 -0.17 8.97 38.48
N GLU B 410 -0.06 9.06 39.81
CA GLU B 410 1.17 9.60 40.47
C GLU B 410 2.34 8.61 40.33
N LEU B 411 2.07 7.34 39.98
CA LEU B 411 3.14 6.34 39.72
C LEU B 411 3.88 6.66 38.41
N PHE B 412 3.31 7.53 37.55
CA PHE B 412 3.94 7.84 36.24
C PHE B 412 4.68 9.18 36.32
N ILE B 413 5.88 9.22 35.73
CA ILE B 413 6.71 10.46 35.66
C ILE B 413 6.97 10.76 34.18
N PRO B 414 7.18 12.04 33.79
CA PRO B 414 7.54 12.37 32.41
C PRO B 414 8.76 11.55 31.94
N VAL B 415 8.69 11.01 30.72
CA VAL B 415 9.87 10.36 30.07
C VAL B 415 10.96 11.42 29.91
N GLU B 416 12.16 11.17 30.46
CA GLU B 416 13.26 12.18 30.47
C GLU B 416 14.59 11.50 30.12
N ASP B 417 15.25 11.99 29.07
CA ASP B 417 16.56 11.44 28.61
C ASP B 417 17.68 11.96 29.54
N ASP B 418 17.66 13.26 29.85
CA ASP B 418 18.64 13.87 30.80
C ASP B 418 18.58 13.11 32.13
N VAL B 419 19.72 12.57 32.58
CA VAL B 419 19.77 11.63 33.74
C VAL B 419 19.63 12.43 35.05
N MET B 420 20.12 13.67 35.09
CA MET B 420 19.99 14.52 36.30
C MET B 420 18.52 14.94 36.48
N GLU B 421 17.84 15.22 35.37
CA GLU B 421 16.43 15.72 35.42
C GLU B 421 15.47 14.56 35.77
N ARG B 422 15.75 13.34 35.28
CA ARG B 422 14.93 12.16 35.63
C ARG B 422 15.07 11.88 37.14
N GLN B 423 16.27 12.08 37.69
CA GLN B 423 16.52 11.84 39.14
C GLN B 423 15.69 12.82 39.97
N ARG B 424 15.64 14.10 39.56
CA ARG B 424 14.74 15.11 40.18
C ARG B 424 13.30 14.55 40.24
N LEU B 425 12.79 14.07 39.10
CA LEU B 425 11.38 13.61 38.99
C LEU B 425 11.15 12.36 39.85
N ILE B 426 12.11 11.43 39.88
CA ILE B 426 11.97 10.18 40.69
C ILE B 426 11.84 10.52 42.17
N GLU B 427 12.64 11.48 42.66
CA GLU B 427 12.62 11.88 44.10
C GLU B 427 11.31 12.61 44.43
N SER B 428 10.72 13.31 43.45
CA SER B 428 9.52 14.16 43.71
C SER B 428 8.25 13.33 43.85
N VAL B 429 8.30 12.02 43.56
CA VAL B 429 7.14 11.12 43.79
C VAL B 429 7.22 10.56 45.21
N PRO B 430 6.16 10.72 46.05
CA PRO B 430 6.17 10.17 47.40
C PRO B 430 6.37 8.64 47.43
N ASP B 431 6.98 8.13 48.50
CA ASP B 431 7.20 6.67 48.67
C ASP B 431 5.88 5.98 49.02
N SER B 432 4.89 6.73 49.53
CA SER B 432 3.56 6.17 49.86
C SER B 432 2.81 5.78 48.58
N VAL B 433 3.01 6.53 47.49
CA VAL B 433 2.40 6.20 46.16
C VAL B 433 2.96 4.85 45.70
N THR B 434 2.08 3.83 45.64
CA THR B 434 2.53 2.43 45.42
C THR B 434 1.44 1.69 44.64
N PRO B 435 1.76 0.62 43.89
CA PRO B 435 0.72 -0.23 43.30
C PRO B 435 -0.10 -0.89 44.42
N LEU B 436 -1.42 -1.01 44.23
CA LEU B 436 -2.31 -1.56 45.28
C LEU B 436 -2.98 -2.84 44.78
N ILE B 437 -2.43 -3.99 45.15
CA ILE B 437 -3.07 -5.31 44.83
C ILE B 437 -4.31 -5.45 45.73
N ILE B 438 -5.48 -5.10 45.20
CA ILE B 438 -6.76 -5.11 45.99
C ILE B 438 -7.34 -6.53 46.00
N TYR B 439 -6.80 -7.44 45.18
CA TYR B 439 -7.30 -8.84 45.13
C TYR B 439 -6.22 -9.74 44.51
N GLU B 440 -6.06 -10.94 45.08
CA GLU B 440 -5.11 -11.95 44.55
C GLU B 440 -5.71 -13.34 44.79
N GLU B 441 -5.69 -14.21 43.78
CA GLU B 441 -6.24 -15.58 43.91
C GLU B 441 -5.34 -16.55 43.14
N THR B 442 -5.35 -17.83 43.55
CA THR B 442 -4.53 -18.88 42.90
C THR B 442 -5.40 -20.13 42.68
N THR B 443 -4.91 -21.07 41.86
CA THR B 443 -5.66 -22.32 41.57
C THR B 443 -4.66 -23.42 41.18
N ASP B 444 -5.02 -24.69 41.39
CA ASP B 444 -4.22 -25.84 40.92
C ASP B 444 -4.51 -26.11 39.44
N ILE B 445 -5.61 -25.55 38.90
CA ILE B 445 -6.05 -25.85 37.51
C ILE B 445 -5.65 -24.67 36.61
N TRP B 446 -6.48 -23.64 36.47
CA TRP B 446 -6.07 -22.42 35.74
C TRP B 446 -7.07 -21.29 35.97
N ILE B 447 -6.60 -20.04 35.82
CA ILE B 447 -7.51 -18.85 35.83
C ILE B 447 -8.19 -18.75 34.47
N ASN B 448 -9.52 -18.79 34.45
CA ASN B 448 -10.31 -18.45 33.24
C ASN B 448 -10.64 -16.96 33.30
N ILE B 449 -10.06 -16.15 32.40
CA ILE B 449 -10.30 -14.68 32.39
C ILE B 449 -11.74 -14.42 31.93
N HIS B 450 -12.37 -13.41 32.52
CA HIS B 450 -13.77 -13.00 32.17
C HIS B 450 -13.85 -11.47 32.19
N ASP B 451 -15.01 -10.92 31.81
CA ASP B 451 -15.20 -9.46 31.65
C ASP B 451 -15.96 -8.87 32.83
N ILE B 452 -16.23 -9.68 33.87
CA ILE B 452 -17.02 -9.21 35.05
C ILE B 452 -16.07 -8.52 36.04
N PHE B 453 -16.23 -7.22 36.21
CA PHE B 453 -15.53 -6.45 37.28
C PHE B 453 -16.27 -5.13 37.48
N HIS B 454 -16.87 -4.94 38.65
CA HIS B 454 -17.67 -3.71 38.93
C HIS B 454 -17.09 -2.99 40.16
N VAL B 455 -16.77 -1.70 40.01
CA VAL B 455 -16.28 -0.86 41.14
C VAL B 455 -17.40 0.10 41.53
N PHE B 456 -17.77 0.11 42.82
CA PHE B 456 -18.85 1.01 43.32
C PHE B 456 -18.28 2.41 43.50
N PRO B 457 -19.11 3.47 43.42
CA PRO B 457 -18.67 4.81 43.78
C PRO B 457 -18.10 4.77 45.21
N GLN B 458 -16.87 5.25 45.41
CA GLN B 458 -16.18 5.03 46.70
C GLN B 458 -16.85 5.89 47.79
N SER B 459 -17.10 5.28 48.96
CA SER B 459 -17.73 5.98 50.10
C SER B 459 -16.65 6.44 51.09
N HIS B 460 -15.63 5.62 51.32
CA HIS B 460 -14.52 5.96 52.25
C HIS B 460 -13.21 6.11 51.45
N GLU B 461 -12.29 6.95 51.95
CA GLU B 461 -11.08 7.35 51.18
C GLU B 461 -10.10 6.18 51.08
N GLU B 462 -9.95 5.38 52.14
CA GLU B 462 -8.94 4.29 52.18
C GLU B 462 -9.65 2.93 52.01
N GLU B 463 -10.72 2.88 51.23
CA GLU B 463 -11.45 1.62 50.94
C GLU B 463 -11.89 1.60 49.47
N ILE B 464 -11.82 0.44 48.82
CA ILE B 464 -12.50 0.25 47.50
C ILE B 464 -13.47 -0.93 47.64
N GLU B 465 -14.66 -0.79 47.04
CA GLU B 465 -15.75 -1.79 47.12
C GLU B 465 -16.04 -2.26 45.68
N PHE B 466 -16.03 -3.58 45.43
CA PHE B 466 -16.16 -4.07 44.04
C PHE B 466 -16.78 -5.48 44.00
N ILE B 467 -17.42 -5.80 42.87
CA ILE B 467 -17.91 -7.18 42.58
C ILE B 467 -16.94 -7.84 41.59
N PHE B 468 -16.56 -9.09 41.88
CA PHE B 468 -15.69 -9.90 40.96
C PHE B 468 -16.27 -11.32 40.88
N ALA B 469 -15.88 -12.07 39.86
CA ALA B 469 -16.30 -13.49 39.72
C ALA B 469 -15.06 -14.38 39.77
N SER B 470 -15.19 -15.59 40.32
CA SER B 470 -14.02 -16.49 40.51
C SER B 470 -14.47 -17.95 40.64
N GLU B 471 -13.69 -18.86 40.03
CA GLU B 471 -13.86 -20.33 40.22
C GLU B 471 -12.92 -20.82 41.33
N CYS B 472 -11.98 -19.97 41.78
CA CYS B 472 -10.86 -20.42 42.64
C CYS B 472 -11.36 -20.91 44.01
N LYS B 473 -12.47 -20.34 44.51
CA LYS B 473 -12.94 -20.63 45.89
C LYS B 473 -13.57 -22.03 45.93
N THR B 474 -14.54 -22.29 45.04
CA THR B 474 -15.39 -23.50 45.13
C THR B 474 -15.30 -24.39 43.88
N GLY B 475 -14.67 -23.90 42.80
CA GLY B 475 -14.56 -24.67 41.54
C GLY B 475 -15.68 -24.34 40.56
N PHE B 476 -16.56 -23.40 40.91
CA PHE B 476 -17.60 -22.89 39.98
C PHE B 476 -17.56 -21.35 40.00
N ARG B 477 -17.79 -20.71 38.84
CA ARG B 477 -17.68 -19.24 38.74
C ARG B 477 -18.87 -18.60 39.48
N HIS B 478 -18.57 -17.85 40.55
CA HIS B 478 -19.63 -17.20 41.37
C HIS B 478 -19.23 -15.75 41.63
N LEU B 479 -20.23 -14.90 41.92
CA LEU B 479 -19.99 -13.45 42.15
C LEU B 479 -19.62 -13.23 43.63
N TYR B 480 -18.70 -12.29 43.88
CA TYR B 480 -18.25 -11.97 45.26
C TYR B 480 -18.16 -10.45 45.41
N LYS B 481 -18.80 -9.90 46.44
CA LYS B 481 -18.60 -8.46 46.79
C LYS B 481 -17.42 -8.37 47.78
N ILE B 482 -16.36 -7.65 47.40
CA ILE B 482 -15.11 -7.58 48.21
C ILE B 482 -14.83 -6.11 48.55
N THR B 483 -14.56 -5.83 49.83
CA THR B 483 -14.02 -4.50 50.25
C THR B 483 -12.55 -4.68 50.60
N SER B 484 -11.68 -3.83 50.06
CA SER B 484 -10.22 -3.92 50.31
C SER B 484 -9.72 -2.61 50.93
N ILE B 485 -8.76 -2.68 51.84
CA ILE B 485 -8.20 -1.46 52.52
C ILE B 485 -6.99 -0.96 51.72
N LEU B 486 -6.98 0.34 51.39
CA LEU B 486 -5.84 0.96 50.66
C LEU B 486 -4.90 1.63 51.67
N LYS B 487 -4.04 0.85 52.33
CA LYS B 487 -3.09 1.41 53.34
C LYS B 487 -1.73 1.65 52.67
N GLU B 488 -0.93 2.54 53.26
CA GLU B 488 0.48 2.74 52.83
C GLU B 488 1.21 1.39 52.86
N SER B 489 2.03 1.11 51.83
CA SER B 489 2.91 -0.09 51.84
C SER B 489 4.04 0.14 52.84
N LYS B 490 4.60 -0.96 53.38
CA LYS B 490 5.83 -0.86 54.22
C LYS B 490 6.99 -0.39 53.33
N TYR B 491 6.98 -0.83 52.06
CA TYR B 491 8.08 -0.60 51.11
C TYR B 491 8.22 0.90 50.81
N LYS B 492 9.47 1.39 50.79
CA LYS B 492 9.78 2.81 50.48
C LYS B 492 11.00 2.83 49.56
N ARG B 493 10.78 3.13 48.27
CA ARG B 493 11.79 2.90 47.20
C ARG B 493 12.99 3.85 47.34
N SER B 494 12.84 4.95 48.09
CA SER B 494 13.96 5.90 48.33
C SER B 494 15.04 5.26 49.22
N SER B 495 14.80 4.05 49.73
CA SER B 495 15.82 3.28 50.49
C SER B 495 16.68 2.42 49.54
N GLY B 496 16.29 2.32 48.26
CA GLY B 496 17.12 1.68 47.22
C GLY B 496 16.96 0.17 47.16
N GLY B 497 15.94 -0.39 47.84
CA GLY B 497 15.70 -1.84 47.83
C GLY B 497 14.63 -2.24 46.83
N LEU B 498 14.49 -3.55 46.56
CA LEU B 498 13.32 -4.08 45.80
C LEU B 498 12.20 -4.37 46.79
N PRO B 499 10.92 -4.39 46.35
CA PRO B 499 9.81 -4.74 47.24
C PRO B 499 9.74 -6.25 47.49
N ALA B 500 9.40 -6.65 48.72
CA ALA B 500 9.16 -8.07 49.05
C ALA B 500 7.86 -8.54 48.39
N PRO B 501 7.66 -9.85 48.17
CA PRO B 501 6.48 -10.37 47.48
C PRO B 501 5.13 -9.75 47.89
N SER B 502 4.90 -9.55 49.19
CA SER B 502 3.55 -9.18 49.71
C SER B 502 3.50 -7.70 50.11
N ASP B 503 4.43 -6.87 49.63
CA ASP B 503 4.54 -5.46 50.10
C ASP B 503 3.38 -4.62 49.57
N PHE B 504 2.77 -5.00 48.44
CA PHE B 504 1.71 -4.18 47.80
C PHE B 504 0.32 -4.79 48.05
N LYS B 505 0.24 -5.93 48.75
CA LYS B 505 -1.07 -6.62 48.96
C LYS B 505 -1.91 -5.82 49.96
N CYS B 506 -3.21 -5.69 49.66
CA CYS B 506 -4.16 -4.90 50.50
C CYS B 506 -4.94 -5.84 51.41
N PRO B 507 -5.15 -5.49 52.70
CA PRO B 507 -6.00 -6.29 53.58
C PRO B 507 -7.45 -6.38 53.05
N ILE B 508 -8.03 -7.58 53.08
CA ILE B 508 -9.46 -7.78 52.71
C ILE B 508 -10.32 -7.52 53.96
N LYS B 509 -11.06 -6.40 53.97
CA LYS B 509 -11.97 -6.08 55.11
C LYS B 509 -13.18 -7.02 55.06
N GLU B 510 -13.80 -7.15 53.88
CA GLU B 510 -15.07 -7.93 53.73
C GLU B 510 -15.01 -8.74 52.43
N GLU B 511 -15.62 -9.94 52.45
CA GLU B 511 -15.79 -10.75 51.21
C GLU B 511 -17.09 -11.55 51.32
N ILE B 512 -18.15 -11.08 50.65
CA ILE B 512 -19.48 -11.77 50.68
C ILE B 512 -19.61 -12.61 49.40
N ALA B 513 -20.04 -13.86 49.54
CA ALA B 513 -20.40 -14.70 48.37
C ALA B 513 -21.82 -14.36 47.93
N ILE B 514 -21.97 -13.72 46.76
CA ILE B 514 -23.30 -13.30 46.24
C ILE B 514 -24.04 -14.52 45.69
N THR B 515 -23.32 -15.43 45.03
CA THR B 515 -23.92 -16.67 44.46
C THR B 515 -23.11 -17.89 44.93
N SER B 516 -23.71 -19.08 44.85
CA SER B 516 -23.03 -20.34 45.25
C SER B 516 -23.79 -21.54 44.69
N GLY B 517 -23.11 -22.69 44.56
CA GLY B 517 -23.76 -23.95 44.14
C GLY B 517 -23.01 -24.66 43.01
N GLU B 518 -23.57 -25.78 42.54
CA GLU B 518 -22.92 -26.62 41.50
C GLU B 518 -23.31 -26.11 40.11
N TRP B 519 -23.07 -24.82 39.87
CA TRP B 519 -23.42 -24.16 38.58
C TRP B 519 -22.54 -22.90 38.45
N GLU B 520 -22.48 -22.29 37.27
CA GLU B 520 -21.51 -21.17 37.06
C GLU B 520 -22.23 -19.91 36.56
N VAL B 521 -21.71 -18.75 36.98
CA VAL B 521 -22.04 -17.44 36.35
C VAL B 521 -21.20 -17.31 35.07
N LEU B 522 -21.80 -16.78 34.00
CA LEU B 522 -21.10 -16.63 32.69
C LEU B 522 -20.51 -15.22 32.59
N GLY B 523 -19.26 -15.10 32.11
CA GLY B 523 -18.59 -13.78 32.01
C GLY B 523 -17.79 -13.60 30.73
N ARG B 524 -18.13 -14.33 29.66
CA ARG B 524 -17.41 -14.19 28.36
C ARG B 524 -18.41 -14.16 27.19
N HIS B 525 -17.93 -13.83 25.99
CA HIS B 525 -18.73 -13.86 24.74
C HIS B 525 -19.95 -12.94 24.83
N GLY B 526 -19.84 -11.82 25.57
CA GLY B 526 -20.97 -10.87 25.72
C GLY B 526 -21.67 -11.01 27.06
N SER B 527 -21.56 -12.19 27.71
CA SER B 527 -22.13 -12.38 29.07
C SER B 527 -21.41 -11.48 30.07
N ASN B 528 -22.17 -10.72 30.86
CA ASN B 528 -21.60 -9.84 31.91
C ASN B 528 -22.65 -9.68 33.02
N ILE B 529 -22.45 -8.72 33.92
CA ILE B 529 -23.44 -8.41 34.99
C ILE B 529 -23.97 -6.99 34.75
N GLN B 530 -25.22 -6.74 35.15
CA GLN B 530 -25.73 -5.35 35.28
C GLN B 530 -26.01 -5.11 36.77
N VAL B 531 -25.48 -4.02 37.32
CA VAL B 531 -25.62 -3.72 38.77
C VAL B 531 -26.66 -2.60 38.95
N ASP B 532 -27.66 -2.84 39.79
CA ASP B 532 -28.62 -1.79 40.22
C ASP B 532 -28.12 -1.23 41.56
N GLU B 533 -27.44 -0.09 41.53
CA GLU B 533 -26.83 0.49 42.77
C GLU B 533 -27.92 1.08 43.67
N VAL B 534 -29.07 1.45 43.08
CA VAL B 534 -30.21 2.04 43.85
C VAL B 534 -30.86 0.93 44.69
N ARG B 535 -31.25 -0.19 44.06
CA ARG B 535 -31.94 -1.30 44.75
C ARG B 535 -30.92 -2.33 45.28
N ARG B 536 -29.64 -2.13 44.97
CA ARG B 536 -28.54 -3.01 45.47
C ARG B 536 -28.75 -4.44 44.98
N LEU B 537 -29.03 -4.58 43.68
CA LEU B 537 -29.21 -5.91 43.03
C LEU B 537 -28.11 -6.10 41.97
N VAL B 538 -27.85 -7.34 41.59
CA VAL B 538 -26.94 -7.63 40.43
C VAL B 538 -27.64 -8.63 39.51
N TYR B 539 -27.80 -8.27 38.23
CA TYR B 539 -28.33 -9.19 37.20
C TYR B 539 -27.14 -9.95 36.58
N PHE B 540 -27.35 -11.22 36.21
CA PHE B 540 -26.25 -12.05 35.65
C PHE B 540 -26.85 -13.26 34.91
N GLU B 541 -26.05 -13.85 34.01
CA GLU B 541 -26.45 -15.10 33.31
C GLU B 541 -25.75 -16.29 33.99
N GLY B 542 -26.40 -17.45 34.03
CA GLY B 542 -25.82 -18.63 34.71
C GLY B 542 -26.43 -19.94 34.24
N THR B 543 -25.92 -21.05 34.78
CA THR B 543 -26.37 -22.42 34.41
C THR B 543 -27.12 -23.07 35.60
N LYS B 544 -27.64 -22.26 36.52
CA LYS B 544 -28.25 -22.77 37.78
C LYS B 544 -29.34 -23.80 37.46
N ASP B 545 -30.25 -23.49 36.53
CA ASP B 545 -31.38 -24.39 36.20
C ASP B 545 -30.90 -25.62 35.41
N SER B 546 -29.89 -25.44 34.54
CA SER B 546 -29.39 -26.56 33.70
C SER B 546 -28.09 -26.16 33.01
N PRO B 547 -27.13 -27.10 32.81
CA PRO B 547 -25.94 -26.83 32.01
C PRO B 547 -26.26 -26.72 30.50
N LEU B 548 -27.48 -27.10 30.10
CA LEU B 548 -27.91 -27.09 28.67
C LEU B 548 -28.64 -25.78 28.32
N GLU B 549 -28.87 -24.91 29.31
CA GLU B 549 -29.62 -23.64 29.06
C GLU B 549 -28.94 -22.48 29.82
N HIS B 550 -28.68 -21.38 29.11
CA HIS B 550 -28.32 -20.09 29.76
C HIS B 550 -29.61 -19.39 30.21
N HIS B 551 -29.61 -18.79 31.41
CA HIS B 551 -30.80 -18.05 31.90
C HIS B 551 -30.36 -16.76 32.56
N LEU B 552 -31.23 -15.74 32.54
CA LEU B 552 -30.97 -14.46 33.26
C LEU B 552 -31.45 -14.60 34.70
N TYR B 553 -30.63 -14.17 35.65
CA TYR B 553 -30.96 -14.26 37.10
C TYR B 553 -30.75 -12.88 37.74
N VAL B 554 -31.35 -12.69 38.93
CA VAL B 554 -31.11 -11.46 39.74
C VAL B 554 -31.01 -11.86 41.21
N VAL B 555 -30.21 -11.13 41.99
CA VAL B 555 -30.01 -11.41 43.44
C VAL B 555 -29.50 -10.13 44.12
N SER B 556 -29.77 -9.96 45.42
CA SER B 556 -29.20 -8.84 46.20
C SER B 556 -27.70 -9.09 46.42
N TYR B 557 -26.90 -8.02 46.42
CA TYR B 557 -25.45 -8.14 46.76
C TYR B 557 -25.21 -7.65 48.20
N VAL B 558 -26.28 -7.25 48.90
CA VAL B 558 -26.18 -6.86 50.34
C VAL B 558 -26.49 -8.10 51.21
N ASN B 559 -27.72 -8.62 51.13
CA ASN B 559 -28.11 -9.83 51.88
C ASN B 559 -28.46 -10.92 50.86
N PRO B 560 -27.44 -11.59 50.26
CA PRO B 560 -27.68 -12.54 49.17
C PRO B 560 -28.46 -13.78 49.63
N GLY B 561 -29.72 -13.88 49.20
CA GLY B 561 -30.57 -15.05 49.48
C GLY B 561 -30.83 -15.85 48.22
N GLU B 562 -32.10 -16.18 47.94
CA GLU B 562 -32.44 -16.99 46.76
C GLU B 562 -32.23 -16.17 45.49
N VAL B 563 -31.91 -16.85 44.39
CA VAL B 563 -31.71 -16.22 43.06
C VAL B 563 -33.02 -16.34 42.27
N THR B 564 -33.53 -15.22 41.73
CA THR B 564 -34.78 -15.22 40.92
C THR B 564 -34.42 -15.38 39.45
N ARG B 565 -34.90 -16.46 38.82
CA ARG B 565 -34.75 -16.63 37.34
C ARG B 565 -35.79 -15.75 36.63
N LEU B 566 -35.34 -14.93 35.69
CA LEU B 566 -36.22 -13.96 34.97
C LEU B 566 -36.58 -14.48 33.57
N THR B 567 -35.86 -15.50 33.07
CA THR B 567 -36.09 -16.03 31.70
C THR B 567 -36.91 -17.32 31.78
N ASP B 568 -37.70 -17.62 30.74
CA ASP B 568 -38.64 -18.76 30.76
C ASP B 568 -37.89 -20.08 30.52
N ARG B 569 -38.25 -21.12 31.27
CA ARG B 569 -37.65 -22.47 31.12
C ARG B 569 -37.92 -23.01 29.71
N GLY B 570 -37.08 -23.94 29.23
CA GLY B 570 -37.31 -24.62 27.94
C GLY B 570 -36.61 -23.92 26.77
N TYR B 571 -35.83 -22.88 27.05
CA TYR B 571 -35.00 -22.19 26.03
C TYR B 571 -33.63 -21.85 26.64
N SER B 572 -32.60 -21.73 25.80
CA SER B 572 -31.33 -21.07 26.20
C SER B 572 -31.43 -19.58 25.84
N HIS B 573 -30.98 -18.70 26.74
CA HIS B 573 -31.17 -17.23 26.58
C HIS B 573 -29.81 -16.52 26.53
N SER B 574 -29.64 -15.60 25.57
CA SER B 574 -28.57 -14.57 25.60
C SER B 574 -29.23 -13.21 25.84
N CYS B 575 -28.85 -12.52 26.92
CA CYS B 575 -29.66 -11.38 27.42
C CYS B 575 -28.85 -10.08 27.46
N CYS B 576 -29.56 -8.96 27.30
CA CYS B 576 -28.99 -7.60 27.51
C CYS B 576 -29.91 -6.85 28.49
N ILE B 577 -29.35 -6.34 29.60
CA ILE B 577 -30.16 -5.60 30.61
C ILE B 577 -29.96 -4.10 30.38
N SER B 578 -31.05 -3.34 30.34
CA SER B 578 -30.97 -1.85 30.26
C SER B 578 -30.08 -1.31 31.39
N GLN B 579 -29.31 -0.25 31.08
CA GLN B 579 -28.48 0.45 32.10
C GLN B 579 -29.37 0.99 33.22
N HIS B 580 -30.67 1.20 32.95
CA HIS B 580 -31.63 1.71 33.97
C HIS B 580 -32.24 0.54 34.76
N CYS B 581 -31.97 -0.71 34.34
CA CYS B 581 -32.39 -1.93 35.08
C CYS B 581 -33.92 -2.03 35.18
N ASP B 582 -34.64 -1.44 34.22
CA ASP B 582 -36.13 -1.51 34.19
C ASP B 582 -36.60 -2.27 32.94
N PHE B 583 -35.64 -2.82 32.18
CA PHE B 583 -35.93 -3.61 30.95
C PHE B 583 -34.81 -4.63 30.74
N PHE B 584 -35.12 -5.73 30.02
CA PHE B 584 -34.03 -6.61 29.51
C PHE B 584 -34.49 -7.22 28.18
N ILE B 585 -33.53 -7.47 27.30
CA ILE B 585 -33.79 -8.14 26.00
C ILE B 585 -33.23 -9.57 26.08
N SER B 586 -33.94 -10.52 25.48
CA SER B 586 -33.46 -11.93 25.41
C SER B 586 -33.43 -12.39 23.96
N LYS B 587 -32.27 -12.85 23.50
CA LYS B 587 -32.18 -13.66 22.25
C LYS B 587 -32.23 -15.14 22.67
N TYR B 588 -33.34 -15.83 22.37
CA TYR B 588 -33.57 -17.19 22.93
C TYR B 588 -33.93 -18.16 21.81
N SER B 589 -33.64 -19.45 22.05
CA SER B 589 -33.96 -20.54 21.07
C SER B 589 -33.94 -21.88 21.82
N ASN B 590 -34.42 -22.94 21.16
CA ASN B 590 -34.21 -24.33 21.65
C ASN B 590 -34.00 -25.22 20.41
N GLN B 591 -33.85 -26.53 20.63
CA GLN B 591 -33.53 -27.48 19.51
C GLN B 591 -34.57 -27.37 18.39
N LYS B 592 -35.83 -27.04 18.71
CA LYS B 592 -36.93 -27.07 17.71
C LYS B 592 -37.22 -25.68 17.15
N ASN B 593 -36.86 -24.60 17.84
CA ASN B 593 -37.32 -23.23 17.46
C ASN B 593 -36.12 -22.32 17.17
N PRO B 594 -36.04 -21.72 15.96
CA PRO B 594 -35.00 -20.73 15.64
C PRO B 594 -35.01 -19.49 16.54
N HIS B 595 -33.91 -18.73 16.48
CA HIS B 595 -33.64 -17.63 17.45
C HIS B 595 -34.74 -16.56 17.39
N CYS B 596 -35.27 -16.17 18.56
CA CYS B 596 -36.17 -15.00 18.71
C CYS B 596 -35.48 -13.91 19.51
N VAL B 597 -35.92 -12.66 19.38
CA VAL B 597 -35.48 -11.55 20.27
C VAL B 597 -36.72 -10.83 20.78
N SER B 598 -36.91 -10.76 22.10
CA SER B 598 -38.11 -10.14 22.71
C SER B 598 -37.69 -9.15 23.81
N LEU B 599 -38.46 -8.08 23.98
CA LEU B 599 -38.21 -7.07 25.04
C LEU B 599 -39.10 -7.39 26.24
N TYR B 600 -38.54 -7.36 27.46
CA TYR B 600 -39.31 -7.62 28.70
C TYR B 600 -39.14 -6.44 29.66
N LYS B 601 -40.23 -6.04 30.31
CA LYS B 601 -40.18 -4.93 31.31
C LYS B 601 -40.00 -5.52 32.70
N LEU B 602 -39.05 -4.99 33.48
CA LEU B 602 -38.81 -5.42 34.88
C LEU B 602 -39.64 -4.53 35.82
N SER B 603 -40.29 -5.15 36.81
CA SER B 603 -41.12 -4.40 37.80
C SER B 603 -40.80 -4.87 39.22
N SER B 604 -41.01 -4.00 40.20
CA SER B 604 -40.96 -4.36 41.64
C SER B 604 -42.30 -4.03 42.28
N PRO B 605 -42.85 -4.91 43.17
CA PRO B 605 -43.94 -4.49 44.05
C PRO B 605 -43.45 -3.36 44.98
N GLU B 606 -44.32 -2.42 45.34
CA GLU B 606 -43.92 -1.21 46.11
C GLU B 606 -43.30 -1.60 47.45
N ASP B 607 -43.65 -2.79 47.98
CA ASP B 607 -43.27 -3.20 49.36
C ASP B 607 -41.88 -3.83 49.39
N ASP B 608 -41.34 -4.28 48.24
CA ASP B 608 -40.04 -5.00 48.21
C ASP B 608 -39.33 -4.72 46.89
N PRO B 609 -38.44 -3.70 46.83
CA PRO B 609 -37.65 -3.42 45.63
C PRO B 609 -36.69 -4.56 45.27
N THR B 610 -36.34 -5.43 46.24
CA THR B 610 -35.54 -6.66 45.99
C THR B 610 -36.30 -7.62 45.07
N CYS B 611 -37.62 -7.73 45.25
CA CYS B 611 -38.44 -8.67 44.43
C CYS B 611 -38.58 -8.13 43.00
N LYS B 612 -38.24 -8.94 41.99
CA LYS B 612 -38.27 -8.49 40.58
C LYS B 612 -39.17 -9.43 39.78
N THR B 613 -40.15 -8.86 39.06
CA THR B 613 -41.02 -9.63 38.12
C THR B 613 -40.81 -9.08 36.70
N LYS B 614 -41.03 -9.92 35.69
CA LYS B 614 -40.91 -9.48 34.27
C LYS B 614 -42.28 -9.54 33.60
N GLU B 615 -42.45 -8.79 32.50
CA GLU B 615 -43.68 -8.85 31.68
C GLU B 615 -43.28 -8.67 30.21
N PHE B 616 -43.72 -9.57 29.32
CA PHE B 616 -43.49 -9.41 27.86
C PHE B 616 -43.97 -8.02 27.42
N TRP B 617 -43.13 -7.30 26.67
CA TRP B 617 -43.45 -5.91 26.24
C TRP B 617 -43.61 -5.85 24.71
N ALA B 618 -42.64 -6.37 23.97
CA ALA B 618 -42.66 -6.29 22.49
C ALA B 618 -41.72 -7.31 21.86
N THR B 619 -42.05 -7.76 20.65
CA THR B 619 -41.14 -8.58 19.81
C THR B 619 -40.16 -7.67 19.06
N ILE B 620 -38.87 -8.03 19.05
CA ILE B 620 -37.84 -7.31 18.24
C ILE B 620 -37.58 -8.11 16.97
N LEU B 621 -37.33 -9.41 17.11
CA LEU B 621 -37.21 -10.31 15.92
C LEU B 621 -38.09 -11.55 16.14
N ASP B 622 -39.18 -11.65 15.36
CA ASP B 622 -40.05 -12.85 15.37
C ASP B 622 -39.29 -14.00 14.71
N SER B 623 -39.35 -15.21 15.30
CA SER B 623 -38.67 -16.40 14.71
C SER B 623 -39.25 -16.68 13.32
N ALA B 624 -38.43 -17.22 12.42
CA ALA B 624 -38.90 -17.72 11.11
C ALA B 624 -39.91 -18.86 11.33
N GLY B 625 -39.80 -19.55 12.47
CA GLY B 625 -40.65 -20.71 12.79
C GLY B 625 -39.93 -22.01 12.43
N PRO B 626 -40.20 -23.14 13.14
CA PRO B 626 -39.54 -24.41 12.87
C PRO B 626 -39.23 -24.64 11.38
N LEU B 627 -37.95 -24.75 11.05
CA LEU B 627 -37.47 -25.01 9.65
C LEU B 627 -38.21 -26.23 9.10
N PRO B 628 -38.78 -26.18 7.88
CA PRO B 628 -39.65 -27.25 7.39
C PRO B 628 -38.89 -28.48 6.86
N ASP B 629 -37.66 -28.29 6.37
CA ASP B 629 -36.84 -29.39 5.80
C ASP B 629 -35.74 -29.79 6.81
N TYR B 630 -36.01 -29.63 8.12
CA TYR B 630 -34.98 -29.85 9.17
C TYR B 630 -35.59 -30.64 10.33
N THR B 631 -35.03 -31.82 10.61
CA THR B 631 -35.33 -32.60 11.84
C THR B 631 -34.25 -32.30 12.88
N PRO B 632 -34.60 -31.73 14.06
CA PRO B 632 -33.62 -31.54 15.12
C PRO B 632 -33.16 -32.86 15.73
N PRO B 633 -32.04 -32.88 16.48
CA PRO B 633 -31.58 -34.10 17.14
C PRO B 633 -32.20 -34.25 18.54
N GLU B 634 -31.97 -35.39 19.18
CA GLU B 634 -32.39 -35.61 20.59
C GLU B 634 -31.19 -35.36 21.51
N ILE B 635 -31.36 -34.58 22.57
CA ILE B 635 -30.31 -34.47 23.63
C ILE B 635 -30.43 -35.71 24.52
N PHE B 636 -29.35 -36.51 24.58
CA PHE B 636 -29.30 -37.69 25.49
C PHE B 636 -28.21 -37.46 26.53
N SER B 637 -28.10 -38.37 27.50
CA SER B 637 -27.01 -38.31 28.52
C SER B 637 -26.74 -39.72 29.05
N PHE B 638 -25.61 -39.89 29.73
CA PHE B 638 -25.25 -41.20 30.33
C PHE B 638 -24.37 -40.97 31.56
N GLU B 639 -24.55 -41.81 32.59
CA GLU B 639 -23.65 -41.79 33.78
C GLU B 639 -22.33 -42.45 33.37
N SER B 640 -21.26 -41.66 33.28
CA SER B 640 -19.95 -42.14 32.79
C SER B 640 -19.17 -42.81 33.92
N THR B 641 -18.32 -43.78 33.58
CA THR B 641 -17.39 -44.44 34.53
C THR B 641 -16.45 -43.39 35.15
N THR B 642 -16.29 -42.24 34.48
CA THR B 642 -15.43 -41.13 34.99
C THR B 642 -16.07 -40.47 36.22
N GLY B 643 -17.35 -40.75 36.50
CA GLY B 643 -18.05 -40.18 37.67
C GLY B 643 -18.77 -38.90 37.32
N PHE B 644 -19.03 -38.65 36.03
CA PHE B 644 -19.71 -37.42 35.56
C PHE B 644 -20.87 -37.81 34.63
N THR B 645 -21.96 -37.05 34.67
CA THR B 645 -22.99 -37.11 33.60
C THR B 645 -22.42 -36.45 32.34
N LEU B 646 -22.43 -37.16 31.21
CA LEU B 646 -21.97 -36.58 29.91
C LEU B 646 -23.16 -36.47 28.96
N TYR B 647 -23.28 -35.34 28.27
CA TYR B 647 -24.44 -35.07 27.37
C TYR B 647 -24.01 -35.26 25.92
N GLY B 648 -24.98 -35.55 25.05
CA GLY B 648 -24.74 -35.76 23.61
C GLY B 648 -25.96 -35.41 22.78
N MET B 649 -25.80 -35.36 21.46
CA MET B 649 -26.94 -35.15 20.54
C MET B 649 -27.00 -36.31 19.55
N LEU B 650 -28.20 -36.82 19.27
CA LEU B 650 -28.39 -37.95 18.33
C LEU B 650 -29.29 -37.51 17.18
N TYR B 651 -28.77 -37.54 15.95
CA TYR B 651 -29.61 -37.40 14.73
C TYR B 651 -29.89 -38.81 14.20
N LYS B 652 -31.09 -39.35 14.49
CA LYS B 652 -31.51 -40.63 13.87
C LYS B 652 -31.58 -40.43 12.36
N PRO B 653 -31.17 -41.42 11.54
CA PRO B 653 -31.35 -41.32 10.09
C PRO B 653 -32.85 -41.22 9.73
N HIS B 654 -33.17 -40.39 8.73
CA HIS B 654 -34.57 -40.10 8.35
C HIS B 654 -35.19 -41.35 7.70
N ASP B 655 -36.51 -41.53 7.85
CA ASP B 655 -37.22 -42.71 7.29
C ASP B 655 -36.53 -43.98 7.82
N LEU B 656 -36.40 -44.08 9.15
CA LEU B 656 -35.62 -45.16 9.82
C LEU B 656 -36.28 -46.52 9.53
N GLN B 657 -35.55 -47.41 8.84
CA GLN B 657 -36.09 -48.72 8.39
C GLN B 657 -35.78 -49.78 9.46
N PRO B 658 -36.73 -50.68 9.81
CA PRO B 658 -36.47 -51.70 10.82
C PRO B 658 -35.58 -52.84 10.30
N GLY B 659 -34.77 -53.42 11.20
CA GLY B 659 -33.91 -54.57 10.86
C GLY B 659 -32.68 -54.16 10.04
N LYS B 660 -32.33 -52.87 10.03
CA LYS B 660 -31.16 -52.38 9.25
C LYS B 660 -30.26 -51.55 10.16
N LYS B 661 -28.94 -51.76 10.06
CA LYS B 661 -27.93 -50.98 10.82
C LYS B 661 -27.27 -49.98 9.86
N TYR B 662 -27.03 -48.75 10.34
CA TYR B 662 -26.68 -47.61 9.46
C TYR B 662 -25.25 -47.13 9.73
N PRO B 663 -24.58 -46.50 8.74
CA PRO B 663 -23.26 -45.91 8.96
C PRO B 663 -23.37 -44.73 9.93
N THR B 664 -22.39 -44.59 10.82
CA THR B 664 -22.45 -43.55 11.90
C THR B 664 -21.30 -42.56 11.70
N VAL B 665 -21.58 -41.26 11.86
CA VAL B 665 -20.53 -40.21 11.78
C VAL B 665 -20.54 -39.43 13.10
N LEU B 666 -19.38 -39.39 13.77
CA LEU B 666 -19.23 -38.63 15.03
C LEU B 666 -18.64 -37.24 14.70
N PHE B 667 -19.42 -36.17 14.86
CA PHE B 667 -18.86 -34.81 14.74
C PHE B 667 -18.33 -34.40 16.12
N ILE B 668 -17.13 -33.78 16.15
CA ILE B 668 -16.40 -33.59 17.45
C ILE B 668 -15.69 -32.24 17.45
N TYR B 669 -15.72 -31.55 18.60
CA TYR B 669 -14.71 -30.51 18.93
C TYR B 669 -13.89 -31.03 20.11
N GLY B 670 -14.49 -31.12 21.30
CA GLY B 670 -13.91 -31.84 22.45
C GLY B 670 -12.82 -31.06 23.18
N GLY B 671 -12.52 -29.84 22.74
CA GLY B 671 -11.48 -29.01 23.38
C GLY B 671 -12.07 -28.04 24.40
N PRO B 672 -11.24 -27.28 25.14
CA PRO B 672 -11.73 -26.35 26.15
C PRO B 672 -12.43 -25.12 25.54
N GLN B 673 -13.25 -24.44 26.34
CA GLN B 673 -13.89 -23.14 25.99
C GLN B 673 -15.11 -23.36 25.08
N VAL B 674 -15.52 -24.61 24.83
CA VAL B 674 -16.65 -24.87 23.86
C VAL B 674 -17.57 -25.95 24.44
N GLN B 675 -18.88 -25.73 24.29
CA GLN B 675 -19.92 -26.76 24.53
C GLN B 675 -20.78 -26.88 23.26
N LEU B 676 -20.80 -28.06 22.62
CA LEU B 676 -21.61 -28.28 21.40
C LEU B 676 -23.03 -28.71 21.78
N VAL B 677 -23.17 -29.46 22.87
CA VAL B 677 -24.48 -30.06 23.26
C VAL B 677 -25.18 -29.11 24.25
N ASN B 678 -26.25 -28.46 23.79
CA ASN B 678 -27.08 -27.59 24.66
C ASN B 678 -28.45 -27.40 23.99
N ASN B 679 -29.40 -26.78 24.70
CA ASN B 679 -30.78 -26.62 24.21
C ASN B 679 -30.85 -25.34 23.37
N ARG B 680 -30.22 -25.35 22.18
CA ARG B 680 -30.24 -24.21 21.24
C ARG B 680 -30.57 -24.72 19.83
N PHE B 681 -31.00 -23.81 18.94
CA PHE B 681 -31.28 -24.20 17.54
C PHE B 681 -29.97 -24.50 16.82
N LYS B 682 -29.83 -25.74 16.32
CA LYS B 682 -28.62 -26.18 15.57
C LYS B 682 -28.94 -26.24 14.07
N GLY B 683 -30.06 -25.66 13.65
CA GLY B 683 -30.52 -25.76 12.25
C GLY B 683 -29.77 -24.83 11.30
N VAL B 684 -29.02 -23.87 11.84
CA VAL B 684 -28.22 -22.93 10.99
C VAL B 684 -26.80 -23.49 10.85
N LYS B 685 -25.98 -23.37 11.91
CA LYS B 685 -24.53 -23.68 11.80
C LYS B 685 -24.32 -25.18 11.55
N TYR B 686 -25.17 -26.04 12.12
CA TYR B 686 -25.00 -27.51 12.00
C TYR B 686 -26.12 -28.09 11.12
N PHE B 687 -26.57 -27.32 10.13
CA PHE B 687 -27.60 -27.76 9.16
C PHE B 687 -27.16 -29.06 8.47
N ARG B 688 -25.87 -29.19 8.16
CA ARG B 688 -25.36 -30.33 7.34
C ARG B 688 -25.36 -31.64 8.16
N LEU B 689 -25.41 -31.57 9.49
CA LEU B 689 -25.59 -32.81 10.30
C LEU B 689 -26.97 -33.41 9.97
N ASN B 690 -27.99 -32.56 9.84
CA ASN B 690 -29.35 -33.00 9.41
C ASN B 690 -29.28 -33.58 7.99
N THR B 691 -28.50 -32.94 7.10
CA THR B 691 -28.34 -33.41 5.70
C THR B 691 -27.76 -34.83 5.69
N LEU B 692 -26.80 -35.13 6.56
CA LEU B 692 -26.20 -36.48 6.64
C LEU B 692 -27.25 -37.47 7.15
N ALA B 693 -28.03 -37.09 8.17
CA ALA B 693 -29.14 -37.92 8.69
C ALA B 693 -30.15 -38.20 7.56
N SER B 694 -30.44 -37.19 6.73
CA SER B 694 -31.43 -37.33 5.62
C SER B 694 -30.96 -38.35 4.58
N LEU B 695 -29.64 -38.58 4.48
CA LEU B 695 -29.08 -39.55 3.49
C LEU B 695 -28.89 -40.94 4.12
N GLY B 696 -29.06 -41.05 5.45
CA GLY B 696 -29.01 -42.35 6.13
C GLY B 696 -27.76 -42.53 6.98
N TYR B 697 -27.07 -41.45 7.33
CA TYR B 697 -25.98 -41.52 8.34
C TYR B 697 -26.56 -41.24 9.72
N VAL B 698 -26.22 -42.07 10.71
CA VAL B 698 -26.43 -41.69 12.14
C VAL B 698 -25.39 -40.60 12.45
N VAL B 699 -25.81 -39.49 13.07
CA VAL B 699 -24.86 -38.42 13.45
C VAL B 699 -24.86 -38.28 14.97
N VAL B 700 -23.68 -38.37 15.58
CA VAL B 700 -23.53 -38.29 17.07
C VAL B 700 -22.62 -37.10 17.40
N VAL B 701 -22.94 -36.37 18.46
CA VAL B 701 -22.05 -35.32 19.03
C VAL B 701 -22.01 -35.54 20.55
N ILE B 702 -20.82 -35.44 21.16
CA ILE B 702 -20.66 -35.70 22.62
C ILE B 702 -19.71 -34.65 23.20
N ASP B 703 -20.08 -34.04 24.33
CA ASP B 703 -19.18 -33.14 25.09
C ASP B 703 -18.40 -33.95 26.12
N ASN B 704 -17.14 -34.28 25.80
CA ASN B 704 -16.24 -35.03 26.72
C ASN B 704 -15.79 -34.12 27.87
N ARG B 705 -15.16 -34.69 28.89
CA ARG B 705 -14.53 -33.87 29.98
C ARG B 705 -13.60 -32.84 29.32
N GLY B 706 -13.53 -31.63 29.89
CA GLY B 706 -12.73 -30.54 29.29
C GLY B 706 -13.60 -29.47 28.66
N SER B 707 -14.76 -29.85 28.11
CA SER B 707 -15.73 -28.87 27.58
C SER B 707 -16.24 -27.97 28.72
N CYS B 708 -16.85 -26.83 28.37
CA CYS B 708 -17.13 -25.76 29.38
C CYS B 708 -18.57 -25.89 29.92
N HIS B 709 -18.94 -25.00 30.85
CA HIS B 709 -20.31 -24.91 31.43
C HIS B 709 -20.55 -26.06 32.43
N ARG B 710 -19.49 -26.72 32.92
CA ARG B 710 -19.64 -27.84 33.88
C ARG B 710 -18.69 -27.65 35.07
N GLY B 711 -18.09 -26.47 35.22
CA GLY B 711 -17.20 -26.17 36.36
C GLY B 711 -15.74 -26.45 36.06
N LEU B 712 -14.85 -26.04 36.97
CA LEU B 712 -13.39 -26.05 36.74
C LEU B 712 -12.83 -27.48 36.87
N LYS B 713 -13.33 -28.27 37.82
CA LYS B 713 -12.85 -29.67 38.01
C LYS B 713 -13.12 -30.50 36.75
N PHE B 714 -14.30 -30.31 36.15
CA PHE B 714 -14.68 -31.00 34.89
C PHE B 714 -13.77 -30.52 33.75
N GLU B 715 -13.54 -29.21 33.68
CA GLU B 715 -12.67 -28.60 32.63
C GLU B 715 -11.22 -29.06 32.83
N GLY B 716 -10.79 -29.21 34.08
CA GLY B 716 -9.39 -29.51 34.41
C GLY B 716 -9.02 -30.98 34.23
N ALA B 717 -9.95 -31.80 33.72
CA ALA B 717 -9.72 -33.25 33.54
C ALA B 717 -8.47 -33.50 32.67
N PHE B 718 -8.25 -32.69 31.62
CA PHE B 718 -7.12 -32.95 30.69
C PHE B 718 -5.95 -32.00 30.95
N LYS B 719 -5.81 -31.46 32.16
CA LYS B 719 -4.62 -30.64 32.49
C LYS B 719 -3.37 -31.51 32.32
N TYR B 720 -2.41 -31.04 31.50
CA TYR B 720 -1.14 -31.77 31.19
C TYR B 720 -1.37 -32.99 30.29
N LYS B 721 -2.64 -33.31 29.94
CA LYS B 721 -2.98 -34.64 29.38
C LYS B 721 -3.86 -34.49 28.14
N MET B 722 -3.79 -33.37 27.43
CA MET B 722 -4.65 -33.14 26.24
C MET B 722 -4.43 -34.27 25.22
N GLY B 723 -5.52 -34.80 24.66
CA GLY B 723 -5.46 -35.91 23.68
C GLY B 723 -5.51 -37.29 24.32
N GLN B 724 -5.48 -37.38 25.66
CA GLN B 724 -5.36 -38.69 26.35
C GLN B 724 -6.72 -39.19 26.87
N ILE B 725 -7.66 -38.28 27.15
CA ILE B 725 -8.93 -38.67 27.85
C ILE B 725 -10.14 -38.49 26.93
N GLU B 726 -10.04 -37.67 25.89
CA GLU B 726 -11.25 -37.18 25.16
C GLU B 726 -11.93 -38.34 24.43
N ILE B 727 -11.15 -39.19 23.75
CA ILE B 727 -11.73 -40.28 22.89
C ILE B 727 -12.34 -41.37 23.80
N ASP B 728 -11.81 -41.57 25.01
CA ASP B 728 -12.43 -42.51 25.97
C ASP B 728 -13.90 -42.13 26.20
N ASP B 729 -14.17 -40.84 26.41
CA ASP B 729 -15.56 -40.34 26.64
C ASP B 729 -16.39 -40.48 25.36
N GLN B 730 -15.78 -40.20 24.21
CA GLN B 730 -16.51 -40.26 22.90
C GLN B 730 -16.93 -41.70 22.63
N VAL B 731 -16.05 -42.67 22.89
CA VAL B 731 -16.34 -44.11 22.62
C VAL B 731 -17.33 -44.62 23.67
N GLU B 732 -17.15 -44.25 24.95
CA GLU B 732 -18.08 -44.67 26.03
C GLU B 732 -19.51 -44.27 25.64
N GLY B 733 -19.72 -42.99 25.32
CA GLY B 733 -21.05 -42.48 24.92
C GLY B 733 -21.53 -43.13 23.63
N LEU B 734 -20.61 -43.45 22.72
CA LEU B 734 -20.96 -44.10 21.43
C LEU B 734 -21.39 -45.55 21.69
N GLN B 735 -20.66 -46.26 22.56
CA GLN B 735 -21.01 -47.65 22.94
C GLN B 735 -22.31 -47.66 23.75
N TYR B 736 -22.59 -46.57 24.49
CA TYR B 736 -23.89 -46.42 25.21
C TYR B 736 -25.04 -46.37 24.20
N LEU B 737 -24.93 -45.52 23.18
CA LEU B 737 -25.98 -45.40 22.13
C LEU B 737 -26.16 -46.74 21.42
N ALA B 738 -25.05 -47.42 21.12
CA ALA B 738 -25.09 -48.72 20.39
C ALA B 738 -25.91 -49.75 21.18
N SER B 739 -25.77 -49.77 22.51
CA SER B 739 -26.45 -50.78 23.37
C SER B 739 -27.96 -50.53 23.44
N ARG B 740 -28.40 -49.29 23.19
CA ARG B 740 -29.85 -48.92 23.29
C ARG B 740 -30.46 -48.75 21.89
N TYR B 741 -29.64 -48.67 20.84
CA TYR B 741 -30.16 -48.54 19.45
C TYR B 741 -29.38 -49.50 18.53
N ASP B 742 -30.07 -50.50 17.99
CA ASP B 742 -29.42 -51.55 17.15
C ASP B 742 -29.22 -51.04 15.72
N PHE B 743 -29.76 -49.85 15.39
CA PHE B 743 -29.60 -49.27 14.03
C PHE B 743 -28.24 -48.58 13.89
N ILE B 744 -27.44 -48.51 14.96
CA ILE B 744 -26.05 -47.96 14.88
C ILE B 744 -25.09 -49.09 14.51
N ASP B 745 -24.57 -49.06 13.27
CA ASP B 745 -23.55 -50.05 12.82
C ASP B 745 -22.17 -49.57 13.32
N LEU B 746 -21.59 -50.28 14.29
CA LEU B 746 -20.27 -49.91 14.87
C LEU B 746 -19.12 -50.35 13.96
N ASP B 747 -19.40 -51.19 12.95
CA ASP B 747 -18.37 -51.61 11.97
C ASP B 747 -18.16 -50.51 10.92
N ARG B 748 -19.00 -49.47 10.91
CA ARG B 748 -18.85 -48.34 9.96
C ARG B 748 -19.05 -47.01 10.71
N VAL B 749 -18.05 -46.60 11.50
CA VAL B 749 -18.12 -45.30 12.26
C VAL B 749 -17.04 -44.36 11.72
N GLY B 750 -17.46 -43.16 11.26
CA GLY B 750 -16.51 -42.09 10.89
C GLY B 750 -16.41 -41.04 11.98
N ILE B 751 -15.36 -40.22 11.95
CA ILE B 751 -15.21 -39.08 12.90
C ILE B 751 -14.74 -37.85 12.12
N HIS B 752 -15.26 -36.67 12.45
CA HIS B 752 -14.88 -35.41 11.75
C HIS B 752 -14.93 -34.22 12.71
N GLY B 753 -13.96 -33.33 12.61
CA GLY B 753 -13.91 -32.10 13.44
C GLY B 753 -12.95 -31.09 12.87
N TRP B 754 -13.01 -29.85 13.37
CA TRP B 754 -12.12 -28.75 12.91
C TRP B 754 -11.32 -28.20 14.10
N SER B 755 -10.08 -27.79 13.84
CA SER B 755 -9.19 -27.24 14.90
C SER B 755 -8.94 -28.31 15.97
N TYR B 756 -9.39 -28.10 17.22
CA TYR B 756 -9.29 -29.16 18.26
C TYR B 756 -10.06 -30.40 17.79
N GLY B 757 -11.17 -30.19 17.07
CA GLY B 757 -11.95 -31.29 16.48
C GLY B 757 -11.13 -32.13 15.52
N GLY B 758 -10.35 -31.49 14.65
CA GLY B 758 -9.47 -32.23 13.71
C GLY B 758 -8.36 -32.95 14.47
N TYR B 759 -7.84 -32.32 15.52
CA TYR B 759 -6.83 -32.93 16.42
C TYR B 759 -7.38 -34.23 17.01
N LEU B 760 -8.60 -34.20 17.56
CA LEU B 760 -9.18 -35.41 18.21
C LEU B 760 -9.60 -36.43 17.15
N SER B 761 -9.98 -35.98 15.95
CA SER B 761 -10.25 -36.92 14.83
C SER B 761 -8.99 -37.75 14.54
N LEU B 762 -7.82 -37.12 14.59
CA LEU B 762 -6.53 -37.83 14.37
C LEU B 762 -6.22 -38.73 15.57
N MET B 763 -6.39 -38.23 16.80
CA MET B 763 -6.16 -39.06 18.01
C MET B 763 -7.10 -40.26 18.01
N ALA B 764 -8.36 -40.06 17.56
CA ALA B 764 -9.35 -41.17 17.49
C ALA B 764 -8.87 -42.27 16.55
N LEU B 765 -8.30 -41.90 15.40
CA LEU B 765 -7.82 -42.90 14.40
C LEU B 765 -6.54 -43.59 14.91
N MET B 766 -5.64 -42.82 15.54
CA MET B 766 -4.39 -43.41 16.12
C MET B 766 -4.75 -44.40 17.23
N GLN B 767 -5.49 -43.92 18.23
CA GLN B 767 -5.74 -44.66 19.49
C GLN B 767 -6.75 -45.79 19.24
N ARG B 768 -7.83 -45.51 18.52
CA ARG B 768 -9.00 -46.44 18.46
C ARG B 768 -9.37 -46.75 17.00
N SER B 769 -8.43 -47.32 16.24
CA SER B 769 -8.73 -47.79 14.85
C SER B 769 -9.71 -48.98 14.88
N ASP B 770 -9.85 -49.64 16.04
CA ASP B 770 -10.88 -50.69 16.23
C ASP B 770 -12.29 -50.06 16.15
N ILE B 771 -12.44 -48.81 16.62
CA ILE B 771 -13.77 -48.13 16.65
C ILE B 771 -13.99 -47.35 15.35
N PHE B 772 -13.01 -46.52 14.95
CA PHE B 772 -13.20 -45.52 13.87
C PHE B 772 -12.65 -46.05 12.55
N ARG B 773 -13.52 -46.15 11.55
CA ARG B 773 -13.16 -46.64 10.19
C ARG B 773 -12.42 -45.52 9.44
N VAL B 774 -12.99 -44.31 9.43
CA VAL B 774 -12.35 -43.14 8.74
C VAL B 774 -12.29 -41.97 9.72
N ALA B 775 -11.30 -41.08 9.53
CA ALA B 775 -11.19 -39.81 10.29
C ALA B 775 -10.95 -38.67 9.29
N ILE B 776 -11.73 -37.60 9.39
CA ILE B 776 -11.50 -36.38 8.57
C ILE B 776 -11.09 -35.25 9.52
N ALA B 777 -9.85 -34.79 9.42
CA ALA B 777 -9.28 -33.79 10.35
C ALA B 777 -9.12 -32.44 9.65
N GLY B 778 -9.78 -31.40 10.17
CA GLY B 778 -9.67 -30.04 9.60
C GLY B 778 -8.80 -29.14 10.46
N ALA B 779 -7.80 -28.51 9.84
CA ALA B 779 -6.89 -27.56 10.54
C ALA B 779 -6.48 -28.13 11.90
N PRO B 780 -5.94 -29.36 11.97
CA PRO B 780 -5.64 -29.99 13.25
C PRO B 780 -4.33 -29.50 13.89
N VAL B 781 -4.31 -29.41 15.23
CA VAL B 781 -3.02 -29.34 15.97
C VAL B 781 -2.37 -30.72 15.91
N THR B 782 -1.14 -30.80 15.42
CA THR B 782 -0.35 -32.06 15.36
C THR B 782 0.89 -31.97 16.26
N LEU B 783 1.26 -30.76 16.69
CA LEU B 783 2.44 -30.51 17.57
C LEU B 783 2.09 -29.35 18.50
N TRP B 784 1.99 -29.60 19.81
CA TRP B 784 1.63 -28.53 20.77
C TRP B 784 2.78 -27.52 20.89
N ILE B 785 4.02 -27.93 20.57
CA ILE B 785 5.19 -26.99 20.52
C ILE B 785 4.94 -25.89 19.48
N PHE B 786 4.14 -26.18 18.44
CA PHE B 786 3.84 -25.20 17.36
C PHE B 786 2.75 -24.20 17.78
N TYR B 787 1.98 -24.48 18.82
CA TYR B 787 0.86 -23.57 19.19
C TYR B 787 1.36 -22.51 20.17
N ASP B 788 0.55 -21.47 20.42
CA ASP B 788 1.03 -20.21 21.07
C ASP B 788 1.12 -20.38 22.59
N THR B 789 1.76 -19.41 23.25
CA THR B 789 2.05 -19.47 24.71
C THR B 789 0.75 -19.42 25.52
N GLY B 790 -0.09 -18.42 25.28
CA GLY B 790 -1.26 -18.12 26.12
C GLY B 790 -2.20 -19.32 26.26
N TYR B 791 -2.38 -20.07 25.18
CA TYR B 791 -3.32 -21.22 25.18
C TYR B 791 -2.65 -22.47 25.76
N THR B 792 -1.58 -22.96 25.11
CA THR B 792 -1.11 -24.34 25.39
C THR B 792 -0.41 -24.39 26.76
N GLU B 793 0.24 -23.31 27.21
CA GLU B 793 0.87 -23.30 28.57
C GLU B 793 -0.22 -23.31 29.65
N ARG B 794 -1.40 -22.74 29.37
CA ARG B 794 -2.53 -22.75 30.33
C ARG B 794 -2.92 -24.19 30.66
N TYR B 795 -3.09 -25.04 29.63
CA TYR B 795 -3.67 -26.40 29.80
C TYR B 795 -2.56 -27.46 29.93
N MET B 796 -1.37 -27.20 29.36
CA MET B 796 -0.31 -28.25 29.28
C MET B 796 0.96 -27.84 30.03
N GLY B 797 1.00 -26.62 30.60
CA GLY B 797 2.22 -26.11 31.26
C GLY B 797 3.35 -25.90 30.27
N HIS B 798 4.54 -25.61 30.79
CA HIS B 798 5.75 -25.35 29.94
C HIS B 798 6.26 -26.68 29.39
N PRO B 799 6.65 -26.78 28.10
CA PRO B 799 7.15 -28.03 27.53
C PRO B 799 8.29 -28.69 28.33
N ASP B 800 9.15 -27.87 28.95
CA ASP B 800 10.31 -28.36 29.75
C ASP B 800 9.83 -29.17 30.96
N GLN B 801 8.62 -28.88 31.48
CA GLN B 801 8.14 -29.51 32.74
C GLN B 801 7.00 -30.51 32.46
N ASN B 802 6.80 -30.88 31.20
CA ASN B 802 5.74 -31.86 30.83
C ASN B 802 6.10 -32.46 29.46
N GLU B 803 7.28 -33.06 29.35
CA GLU B 803 7.74 -33.68 28.08
C GLU B 803 6.78 -34.80 27.66
N GLN B 804 6.32 -35.60 28.64
CA GLN B 804 5.43 -36.77 28.34
C GLN B 804 4.07 -36.28 27.82
N GLY B 805 3.52 -35.23 28.44
CA GLY B 805 2.22 -34.67 27.99
C GLY B 805 2.29 -34.13 26.58
N TYR B 806 3.33 -33.35 26.27
CA TYR B 806 3.50 -32.78 24.90
C TYR B 806 3.69 -33.93 23.89
N TYR B 807 4.43 -34.98 24.28
CA TYR B 807 4.70 -36.11 23.35
C TYR B 807 3.39 -36.87 23.07
N LEU B 808 2.73 -37.35 24.12
CA LEU B 808 1.50 -38.19 23.98
C LEU B 808 0.39 -37.39 23.31
N GLY B 809 0.33 -36.07 23.55
CA GLY B 809 -0.73 -35.21 22.99
C GLY B 809 -0.39 -34.66 21.60
N SER B 810 0.78 -35.01 21.05
CA SER B 810 1.18 -34.51 19.70
C SER B 810 1.10 -35.66 18.69
N VAL B 811 0.21 -35.54 17.69
CA VAL B 811 -0.08 -36.70 16.78
C VAL B 811 1.12 -36.90 15.84
N ALA B 812 1.82 -35.81 15.47
CA ALA B 812 2.93 -35.88 14.49
C ALA B 812 4.14 -36.61 15.08
N MET B 813 4.23 -36.70 16.42
CA MET B 813 5.32 -37.46 17.08
C MET B 813 4.95 -38.95 17.18
N GLN B 814 3.76 -39.34 16.70
CA GLN B 814 3.26 -40.73 16.83
C GLN B 814 2.72 -41.22 15.47
N ALA B 815 3.39 -40.86 14.38
CA ALA B 815 2.89 -41.13 13.00
C ALA B 815 2.84 -42.64 12.73
N GLU B 816 3.68 -43.43 13.40
CA GLU B 816 3.74 -44.90 13.19
C GLU B 816 2.45 -45.57 13.67
N LYS B 817 1.70 -44.92 14.56
CA LYS B 817 0.44 -45.51 15.12
C LYS B 817 -0.74 -45.36 14.16
N PHE B 818 -0.57 -44.63 13.05
CA PHE B 818 -1.65 -44.50 12.04
C PHE B 818 -1.80 -45.81 11.27
N PRO B 819 -2.98 -46.07 10.66
CA PRO B 819 -3.19 -47.30 9.90
C PRO B 819 -2.34 -47.38 8.62
N SER B 820 -1.98 -48.60 8.21
CA SER B 820 -1.34 -48.84 6.89
C SER B 820 -2.42 -49.22 5.86
N GLU B 821 -3.64 -48.71 6.05
CA GLU B 821 -4.75 -48.90 5.07
C GLU B 821 -5.18 -47.53 4.55
N PRO B 822 -5.18 -47.31 3.22
CA PRO B 822 -5.66 -46.05 2.66
C PRO B 822 -7.19 -45.91 2.80
N ASN B 823 -7.72 -44.73 2.46
CA ASN B 823 -9.18 -44.45 2.49
C ASN B 823 -9.67 -44.42 3.95
N ARG B 824 -8.81 -44.04 4.89
CA ARG B 824 -9.19 -43.93 6.32
C ARG B 824 -8.81 -42.55 6.89
N LEU B 825 -7.84 -41.86 6.27
CA LEU B 825 -7.34 -40.56 6.80
C LEU B 825 -7.51 -39.48 5.73
N LEU B 826 -8.36 -38.47 6.00
CA LEU B 826 -8.45 -37.27 5.14
C LEU B 826 -8.02 -36.05 5.97
N LEU B 827 -7.01 -35.32 5.51
CA LEU B 827 -6.57 -34.07 6.18
C LEU B 827 -7.09 -32.87 5.36
N LEU B 828 -7.73 -31.91 6.04
CA LEU B 828 -8.20 -30.65 5.41
C LEU B 828 -7.46 -29.48 6.08
N HIS B 829 -7.11 -28.44 5.32
CA HIS B 829 -6.42 -27.28 5.94
C HIS B 829 -6.52 -26.03 5.05
N GLY B 830 -6.84 -24.89 5.65
CA GLY B 830 -6.63 -23.59 5.00
C GLY B 830 -5.15 -23.30 4.85
N PHE B 831 -4.71 -23.00 3.62
CA PHE B 831 -3.26 -22.82 3.33
C PHE B 831 -2.74 -21.55 4.02
N LEU B 832 -3.62 -20.57 4.25
CA LEU B 832 -3.24 -19.23 4.79
C LEU B 832 -3.45 -19.17 6.30
N ASP B 833 -3.67 -20.31 6.96
CA ASP B 833 -4.02 -20.34 8.41
C ASP B 833 -2.87 -19.76 9.24
N GLU B 834 -3.11 -18.65 9.94
CA GLU B 834 -2.09 -18.00 10.81
C GLU B 834 -2.30 -18.43 12.27
N ASN B 835 -3.36 -19.20 12.54
CA ASN B 835 -3.69 -19.65 13.91
C ASN B 835 -3.11 -21.06 14.10
N VAL B 836 -3.72 -22.07 13.45
CA VAL B 836 -3.10 -23.43 13.35
C VAL B 836 -2.30 -23.46 12.05
N HIS B 837 -0.99 -23.18 12.14
CA HIS B 837 -0.13 -23.03 10.93
C HIS B 837 -0.26 -24.29 10.06
N PHE B 838 -0.19 -24.13 8.74
CA PHE B 838 -0.24 -25.29 7.81
C PHE B 838 0.91 -26.27 8.12
N ALA B 839 1.97 -25.76 8.74
CA ALA B 839 3.14 -26.60 9.16
C ALA B 839 2.67 -27.79 10.01
N HIS B 840 1.61 -27.62 10.81
CA HIS B 840 1.00 -28.76 11.57
C HIS B 840 0.71 -29.93 10.61
N THR B 841 0.08 -29.63 9.47
CA THR B 841 -0.25 -30.67 8.47
C THR B 841 1.03 -31.10 7.73
N SER B 842 1.84 -30.15 7.26
CA SER B 842 3.02 -30.47 6.43
C SER B 842 3.98 -31.38 7.21
N ILE B 843 4.22 -31.10 8.50
CA ILE B 843 5.18 -31.92 9.30
C ILE B 843 4.57 -33.28 9.61
N LEU B 844 3.24 -33.36 9.79
CA LEU B 844 2.56 -34.67 9.99
C LEU B 844 2.75 -35.51 8.72
N LEU B 845 2.52 -34.92 7.55
CA LEU B 845 2.76 -35.63 6.25
C LEU B 845 4.24 -36.04 6.17
N SER B 846 5.15 -35.17 6.59
CA SER B 846 6.60 -35.52 6.62
C SER B 846 6.81 -36.86 7.34
N PHE B 847 6.20 -37.02 8.51
CA PHE B 847 6.39 -38.24 9.35
C PHE B 847 5.54 -39.41 8.83
N LEU B 848 4.37 -39.12 8.23
CA LEU B 848 3.53 -40.17 7.60
C LEU B 848 4.27 -40.76 6.39
N VAL B 849 4.95 -39.91 5.61
CA VAL B 849 5.74 -40.38 4.43
C VAL B 849 6.91 -41.22 4.94
N ARG B 850 7.62 -40.74 5.96
CA ARG B 850 8.77 -41.49 6.56
C ARG B 850 8.28 -42.83 7.11
N ALA B 851 7.11 -42.85 7.76
CA ALA B 851 6.56 -44.10 8.34
C ALA B 851 5.82 -44.93 7.28
N GLY B 852 5.85 -44.51 6.00
CA GLY B 852 5.24 -45.26 4.90
C GLY B 852 3.74 -45.41 5.05
N LYS B 853 3.05 -44.36 5.54
CA LYS B 853 1.59 -44.43 5.82
C LYS B 853 0.83 -43.67 4.75
N PRO B 854 -0.36 -44.18 4.31
CA PRO B 854 -1.17 -43.49 3.31
C PRO B 854 -2.01 -42.36 3.92
N TYR B 855 -2.42 -41.40 3.07
CA TYR B 855 -3.27 -40.27 3.50
C TYR B 855 -3.94 -39.64 2.28
N ASP B 856 -5.10 -39.00 2.49
CA ASP B 856 -5.69 -38.10 1.47
C ASP B 856 -5.62 -36.66 2.00
N LEU B 857 -5.42 -35.69 1.11
CA LEU B 857 -5.22 -34.28 1.53
C LEU B 857 -6.04 -33.35 0.63
N GLN B 858 -6.76 -32.41 1.24
CA GLN B 858 -7.39 -31.28 0.51
C GLN B 858 -6.87 -29.97 1.13
N ILE B 859 -6.43 -29.05 0.27
CA ILE B 859 -5.96 -27.70 0.72
C ILE B 859 -6.99 -26.67 0.25
N TYR B 860 -7.21 -25.62 1.06
CA TYR B 860 -8.08 -24.48 0.69
C TYR B 860 -7.18 -23.25 0.57
N PRO B 861 -6.59 -22.99 -0.62
CA PRO B 861 -5.58 -21.94 -0.80
C PRO B 861 -6.03 -20.51 -0.44
N GLN B 862 -7.34 -20.24 -0.47
CA GLN B 862 -7.87 -18.88 -0.19
C GLN B 862 -8.22 -18.70 1.28
N GLU B 863 -8.20 -19.78 2.08
CA GLU B 863 -8.80 -19.74 3.45
C GLU B 863 -7.72 -19.69 4.54
N ARG B 864 -8.05 -19.05 5.67
CA ARG B 864 -7.23 -19.08 6.90
C ARG B 864 -7.77 -20.19 7.83
N HIS B 865 -8.07 -19.88 9.09
CA HIS B 865 -8.46 -20.95 10.06
C HIS B 865 -9.91 -21.40 9.81
N SER B 866 -10.80 -20.48 9.45
CA SER B 866 -12.19 -20.83 9.07
C SER B 866 -12.38 -20.70 7.55
N ILE B 867 -13.52 -21.16 7.04
CA ILE B 867 -13.83 -21.06 5.58
C ILE B 867 -14.79 -19.89 5.37
N ARG B 868 -14.35 -18.88 4.61
CA ARG B 868 -15.12 -17.61 4.40
C ARG B 868 -15.65 -17.53 2.97
N VAL B 869 -14.85 -17.93 1.97
CA VAL B 869 -15.28 -17.89 0.54
C VAL B 869 -16.32 -18.99 0.32
N PRO B 870 -17.52 -18.67 -0.21
CA PRO B 870 -18.57 -19.66 -0.42
C PRO B 870 -18.15 -20.85 -1.31
N GLU B 871 -17.39 -20.56 -2.38
CA GLU B 871 -16.90 -21.61 -3.31
C GLU B 871 -16.07 -22.65 -2.55
N SER B 872 -15.26 -22.20 -1.58
CA SER B 872 -14.44 -23.11 -0.75
C SER B 872 -15.35 -24.00 0.12
N GLY B 873 -16.36 -23.40 0.75
CA GLY B 873 -17.31 -24.14 1.61
C GLY B 873 -18.10 -25.17 0.81
N GLU B 874 -18.61 -24.77 -0.36
CA GLU B 874 -19.34 -25.70 -1.26
C GLU B 874 -18.45 -26.90 -1.60
N HIS B 875 -17.18 -26.64 -1.92
CA HIS B 875 -16.22 -27.72 -2.27
C HIS B 875 -15.92 -28.58 -1.04
N TYR B 876 -15.73 -27.97 0.13
CA TYR B 876 -15.50 -28.71 1.39
C TYR B 876 -16.67 -29.66 1.65
N GLU B 877 -17.91 -29.14 1.56
CA GLU B 877 -19.13 -29.95 1.83
C GLU B 877 -19.26 -31.06 0.77
N LEU B 878 -19.05 -30.71 -0.50
CA LEU B 878 -19.17 -31.69 -1.62
C LEU B 878 -18.13 -32.80 -1.42
N HIS B 879 -16.87 -32.44 -1.16
CA HIS B 879 -15.79 -33.44 -1.03
C HIS B 879 -16.02 -34.33 0.20
N LEU B 880 -16.41 -33.73 1.34
CA LEU B 880 -16.63 -34.51 2.59
C LEU B 880 -17.79 -35.50 2.39
N LEU B 881 -18.87 -35.04 1.75
CA LEU B 881 -20.05 -35.90 1.50
C LEU B 881 -19.65 -37.06 0.57
N HIS B 882 -18.87 -36.75 -0.47
CA HIS B 882 -18.40 -37.78 -1.44
C HIS B 882 -17.42 -38.74 -0.76
N TYR B 883 -16.57 -38.24 0.14
CA TYR B 883 -15.56 -39.09 0.83
C TYR B 883 -16.26 -40.07 1.76
N LEU B 884 -17.25 -39.59 2.53
CA LEU B 884 -18.05 -40.46 3.43
C LEU B 884 -18.79 -41.53 2.60
N GLN B 885 -19.42 -41.10 1.50
CA GLN B 885 -20.11 -42.03 0.58
C GLN B 885 -19.16 -43.16 0.16
N GLU B 886 -18.02 -42.80 -0.42
CA GLU B 886 -17.13 -43.79 -1.10
C GLU B 886 -16.35 -44.64 -0.08
N ASN B 887 -16.14 -44.14 1.16
CA ASN B 887 -15.23 -44.82 2.12
C ASN B 887 -15.94 -45.18 3.43
N LEU B 888 -17.26 -44.98 3.55
CA LEU B 888 -17.97 -45.34 4.81
C LEU B 888 -19.41 -45.80 4.54
N GLY B 889 -20.19 -45.03 3.77
CA GLY B 889 -21.65 -45.22 3.70
C GLY B 889 -22.10 -46.21 2.62
N SER B 890 -21.55 -46.09 1.41
CA SER B 890 -22.11 -46.80 0.22
C SER B 890 -21.78 -48.30 0.26
N ARG B 891 -22.37 -49.07 -0.65
CA ARG B 891 -22.04 -50.51 -0.83
C ARG B 891 -20.60 -50.64 -1.34
N ILE B 892 -20.21 -49.73 -2.25
CA ILE B 892 -18.88 -49.81 -2.93
C ILE B 892 -17.79 -49.56 -1.89
N ALA B 893 -18.11 -48.81 -0.82
CA ALA B 893 -17.20 -48.64 0.34
C ALA B 893 -16.92 -50.00 1.00
N ALA B 894 -17.95 -50.84 1.14
CA ALA B 894 -17.79 -52.18 1.77
C ALA B 894 -17.01 -53.11 0.84
N LEU B 895 -17.25 -53.01 -0.48
CA LEU B 895 -16.52 -53.85 -1.48
C LEU B 895 -15.04 -53.47 -1.50
N LYS B 896 -14.72 -52.20 -1.27
CA LYS B 896 -13.30 -51.71 -1.33
C LYS B 896 -12.47 -52.33 -0.21
N VAL B 897 -13.07 -52.64 0.95
CA VAL B 897 -12.30 -53.12 2.14
C VAL B 897 -11.64 -54.45 1.79
N ILE B 898 -10.38 -54.64 2.23
CA ILE B 898 -9.59 -55.86 1.91
C ILE B 898 -9.44 -56.70 3.18
N LEU C 48 -12.72 -59.33 -27.19
CA LEU C 48 -11.54 -59.30 -26.26
C LEU C 48 -12.01 -58.99 -24.83
N GLU C 49 -11.54 -59.78 -23.87
CA GLU C 49 -11.97 -59.66 -22.44
C GLU C 49 -10.95 -58.80 -21.70
N PRO C 50 -11.37 -57.89 -20.79
CA PRO C 50 -10.44 -56.97 -20.14
C PRO C 50 -9.61 -57.66 -19.02
N PHE C 51 -8.28 -57.53 -19.08
CA PHE C 51 -7.41 -58.04 -17.98
C PHE C 51 -7.51 -57.10 -16.78
N TYR C 52 -7.56 -57.67 -15.57
CA TYR C 52 -7.56 -56.87 -14.32
C TYR C 52 -6.35 -57.29 -13.48
N VAL C 53 -5.61 -56.30 -12.96
CA VAL C 53 -4.34 -56.58 -12.22
C VAL C 53 -4.70 -57.14 -10.84
N GLU C 54 -3.84 -58.01 -10.29
CA GLU C 54 -4.04 -58.53 -8.92
C GLU C 54 -4.19 -57.34 -7.97
N ARG C 55 -5.30 -57.29 -7.22
CA ARG C 55 -5.53 -56.20 -6.23
C ARG C 55 -4.84 -56.57 -4.91
N TYR C 56 -3.68 -55.98 -4.65
CA TYR C 56 -2.95 -56.18 -3.37
C TYR C 56 -3.29 -55.04 -2.40
N SER C 57 -3.09 -55.28 -1.10
CA SER C 57 -3.24 -54.22 -0.07
C SER C 57 -2.07 -53.23 -0.17
N TRP C 58 -2.15 -52.12 0.56
CA TRP C 58 -1.04 -51.13 0.65
C TRP C 58 0.21 -51.81 1.22
N SER C 59 0.07 -52.56 2.32
CA SER C 59 1.21 -53.29 2.96
C SER C 59 1.83 -54.29 1.98
N GLN C 60 1.00 -54.96 1.17
CA GLN C 60 1.48 -56.00 0.22
C GLN C 60 2.26 -55.34 -0.93
N LEU C 61 1.75 -54.23 -1.47
CA LEU C 61 2.46 -53.48 -2.53
C LEU C 61 3.79 -52.94 -1.98
N LYS C 62 3.80 -52.49 -0.72
CA LYS C 62 5.06 -52.00 -0.09
C LYS C 62 6.10 -53.14 -0.07
N LYS C 63 5.67 -54.35 0.31
CA LYS C 63 6.58 -55.53 0.34
C LYS C 63 6.98 -55.92 -1.09
N LEU C 64 6.04 -55.90 -2.03
CA LEU C 64 6.36 -56.20 -3.46
C LEU C 64 7.43 -55.22 -3.96
N LEU C 65 7.27 -53.92 -3.67
CA LEU C 65 8.22 -52.89 -4.16
C LEU C 65 9.57 -53.00 -3.43
N ALA C 66 9.55 -53.38 -2.15
CA ALA C 66 10.80 -53.53 -1.37
C ALA C 66 11.61 -54.73 -1.88
N ASP C 67 10.94 -55.84 -2.17
CA ASP C 67 11.62 -57.10 -2.62
C ASP C 67 12.26 -56.89 -4.00
N THR C 68 11.54 -56.25 -4.93
CA THR C 68 12.04 -56.03 -6.31
C THR C 68 13.07 -54.89 -6.36
N ARG C 69 13.20 -54.11 -5.27
CA ARG C 69 14.15 -52.96 -5.23
C ARG C 69 15.59 -53.48 -5.11
N LYS C 70 15.78 -54.61 -4.41
CA LYS C 70 17.13 -55.24 -4.30
C LYS C 70 17.43 -56.01 -5.60
N ALA C 77 25.50 -47.04 -7.95
CA ALA C 77 26.96 -46.91 -8.18
C ALA C 77 27.20 -45.92 -9.34
N LYS C 78 27.83 -44.77 -9.03
CA LYS C 78 28.15 -43.76 -10.07
C LYS C 78 29.27 -44.30 -10.96
N ALA C 79 29.04 -44.36 -12.27
CA ALA C 79 30.07 -44.81 -13.25
C ALA C 79 31.23 -43.81 -13.24
N PRO C 80 32.47 -44.25 -13.55
CA PRO C 80 33.61 -43.34 -13.64
C PRO C 80 33.37 -42.17 -14.60
N HIS C 81 33.88 -40.98 -14.23
CA HIS C 81 33.70 -39.75 -15.06
C HIS C 81 34.84 -38.77 -14.75
N ASP C 82 34.90 -37.67 -15.52
CA ASP C 82 35.98 -36.64 -15.37
C ASP C 82 37.34 -37.32 -15.51
N PHE C 83 37.58 -37.98 -16.64
CA PHE C 83 38.86 -38.68 -16.88
C PHE C 83 39.94 -37.65 -17.25
N MET C 84 41.18 -37.92 -16.82
CA MET C 84 42.34 -37.08 -17.20
C MET C 84 43.56 -37.99 -17.42
N PHE C 85 44.23 -37.85 -18.57
CA PHE C 85 45.38 -38.71 -18.92
C PHE C 85 46.69 -37.97 -18.60
N VAL C 86 47.54 -38.57 -17.77
CA VAL C 86 48.89 -38.00 -17.46
C VAL C 86 49.94 -39.00 -17.94
N LYS C 87 50.85 -38.56 -18.82
CA LYS C 87 51.94 -39.42 -19.33
C LYS C 87 52.91 -39.76 -18.19
N ARG C 88 53.44 -40.99 -18.17
CA ARG C 88 54.42 -41.41 -17.13
C ARG C 88 55.82 -40.89 -17.51
N ASN C 89 56.14 -40.87 -18.81
CA ASN C 89 57.50 -40.50 -19.29
C ASN C 89 58.55 -41.39 -18.59
N ASP C 90 58.33 -42.70 -18.62
CA ASP C 90 59.20 -43.68 -17.91
C ASP C 90 59.62 -44.77 -18.90
N PRO C 91 60.70 -44.54 -19.69
CA PRO C 91 61.14 -45.51 -20.71
C PRO C 91 61.29 -46.97 -20.21
N ASP C 92 61.75 -47.17 -18.97
CA ASP C 92 61.99 -48.53 -18.43
C ASP C 92 60.71 -49.09 -17.81
N GLY C 93 59.76 -48.23 -17.42
CA GLY C 93 58.53 -48.67 -16.72
C GLY C 93 57.53 -49.33 -17.67
N PRO C 94 56.58 -50.13 -17.14
CA PRO C 94 55.61 -50.83 -17.99
C PRO C 94 54.38 -50.00 -18.41
N HIS C 95 54.25 -48.75 -17.91
CA HIS C 95 53.01 -47.95 -18.10
C HIS C 95 53.30 -46.69 -18.92
N SER C 96 52.42 -46.40 -19.89
CA SER C 96 52.53 -45.18 -20.75
C SER C 96 51.82 -44.00 -20.08
N ASP C 97 50.66 -44.26 -19.48
CA ASP C 97 49.79 -43.18 -18.93
C ASP C 97 49.27 -43.59 -17.54
N ARG C 98 48.95 -42.59 -16.71
CA ARG C 98 48.04 -42.79 -15.55
C ARG C 98 46.76 -42.03 -15.84
N ILE C 99 45.60 -42.71 -15.72
CA ILE C 99 44.29 -42.01 -15.84
C ILE C 99 43.76 -41.74 -14.42
N TYR C 100 43.23 -40.53 -14.20
CA TYR C 100 42.52 -40.19 -12.95
C TYR C 100 41.04 -39.96 -13.28
N TYR C 101 40.14 -40.35 -12.38
CA TYR C 101 38.68 -40.20 -12.59
C TYR C 101 37.95 -40.15 -11.25
N LEU C 102 36.79 -39.49 -11.24
CA LEU C 102 35.85 -39.55 -10.08
C LEU C 102 34.92 -40.75 -10.25
N ALA C 103 34.59 -41.43 -9.15
CA ALA C 103 33.69 -42.62 -9.22
C ALA C 103 33.25 -43.04 -7.82
N MET C 104 32.28 -43.97 -7.77
CA MET C 104 31.97 -44.74 -6.53
C MET C 104 32.42 -46.20 -6.75
N SER C 105 33.25 -46.72 -5.84
CA SER C 105 33.74 -48.13 -5.90
C SER C 105 32.60 -49.12 -5.56
N GLY C 106 31.51 -48.64 -4.93
CA GLY C 106 30.44 -49.52 -4.44
C GLY C 106 29.05 -48.94 -4.67
N GLU C 107 28.01 -49.71 -4.34
CA GLU C 107 26.60 -49.31 -4.58
C GLU C 107 26.19 -48.19 -3.62
N ASN C 108 26.89 -48.05 -2.47
CA ASN C 108 26.52 -47.03 -1.45
C ASN C 108 27.79 -46.53 -0.74
N ARG C 109 28.55 -45.64 -1.40
CA ARG C 109 29.70 -44.94 -0.77
C ARG C 109 29.89 -43.59 -1.49
N GLU C 110 30.91 -42.82 -1.09
CA GLU C 110 31.04 -41.40 -1.51
C GLU C 110 31.85 -41.29 -2.81
N ASN C 111 31.57 -40.25 -3.61
CA ASN C 111 32.28 -39.95 -4.87
C ASN C 111 33.71 -39.48 -4.53
N THR C 112 34.74 -40.11 -5.09
CA THR C 112 36.15 -39.74 -4.77
C THR C 112 37.04 -39.96 -6.00
N LEU C 113 38.30 -39.49 -5.92
CA LEU C 113 39.27 -39.63 -7.04
C LEU C 113 39.88 -41.03 -7.01
N PHE C 114 39.98 -41.67 -8.18
CA PHE C 114 40.70 -42.95 -8.36
C PHE C 114 41.76 -42.76 -9.46
N TYR C 115 42.75 -43.64 -9.51
CA TYR C 115 43.66 -43.72 -10.70
C TYR C 115 43.76 -45.17 -11.17
N SER C 116 44.14 -45.34 -12.44
CA SER C 116 44.43 -46.67 -13.03
C SER C 116 45.69 -46.56 -13.91
N GLU C 117 46.44 -47.66 -14.05
CA GLU C 117 47.72 -47.67 -14.81
C GLU C 117 47.43 -48.16 -16.23
N ILE C 118 47.82 -47.38 -17.24
CA ILE C 118 47.68 -47.79 -18.67
C ILE C 118 48.99 -48.44 -19.10
N PRO C 119 49.01 -49.76 -19.43
CA PRO C 119 50.25 -50.42 -19.84
C PRO C 119 50.64 -50.11 -21.29
N LYS C 120 51.94 -50.13 -21.59
CA LYS C 120 52.44 -49.84 -22.96
C LYS C 120 52.01 -50.95 -23.94
N THR C 121 51.88 -52.19 -23.44
CA THR C 121 51.43 -53.34 -24.29
C THR C 121 50.35 -54.13 -23.52
N ILE C 122 49.61 -54.97 -24.25
CA ILE C 122 48.56 -55.84 -23.63
C ILE C 122 48.68 -57.25 -24.20
N ASN C 123 48.16 -58.24 -23.47
CA ASN C 123 47.92 -59.60 -24.02
C ASN C 123 46.64 -59.53 -24.87
N ARG C 124 46.79 -59.48 -26.20
CA ARG C 124 45.63 -59.26 -27.11
C ARG C 124 44.77 -60.53 -27.20
N ALA C 125 45.18 -61.62 -26.53
CA ALA C 125 44.36 -62.86 -26.44
C ALA C 125 43.63 -62.93 -25.09
N ALA C 126 43.69 -61.86 -24.29
CA ALA C 126 42.93 -61.78 -23.02
C ALA C 126 42.32 -60.39 -22.87
N VAL C 127 41.41 -60.22 -21.90
CA VAL C 127 40.77 -58.90 -21.62
C VAL C 127 41.38 -58.35 -20.33
N LEU C 128 42.05 -57.18 -20.41
CA LEU C 128 42.64 -56.52 -19.21
C LEU C 128 41.55 -55.74 -18.47
N MET C 129 41.34 -56.06 -17.19
CA MET C 129 40.53 -55.21 -16.27
C MET C 129 41.49 -54.29 -15.51
N LEU C 130 41.38 -52.96 -15.71
CA LEU C 130 42.19 -51.99 -14.93
C LEU C 130 41.67 -51.97 -13.49
N SER C 131 42.57 -52.09 -12.51
CA SER C 131 42.17 -52.05 -11.07
C SER C 131 42.06 -50.60 -10.61
N TRP C 132 41.04 -50.30 -9.80
CA TRP C 132 40.80 -48.93 -9.29
C TRP C 132 41.70 -48.69 -8.08
N LYS C 133 42.64 -47.74 -8.20
CA LYS C 133 43.51 -47.34 -7.06
C LYS C 133 42.93 -46.07 -6.43
N PRO C 134 42.55 -46.09 -5.13
CA PRO C 134 42.17 -44.87 -4.43
C PRO C 134 43.32 -43.85 -4.45
N LEU C 135 43.04 -42.62 -4.87
CA LEU C 135 44.08 -41.54 -4.86
C LEU C 135 44.12 -40.90 -3.47
N LEU C 136 42.99 -40.84 -2.77
CA LEU C 136 42.89 -40.09 -1.49
C LEU C 136 42.56 -41.03 -0.32
N ASP C 137 43.17 -40.76 0.85
CA ASP C 137 42.69 -41.29 2.15
C ASP C 137 42.12 -40.11 2.93
N LEU C 138 40.79 -39.96 2.93
CA LEU C 138 40.12 -38.77 3.54
C LEU C 138 39.13 -39.21 4.62
N PHE C 139 39.38 -38.77 5.86
CA PHE C 139 38.41 -38.91 6.99
C PHE C 139 37.04 -38.36 6.58
N TYR C 148 25.49 -30.01 5.00
CA TYR C 148 25.38 -29.26 3.71
C TYR C 148 24.93 -27.82 3.98
N SER C 149 25.78 -26.85 3.57
CA SER C 149 25.39 -25.42 3.56
C SER C 149 24.30 -25.19 2.51
N ARG C 150 23.61 -24.05 2.58
CA ARG C 150 22.52 -23.74 1.61
C ARG C 150 23.10 -23.65 0.20
N GLU C 151 24.26 -23.00 0.04
CA GLU C 151 24.84 -22.76 -1.31
C GLU C 151 25.35 -24.08 -1.91
N GLU C 152 25.72 -25.06 -1.08
CA GLU C 152 26.06 -26.43 -1.57
C GLU C 152 24.78 -27.14 -2.04
N GLU C 153 23.75 -27.14 -1.19
CA GLU C 153 22.46 -27.81 -1.48
C GLU C 153 21.88 -27.29 -2.81
N LEU C 154 21.86 -25.97 -2.98
CA LEU C 154 21.25 -25.34 -4.20
C LEU C 154 22.13 -25.60 -5.43
N LEU C 155 23.46 -25.63 -5.28
CA LEU C 155 24.36 -25.94 -6.42
C LEU C 155 24.08 -27.36 -6.91
N ARG C 156 23.86 -28.30 -5.97
CA ARG C 156 23.58 -29.72 -6.30
C ARG C 156 22.22 -29.83 -7.02
N GLU C 157 21.27 -28.94 -6.71
CA GLU C 157 19.97 -28.88 -7.44
C GLU C 157 20.20 -28.36 -8.86
N ARG C 158 20.97 -27.28 -9.02
CA ARG C 158 21.20 -26.65 -10.34
C ARG C 158 22.00 -27.62 -11.24
N LYS C 159 22.93 -28.38 -10.67
CA LYS C 159 23.79 -29.31 -11.45
C LYS C 159 23.14 -30.69 -11.58
N ARG C 160 22.09 -30.96 -10.79
CA ARG C 160 21.44 -32.30 -10.76
C ARG C 160 22.46 -33.34 -10.27
N ILE C 161 23.23 -33.02 -9.22
CA ILE C 161 24.16 -33.99 -8.59
C ILE C 161 23.34 -34.84 -7.62
N GLY C 162 23.32 -36.16 -7.82
CA GLY C 162 22.66 -37.09 -6.88
C GLY C 162 23.64 -37.63 -5.85
N THR C 163 24.95 -37.45 -6.09
CA THR C 163 26.01 -38.15 -5.31
C THR C 163 26.59 -37.25 -4.22
N VAL C 164 27.32 -37.86 -3.28
CA VAL C 164 28.00 -37.14 -2.16
C VAL C 164 29.51 -37.25 -2.36
N GLY C 165 30.26 -36.22 -1.93
CA GLY C 165 31.74 -36.27 -1.94
C GLY C 165 32.33 -35.23 -2.89
N ILE C 166 33.35 -35.63 -3.65
CA ILE C 166 34.03 -34.71 -4.60
C ILE C 166 33.24 -34.70 -5.92
N ALA C 167 32.70 -33.55 -6.30
CA ALA C 167 31.86 -33.43 -7.52
C ALA C 167 32.72 -33.02 -8.71
N SER C 168 33.89 -32.41 -8.46
CA SER C 168 34.81 -32.01 -9.55
C SER C 168 36.21 -31.77 -8.97
N TYR C 169 37.20 -31.56 -9.84
CA TYR C 169 38.60 -31.30 -9.40
C TYR C 169 39.32 -30.44 -10.44
N ASP C 170 40.32 -29.68 -9.98
CA ASP C 170 41.21 -28.90 -10.87
C ASP C 170 42.60 -29.54 -10.81
N TYR C 171 43.42 -29.36 -11.85
CA TYR C 171 44.76 -30.00 -11.91
C TYR C 171 45.71 -29.09 -12.70
N HIS C 172 46.97 -29.06 -12.29
CA HIS C 172 48.03 -28.28 -12.99
C HIS C 172 49.11 -29.25 -13.48
N GLN C 173 49.21 -29.44 -14.81
CA GLN C 173 50.14 -30.46 -15.40
C GLN C 173 51.57 -30.20 -14.91
N GLY C 174 51.99 -28.93 -14.88
CA GLY C 174 53.39 -28.56 -14.59
C GLY C 174 53.83 -28.95 -13.18
N SER C 175 52.93 -28.81 -12.19
CA SER C 175 53.29 -29.05 -10.77
C SER C 175 52.80 -30.43 -10.30
N GLY C 176 51.74 -30.95 -10.93
CA GLY C 176 51.08 -32.18 -10.44
C GLY C 176 50.05 -31.88 -9.36
N THR C 177 49.74 -30.60 -9.14
CA THR C 177 48.85 -30.17 -8.02
C THR C 177 47.39 -30.45 -8.36
N PHE C 178 46.73 -31.28 -7.57
CA PHE C 178 45.25 -31.41 -7.59
C PHE C 178 44.65 -30.36 -6.64
N LEU C 179 43.50 -29.77 -7.02
CA LEU C 179 42.72 -28.89 -6.11
C LEU C 179 41.25 -29.30 -6.20
N PHE C 180 40.61 -29.51 -5.04
CA PHE C 180 39.20 -29.96 -5.03
C PHE C 180 38.54 -29.59 -3.70
N GLN C 181 37.25 -29.27 -3.77
CA GLN C 181 36.40 -29.08 -2.57
C GLN C 181 35.91 -30.44 -2.10
N ALA C 182 35.94 -30.70 -0.79
CA ALA C 182 35.34 -31.93 -0.21
C ALA C 182 34.57 -31.54 1.05
N GLY C 183 33.30 -31.17 0.89
CA GLY C 183 32.50 -30.62 1.99
C GLY C 183 32.91 -29.20 2.33
N SER C 184 33.13 -28.90 3.61
CA SER C 184 33.44 -27.53 4.07
C SER C 184 34.92 -27.18 3.83
N GLY C 185 35.73 -28.14 3.36
CA GLY C 185 37.18 -27.93 3.18
C GLY C 185 37.57 -27.85 1.72
N ILE C 186 38.56 -27.00 1.42
CA ILE C 186 39.30 -27.02 0.11
C ILE C 186 40.63 -27.72 0.35
N TYR C 187 40.96 -28.72 -0.47
CA TYR C 187 42.18 -29.54 -0.27
C TYR C 187 43.08 -29.47 -1.50
N HIS C 188 44.39 -29.57 -1.29
CA HIS C 188 45.35 -29.73 -2.41
C HIS C 188 46.29 -30.91 -2.12
N VAL C 189 46.75 -31.57 -3.19
CA VAL C 189 47.76 -32.68 -3.07
C VAL C 189 48.40 -32.87 -4.44
N LYS C 190 49.64 -33.35 -4.49
CA LYS C 190 50.37 -33.51 -5.78
C LYS C 190 50.41 -34.98 -6.19
N ASP C 191 50.27 -35.26 -7.49
CA ASP C 191 50.59 -36.59 -8.06
C ASP C 191 50.83 -36.45 -9.57
N GLY C 192 51.88 -37.11 -10.07
CA GLY C 192 52.11 -37.24 -11.52
C GLY C 192 52.80 -36.03 -12.13
N GLY C 193 53.42 -35.19 -11.31
CA GLY C 193 54.24 -34.07 -11.82
C GLY C 193 55.73 -34.40 -11.73
N PRO C 194 56.61 -33.39 -11.55
CA PRO C 194 58.01 -33.64 -11.21
C PRO C 194 58.18 -34.42 -9.89
N GLN C 195 57.17 -34.34 -9.01
CA GLN C 195 57.24 -34.98 -7.67
C GLN C 195 57.07 -36.50 -7.80
N GLY C 196 56.48 -36.98 -8.90
CA GLY C 196 56.41 -38.42 -9.19
C GLY C 196 55.03 -38.99 -8.94
N PHE C 197 54.91 -40.33 -8.98
CA PHE C 197 53.60 -41.02 -8.97
C PHE C 197 53.50 -41.87 -7.70
N THR C 198 52.45 -41.67 -6.91
CA THR C 198 52.23 -42.44 -5.66
C THR C 198 51.87 -43.89 -6.01
N GLN C 199 52.17 -44.82 -5.10
CA GLN C 199 51.73 -46.24 -5.23
C GLN C 199 50.76 -46.58 -4.10
N GLN C 200 50.21 -45.56 -3.42
CA GLN C 200 49.19 -45.77 -2.36
C GLN C 200 48.40 -44.48 -2.15
N PRO C 201 47.21 -44.55 -1.51
CA PRO C 201 46.38 -43.37 -1.30
C PRO C 201 47.11 -42.19 -0.63
N LEU C 202 46.78 -40.96 -1.04
CA LEU C 202 47.41 -39.73 -0.50
C LEU C 202 46.47 -39.08 0.52
N ARG C 203 47.00 -38.71 1.69
CA ARG C 203 46.29 -37.82 2.63
C ARG C 203 46.48 -36.38 2.18
N PRO C 204 45.41 -35.68 1.72
CA PRO C 204 45.55 -34.36 1.15
C PRO C 204 45.79 -33.28 2.22
N ASN C 205 46.20 -32.09 1.77
CA ASN C 205 46.53 -30.95 2.68
C ASN C 205 45.34 -29.98 2.70
N LEU C 206 44.87 -29.64 3.90
CA LEU C 206 43.75 -28.66 4.05
C LEU C 206 44.27 -27.25 3.75
N VAL C 207 43.61 -26.51 2.85
CA VAL C 207 43.99 -25.10 2.58
C VAL C 207 43.50 -24.26 3.76
N GLU C 208 44.40 -23.46 4.34
CA GLU C 208 44.09 -22.65 5.56
C GLU C 208 43.24 -21.44 5.15
N THR C 209 42.29 -21.04 6.01
CA THR C 209 41.45 -19.84 5.74
C THR C 209 41.05 -19.15 7.06
N SER C 210 40.82 -17.84 7.00
CA SER C 210 40.24 -17.06 8.12
C SER C 210 38.77 -16.72 7.81
N CYS C 211 38.26 -17.17 6.66
CA CYS C 211 36.84 -16.90 6.28
C CYS C 211 35.91 -17.76 7.12
N PRO C 212 34.83 -17.19 7.70
CA PRO C 212 33.90 -17.96 8.53
C PRO C 212 32.95 -18.87 7.74
N ASN C 213 32.58 -18.48 6.51
CA ASN C 213 31.51 -19.17 5.74
C ASN C 213 32.11 -20.18 4.75
N ILE C 214 31.25 -21.01 4.15
CA ILE C 214 31.66 -22.02 3.13
C ILE C 214 32.37 -21.33 1.96
N ARG C 215 33.53 -21.87 1.56
CA ARG C 215 34.24 -21.38 0.35
C ARG C 215 33.82 -22.25 -0.84
N MET C 216 33.44 -21.61 -1.95
CA MET C 216 32.87 -22.34 -3.12
C MET C 216 33.70 -22.07 -4.37
N ASP C 217 33.64 -23.00 -5.33
CA ASP C 217 34.19 -22.79 -6.70
C ASP C 217 35.69 -22.45 -6.62
N PRO C 218 36.51 -23.33 -6.03
CA PRO C 218 37.96 -23.14 -6.01
C PRO C 218 38.60 -23.46 -7.37
N LYS C 219 39.56 -22.64 -7.81
CA LYS C 219 40.27 -22.87 -9.10
C LYS C 219 41.76 -22.58 -8.91
N LEU C 220 42.63 -23.47 -9.40
CA LEU C 220 44.09 -23.20 -9.46
C LEU C 220 44.34 -22.10 -10.49
N CYS C 221 45.26 -21.18 -10.19
CA CYS C 221 45.78 -20.26 -11.22
C CYS C 221 46.61 -21.07 -12.21
N PRO C 222 46.26 -21.12 -13.51
CA PRO C 222 47.02 -21.90 -14.48
C PRO C 222 48.46 -21.37 -14.63
N ALA C 223 48.65 -20.07 -14.40
CA ALA C 223 49.98 -19.42 -14.55
C ALA C 223 50.83 -19.61 -13.29
N ASP C 224 50.24 -20.01 -12.16
CA ASP C 224 50.99 -20.19 -10.89
C ASP C 224 50.21 -21.10 -9.95
N PRO C 225 50.58 -22.39 -9.82
CA PRO C 225 49.83 -23.33 -8.98
C PRO C 225 49.90 -23.07 -7.46
N ASP C 226 50.71 -22.10 -7.01
CA ASP C 226 50.71 -21.70 -5.57
C ASP C 226 49.45 -20.88 -5.26
N TRP C 227 48.87 -20.22 -6.26
CA TRP C 227 47.68 -19.34 -6.04
C TRP C 227 46.39 -20.10 -6.42
N ILE C 228 45.38 -20.02 -5.54
CA ILE C 228 43.99 -20.46 -5.87
C ILE C 228 43.07 -19.23 -5.79
N ALA C 229 41.91 -19.31 -6.43
CA ALA C 229 40.81 -18.36 -6.18
C ALA C 229 39.60 -19.13 -5.66
N PHE C 230 38.69 -18.46 -4.95
CA PHE C 230 37.42 -19.08 -4.50
C PHE C 230 36.39 -18.00 -4.23
N ILE C 231 35.13 -18.41 -4.08
CA ILE C 231 34.04 -17.47 -3.73
C ILE C 231 33.73 -17.64 -2.24
N HIS C 232 33.63 -16.53 -1.52
CA HIS C 232 33.16 -16.53 -0.11
C HIS C 232 32.14 -15.40 0.04
N SER C 233 30.91 -15.74 0.43
CA SER C 233 29.81 -14.74 0.60
C SER C 233 29.74 -13.84 -0.65
N ASN C 234 29.73 -14.46 -1.83
CA ASN C 234 29.46 -13.76 -3.12
C ASN C 234 30.55 -12.72 -3.41
N ASP C 235 31.78 -12.91 -2.91
CA ASP C 235 32.93 -12.07 -3.32
C ASP C 235 34.13 -12.98 -3.62
N ILE C 236 35.02 -12.54 -4.51
CA ILE C 236 36.19 -13.35 -4.94
C ILE C 236 37.31 -13.18 -3.89
N TRP C 237 37.85 -14.30 -3.40
CA TRP C 237 39.10 -14.30 -2.59
C TRP C 237 40.20 -15.03 -3.37
N ILE C 238 41.46 -14.74 -3.05
CA ILE C 238 42.59 -15.62 -3.48
C ILE C 238 43.40 -15.99 -2.24
N SER C 239 44.05 -17.16 -2.26
CA SER C 239 44.96 -17.55 -1.16
C SER C 239 46.14 -18.32 -1.75
N ASN C 240 47.32 -18.18 -1.13
CA ASN C 240 48.56 -18.88 -1.55
C ASN C 240 48.69 -20.15 -0.70
N ILE C 241 48.78 -21.32 -1.35
CA ILE C 241 48.79 -22.63 -0.63
C ILE C 241 50.22 -22.94 -0.13
N VAL C 242 51.20 -22.10 -0.49
CA VAL C 242 52.60 -22.23 0.02
C VAL C 242 52.80 -21.21 1.14
N THR C 243 52.57 -19.92 0.85
CA THR C 243 52.90 -18.82 1.81
C THR C 243 51.76 -18.58 2.80
N ARG C 244 50.57 -19.15 2.55
CA ARG C 244 49.37 -19.01 3.43
C ARG C 244 48.74 -17.62 3.30
N GLU C 245 49.23 -16.77 2.39
CA GLU C 245 48.66 -15.40 2.25
C GLU C 245 47.23 -15.52 1.74
N GLU C 246 46.30 -14.76 2.33
CA GLU C 246 44.85 -14.79 1.94
C GLU C 246 44.38 -13.34 1.73
N ARG C 247 43.53 -13.12 0.72
CA ARG C 247 43.23 -11.74 0.25
C ARG C 247 41.87 -11.70 -0.46
N ARG C 248 40.95 -10.88 0.06
CA ARG C 248 39.66 -10.58 -0.62
C ARG C 248 39.92 -9.64 -1.81
N LEU C 249 39.41 -9.97 -2.99
CA LEU C 249 39.63 -9.15 -4.22
C LEU C 249 38.45 -8.23 -4.48
N THR C 250 37.22 -8.66 -4.17
CA THR C 250 36.00 -7.85 -4.46
C THR C 250 35.29 -7.53 -3.13
N TYR C 251 34.67 -6.35 -3.05
CA TYR C 251 33.99 -5.88 -1.81
C TYR C 251 32.54 -5.46 -2.16
N VAL C 252 31.87 -6.33 -2.92
CA VAL C 252 30.57 -6.00 -3.56
C VAL C 252 29.41 -6.41 -2.62
N HIS C 253 29.64 -7.41 -1.76
CA HIS C 253 28.56 -7.99 -0.91
C HIS C 253 28.93 -7.92 0.58
N ASN C 254 27.97 -7.54 1.43
CA ASN C 254 28.11 -7.62 2.91
C ASN C 254 27.36 -8.86 3.39
N GLU C 255 28.07 -9.81 4.02
CA GLU C 255 27.49 -11.10 4.46
C GLU C 255 26.52 -10.89 5.63
N LEU C 256 26.73 -9.82 6.42
CA LEU C 256 25.89 -9.53 7.62
C LEU C 256 24.51 -9.02 7.19
N ALA C 257 24.40 -8.44 5.98
CA ALA C 257 23.19 -7.70 5.55
C ALA C 257 22.09 -8.66 5.07
N ASN C 258 20.85 -8.15 5.03
CA ASN C 258 19.71 -8.86 4.38
C ASN C 258 19.99 -9.01 2.88
N MET C 259 19.48 -10.08 2.27
CA MET C 259 19.52 -10.24 0.79
C MET C 259 18.54 -9.25 0.15
N GLU C 260 17.54 -8.80 0.91
CA GLU C 260 16.62 -7.71 0.48
C GLU C 260 17.40 -6.41 0.23
N GLU C 261 18.37 -6.10 1.10
CA GLU C 261 19.09 -4.79 1.07
C GLU C 261 20.39 -4.90 0.26
N ASP C 262 21.01 -6.08 0.18
CA ASP C 262 22.28 -6.27 -0.56
C ASP C 262 22.09 -7.34 -1.65
N ALA C 263 22.01 -6.91 -2.91
CA ALA C 263 21.69 -7.82 -4.04
C ALA C 263 22.84 -7.83 -5.06
N ARG C 264 24.06 -7.51 -4.63
CA ARG C 264 25.23 -7.49 -5.57
C ARG C 264 26.13 -8.70 -5.28
N SER C 265 26.82 -9.19 -6.31
CA SER C 265 27.71 -10.39 -6.17
C SER C 265 28.79 -10.35 -7.25
N ALA C 266 29.93 -10.98 -6.99
CA ALA C 266 31.07 -10.97 -7.94
C ALA C 266 31.62 -12.40 -8.11
N GLY C 267 31.89 -12.80 -9.35
CA GLY C 267 32.50 -14.11 -9.63
C GLY C 267 31.50 -15.27 -9.51
N VAL C 268 30.21 -14.96 -9.53
CA VAL C 268 29.14 -15.95 -9.21
C VAL C 268 28.14 -15.98 -10.37
N ALA C 269 27.72 -17.18 -10.79
CA ALA C 269 26.61 -17.33 -11.76
C ALA C 269 25.29 -17.26 -11.00
N THR C 270 24.36 -16.41 -11.47
CA THR C 270 23.03 -16.25 -10.81
C THR C 270 22.13 -17.45 -11.15
N PHE C 271 20.94 -17.50 -10.54
CA PHE C 271 20.04 -18.68 -10.63
C PHE C 271 19.80 -19.09 -12.08
N VAL C 272 19.36 -18.14 -12.93
CA VAL C 272 18.86 -18.48 -14.29
C VAL C 272 20.00 -19.12 -15.11
N LEU C 273 21.25 -18.68 -14.92
CA LEU C 273 22.37 -19.23 -15.72
C LEU C 273 22.81 -20.59 -15.17
N GLN C 274 22.68 -20.81 -13.87
CA GLN C 274 22.93 -22.17 -13.30
C GLN C 274 21.80 -23.11 -13.75
N GLU C 275 20.56 -22.62 -13.78
CA GLU C 275 19.38 -23.48 -14.02
C GLU C 275 19.10 -23.63 -15.53
N GLU C 276 19.31 -22.58 -16.32
CA GLU C 276 18.85 -22.58 -17.74
C GLU C 276 20.01 -22.51 -18.74
N PHE C 277 21.24 -22.29 -18.29
CA PHE C 277 22.40 -22.23 -19.23
C PHE C 277 23.55 -23.13 -18.77
N ASP C 278 23.39 -23.85 -17.66
CA ASP C 278 24.45 -24.75 -17.10
C ASP C 278 25.79 -24.01 -17.06
N ARG C 279 25.78 -22.74 -16.64
CA ARG C 279 27.03 -22.02 -16.26
C ARG C 279 27.03 -21.86 -14.73
N TYR C 280 28.07 -22.37 -14.06
CA TYR C 280 28.10 -22.46 -12.59
C TYR C 280 29.22 -21.58 -12.01
N SER C 281 30.05 -20.98 -12.87
CA SER C 281 31.15 -20.09 -12.42
C SER C 281 30.98 -18.70 -13.06
N GLY C 282 31.42 -17.66 -12.36
CA GLY C 282 31.36 -16.27 -12.85
C GLY C 282 32.71 -15.56 -12.78
N TYR C 283 33.81 -16.31 -12.63
CA TYR C 283 35.18 -15.72 -12.69
C TYR C 283 36.10 -16.68 -13.45
N TRP C 284 37.14 -16.14 -14.11
CA TRP C 284 38.05 -16.94 -14.97
C TRP C 284 39.48 -16.43 -14.83
N TRP C 285 40.40 -17.30 -14.36
CA TRP C 285 41.86 -16.96 -14.32
C TRP C 285 42.37 -16.69 -15.74
N CYS C 286 43.19 -15.65 -15.89
CA CYS C 286 44.02 -15.49 -17.10
C CYS C 286 45.08 -16.60 -17.11
N PRO C 287 45.24 -17.36 -18.20
CA PRO C 287 46.15 -18.52 -18.20
C PRO C 287 47.64 -18.15 -18.17
N LYS C 288 48.00 -16.90 -18.49
CA LYS C 288 49.42 -16.45 -18.49
C LYS C 288 49.62 -15.35 -17.45
N ALA C 289 50.82 -15.30 -16.86
CA ALA C 289 51.23 -14.18 -15.97
C ALA C 289 52.04 -13.17 -16.79
N GLU C 290 51.81 -11.87 -16.58
CA GLU C 290 52.62 -10.82 -17.25
C GLU C 290 53.87 -10.53 -16.41
N THR C 291 55.02 -10.45 -17.07
CA THR C 291 56.33 -10.17 -16.39
C THR C 291 56.40 -8.67 -16.05
N THR C 292 56.90 -8.33 -14.86
CA THR C 292 57.15 -6.91 -14.48
C THR C 292 58.66 -6.64 -14.52
N PRO C 293 59.09 -5.38 -14.80
CA PRO C 293 60.51 -5.02 -14.74
C PRO C 293 61.18 -5.33 -13.39
N SER C 294 60.41 -5.32 -12.30
CA SER C 294 60.94 -5.53 -10.92
C SER C 294 61.27 -7.02 -10.67
N GLY C 295 60.89 -7.92 -11.58
CA GLY C 295 61.15 -9.36 -11.43
C GLY C 295 59.96 -10.11 -10.87
N GLY C 296 58.85 -9.41 -10.59
CA GLY C 296 57.60 -10.04 -10.14
C GLY C 296 56.68 -10.35 -11.31
N LYS C 297 55.36 -10.33 -11.11
CA LYS C 297 54.41 -10.63 -12.21
C LYS C 297 53.00 -10.14 -11.88
N ILE C 298 52.15 -10.05 -12.92
CA ILE C 298 50.71 -9.67 -12.77
C ILE C 298 49.85 -10.89 -13.13
N LEU C 299 48.97 -11.30 -12.21
CA LEU C 299 47.92 -12.31 -12.53
C LEU C 299 46.59 -11.56 -12.74
N ARG C 300 45.76 -12.04 -13.66
CA ARG C 300 44.47 -11.37 -13.97
C ARG C 300 43.32 -12.36 -13.76
N ILE C 301 42.22 -11.88 -13.16
CA ILE C 301 40.94 -12.63 -13.08
C ILE C 301 39.87 -11.79 -13.78
N LEU C 302 39.33 -12.27 -14.90
CA LEU C 302 38.06 -11.74 -15.45
C LEU C 302 36.92 -12.25 -14.57
N TYR C 303 35.95 -11.39 -14.23
CA TYR C 303 34.77 -11.87 -13.47
C TYR C 303 33.51 -11.11 -13.90
N GLU C 304 32.36 -11.78 -13.74
CA GLU C 304 31.03 -11.17 -13.93
C GLU C 304 30.63 -10.50 -12.61
N GLU C 305 30.14 -9.26 -12.67
CA GLU C 305 29.56 -8.58 -11.48
C GLU C 305 28.06 -8.47 -11.70
N ASN C 306 27.26 -8.89 -10.71
CA ASN C 306 25.78 -9.01 -10.87
C ASN C 306 25.11 -8.07 -9.87
N ASP C 307 24.07 -7.35 -10.32
CA ASP C 307 23.19 -6.56 -9.42
C ASP C 307 21.76 -7.09 -9.57
N GLU C 308 21.24 -7.74 -8.52
CA GLU C 308 19.91 -8.38 -8.54
C GLU C 308 18.88 -7.49 -7.82
N SER C 309 19.16 -6.19 -7.71
CA SER C 309 18.27 -5.25 -6.95
C SER C 309 16.87 -5.22 -7.57
N GLU C 310 16.78 -5.18 -8.90
CA GLU C 310 15.48 -5.06 -9.61
C GLU C 310 14.85 -6.44 -9.81
N VAL C 311 15.57 -7.52 -9.51
CA VAL C 311 15.03 -8.90 -9.69
C VAL C 311 14.00 -9.16 -8.59
N GLU C 312 12.90 -9.84 -8.92
CA GLU C 312 11.79 -10.07 -7.97
C GLU C 312 12.25 -11.04 -6.88
N ILE C 313 11.79 -10.81 -5.64
CA ILE C 313 12.06 -11.73 -4.50
C ILE C 313 10.84 -12.63 -4.30
N ILE C 314 11.03 -13.96 -4.35
CA ILE C 314 9.97 -14.94 -3.97
C ILE C 314 10.41 -15.62 -2.67
N HIS C 315 9.45 -16.23 -1.96
CA HIS C 315 9.77 -17.00 -0.73
C HIS C 315 9.52 -18.49 -0.98
N VAL C 316 10.47 -19.34 -0.58
CA VAL C 316 10.31 -20.82 -0.65
C VAL C 316 10.42 -21.39 0.76
N THR C 317 9.50 -22.28 1.14
CA THR C 317 9.49 -22.87 2.51
C THR C 317 10.90 -23.38 2.86
N SER C 318 11.37 -23.06 4.07
CA SER C 318 12.68 -23.58 4.56
C SER C 318 12.53 -25.08 4.83
N PRO C 319 13.56 -25.90 4.48
CA PRO C 319 13.49 -27.35 4.73
C PRO C 319 13.23 -27.70 6.20
N MET C 320 13.80 -26.93 7.14
CA MET C 320 13.49 -27.11 8.59
C MET C 320 12.07 -26.61 8.85
N LEU C 321 11.08 -27.52 8.77
CA LEU C 321 9.65 -27.16 8.82
C LEU C 321 9.28 -26.61 10.21
N GLU C 322 10.04 -26.97 11.25
CA GLU C 322 9.75 -26.54 12.64
C GLU C 322 9.90 -25.03 12.78
N THR C 323 10.69 -24.39 11.89
CA THR C 323 10.91 -22.92 11.92
C THR C 323 9.65 -22.18 11.44
N ARG C 324 8.81 -22.84 10.63
CA ARG C 324 7.62 -22.18 10.00
C ARG C 324 8.08 -20.89 9.31
N ARG C 325 9.25 -20.95 8.66
CA ARG C 325 9.86 -19.78 7.99
C ARG C 325 10.09 -20.12 6.51
N ALA C 326 10.46 -19.11 5.72
CA ALA C 326 10.70 -19.26 4.27
C ALA C 326 12.00 -18.53 3.91
N ASP C 327 12.73 -19.06 2.93
CA ASP C 327 13.99 -18.42 2.45
C ASP C 327 13.65 -17.48 1.30
N SER C 328 14.35 -16.34 1.22
CA SER C 328 14.17 -15.38 0.10
C SER C 328 15.01 -15.84 -1.10
N PHE C 329 14.46 -15.73 -2.32
N PHE C 329 14.51 -15.59 -2.31
CA PHE C 329 15.19 -16.12 -3.55
CA PHE C 329 15.09 -16.13 -3.57
C PHE C 329 14.99 -15.04 -4.61
C PHE C 329 14.97 -15.06 -4.66
N ARG C 330 16.09 -14.66 -5.28
CA ARG C 330 16.03 -13.74 -6.46
C ARG C 330 15.64 -14.57 -7.68
N TYR C 331 14.35 -14.54 -8.05
CA TYR C 331 13.81 -15.37 -9.16
C TYR C 331 13.29 -14.44 -10.24
N PRO C 332 13.98 -14.32 -11.40
CA PRO C 332 13.49 -13.50 -12.51
C PRO C 332 12.36 -14.22 -13.25
N LYS C 333 11.10 -13.93 -12.88
CA LYS C 333 9.94 -14.57 -13.56
C LYS C 333 9.81 -13.98 -14.96
N THR C 334 9.29 -14.79 -15.91
CA THR C 334 9.20 -14.39 -17.34
C THR C 334 8.58 -12.97 -17.45
N GLY C 335 9.20 -12.11 -18.26
CA GLY C 335 8.69 -10.76 -18.52
C GLY C 335 9.20 -9.72 -17.53
N THR C 336 10.00 -10.12 -16.52
CA THR C 336 10.49 -9.18 -15.48
C THR C 336 12.01 -9.04 -15.61
N ALA C 337 12.64 -8.26 -14.73
CA ALA C 337 14.07 -7.90 -14.87
C ALA C 337 14.95 -9.13 -14.60
N ASN C 338 15.91 -9.39 -15.50
CA ASN C 338 17.09 -10.23 -15.19
C ASN C 338 18.08 -9.36 -14.44
N PRO C 339 19.11 -9.93 -13.77
CA PRO C 339 20.11 -9.13 -13.06
C PRO C 339 20.81 -8.12 -14.00
N LYS C 340 21.31 -7.03 -13.43
CA LYS C 340 22.15 -6.06 -14.19
C LYS C 340 23.59 -6.60 -14.17
N VAL C 341 24.16 -6.89 -15.35
CA VAL C 341 25.46 -7.60 -15.44
C VAL C 341 26.51 -6.70 -16.06
N THR C 342 27.78 -6.89 -15.69
CA THR C 342 28.93 -6.23 -16.37
C THR C 342 30.16 -7.12 -16.23
N PHE C 343 31.21 -6.81 -16.99
CA PHE C 343 32.53 -7.48 -16.82
C PHE C 343 33.43 -6.62 -15.96
N LYS C 344 34.26 -7.26 -15.15
CA LYS C 344 35.27 -6.58 -14.30
C LYS C 344 36.60 -7.33 -14.46
N MET C 345 37.72 -6.71 -14.09
CA MET C 345 39.02 -7.42 -14.11
C MET C 345 39.81 -7.08 -12.83
N SER C 346 40.25 -8.12 -12.12
CA SER C 346 41.16 -7.97 -10.96
C SER C 346 42.60 -8.11 -11.47
N GLU C 347 43.43 -7.06 -11.28
CA GLU C 347 44.88 -7.14 -11.58
C GLU C 347 45.64 -7.38 -10.27
N ILE C 348 46.28 -8.54 -10.12
CA ILE C 348 46.99 -8.91 -8.86
C ILE C 348 48.50 -8.80 -9.12
N MET C 349 49.13 -7.71 -8.66
CA MET C 349 50.61 -7.53 -8.77
C MET C 349 51.29 -8.38 -7.68
N ILE C 350 52.28 -9.18 -8.09
CA ILE C 350 52.97 -10.13 -7.16
C ILE C 350 54.49 -9.89 -7.29
N ASP C 351 55.20 -9.84 -6.16
CA ASP C 351 56.67 -9.59 -6.16
C ASP C 351 57.41 -10.90 -6.46
N ALA C 352 58.74 -10.85 -6.48
CA ALA C 352 59.57 -12.01 -6.90
C ALA C 352 59.48 -13.16 -5.89
N GLU C 353 59.05 -12.90 -4.64
CA GLU C 353 58.94 -13.95 -3.60
C GLU C 353 57.49 -14.48 -3.51
N GLY C 354 56.61 -14.06 -4.42
CA GLY C 354 55.22 -14.56 -4.44
C GLY C 354 54.35 -13.90 -3.39
N ARG C 355 54.69 -12.67 -2.97
CA ARG C 355 53.84 -11.88 -2.03
C ARG C 355 53.03 -10.86 -2.84
N ILE C 356 51.82 -10.55 -2.40
CA ILE C 356 50.94 -9.55 -3.10
C ILE C 356 51.50 -8.14 -2.82
N ILE C 357 51.82 -7.40 -3.88
CA ILE C 357 52.18 -5.96 -3.78
C ILE C 357 50.88 -5.14 -3.68
N ASP C 358 49.96 -5.39 -4.62
CA ASP C 358 48.74 -4.55 -4.76
C ASP C 358 47.67 -5.37 -5.49
N VAL C 359 46.40 -4.98 -5.30
CA VAL C 359 45.28 -5.52 -6.13
C VAL C 359 44.51 -4.31 -6.69
N ILE C 360 44.47 -4.18 -8.02
CA ILE C 360 43.73 -3.07 -8.68
C ILE C 360 42.44 -3.66 -9.29
N ASP C 361 41.28 -3.24 -8.77
CA ASP C 361 39.97 -3.62 -9.35
C ASP C 361 39.69 -2.71 -10.55
N LYS C 362 39.28 -3.27 -11.69
CA LYS C 362 39.17 -2.49 -12.95
C LYS C 362 37.80 -2.73 -13.60
N GLU C 363 37.23 -1.67 -14.19
CA GLU C 363 35.88 -1.71 -14.80
C GLU C 363 35.99 -1.36 -16.29
N LEU C 364 34.94 -1.61 -17.07
CA LEU C 364 34.95 -1.32 -18.52
C LEU C 364 35.02 0.20 -18.74
N ILE C 365 35.73 0.64 -19.79
CA ILE C 365 35.94 2.09 -20.08
C ILE C 365 34.58 2.76 -20.31
N GLN C 366 33.69 2.11 -21.07
CA GLN C 366 32.29 2.58 -21.24
C GLN C 366 31.37 1.52 -20.64
N PRO C 367 30.12 1.87 -20.26
CA PRO C 367 29.23 0.91 -19.59
C PRO C 367 28.95 -0.32 -20.46
N PHE C 368 28.61 -1.44 -19.82
CA PHE C 368 28.32 -2.71 -20.52
C PHE C 368 27.20 -2.51 -21.54
N GLU C 369 26.19 -1.69 -21.19
CA GLU C 369 25.03 -1.42 -22.08
C GLU C 369 25.51 -0.82 -23.40
N ILE C 370 26.55 0.03 -23.34
CA ILE C 370 27.07 0.76 -24.54
C ILE C 370 27.95 -0.19 -25.37
N LEU C 371 28.88 -0.89 -24.72
CA LEU C 371 29.90 -1.71 -25.44
C LEU C 371 29.25 -2.99 -25.99
N PHE C 372 28.22 -3.51 -25.32
CA PHE C 372 27.58 -4.79 -25.73
C PHE C 372 26.08 -4.54 -25.90
N GLU C 373 25.72 -3.84 -26.98
CA GLU C 373 24.33 -3.38 -27.25
C GLU C 373 23.41 -4.60 -27.33
N GLY C 374 22.33 -4.60 -26.55
CA GLY C 374 21.24 -5.58 -26.68
C GLY C 374 21.51 -6.89 -25.94
N VAL C 375 22.66 -7.00 -25.26
CA VAL C 375 23.05 -8.27 -24.57
C VAL C 375 22.30 -8.35 -23.22
N GLU C 376 21.55 -9.44 -23.01
CA GLU C 376 20.93 -9.75 -21.68
C GLU C 376 21.82 -10.72 -20.91
N TYR C 377 22.30 -11.78 -21.59
CA TYR C 377 22.92 -12.94 -20.90
C TYR C 377 24.38 -13.09 -21.32
N ILE C 378 25.28 -13.26 -20.34
CA ILE C 378 26.66 -13.76 -20.58
C ILE C 378 26.62 -15.29 -20.48
N ALA C 379 26.44 -15.97 -21.62
CA ALA C 379 26.24 -17.44 -21.63
C ALA C 379 27.54 -18.15 -21.26
N ARG C 380 28.65 -17.73 -21.86
CA ARG C 380 29.97 -18.38 -21.63
C ARG C 380 31.07 -17.31 -21.64
N ALA C 381 32.19 -17.57 -20.97
CA ALA C 381 33.35 -16.65 -20.99
C ALA C 381 34.64 -17.42 -20.67
N GLY C 382 35.78 -16.86 -21.08
CA GLY C 382 37.09 -17.46 -20.82
C GLY C 382 38.21 -16.61 -21.40
N TRP C 383 39.38 -17.22 -21.62
CA TRP C 383 40.53 -16.49 -22.21
C TRP C 383 41.00 -17.19 -23.49
N THR C 384 41.67 -16.46 -24.37
CA THR C 384 42.42 -17.08 -25.49
C THR C 384 43.61 -17.82 -24.90
N PRO C 385 44.20 -18.83 -25.60
CA PRO C 385 45.27 -19.65 -25.03
C PRO C 385 46.47 -18.84 -24.51
N GLU C 386 46.78 -17.70 -25.14
CA GLU C 386 47.97 -16.87 -24.76
C GLU C 386 47.58 -15.83 -23.70
N GLY C 387 46.30 -15.71 -23.37
CA GLY C 387 45.82 -14.73 -22.38
C GLY C 387 45.78 -13.31 -22.94
N LYS C 388 45.88 -13.18 -24.27
CA LYS C 388 45.94 -11.84 -24.92
C LYS C 388 44.56 -11.19 -24.87
N TYR C 389 43.50 -11.97 -25.13
CA TYR C 389 42.10 -11.49 -25.08
C TYR C 389 41.28 -12.35 -24.12
N ALA C 390 40.30 -11.73 -23.46
CA ALA C 390 39.16 -12.47 -22.86
C ALA C 390 38.10 -12.65 -23.95
N TRP C 391 37.40 -13.78 -23.95
CA TRP C 391 36.28 -13.98 -24.92
C TRP C 391 34.96 -14.13 -24.15
N SER C 392 33.85 -13.91 -24.84
CA SER C 392 32.51 -14.10 -24.24
C SER C 392 31.49 -14.47 -25.32
N ILE C 393 30.56 -15.35 -24.99
CA ILE C 393 29.41 -15.69 -25.88
C ILE C 393 28.16 -15.03 -25.28
N LEU C 394 27.57 -14.08 -26.00
CA LEU C 394 26.54 -13.16 -25.43
C LEU C 394 25.22 -13.35 -26.17
N LEU C 395 24.11 -13.38 -25.42
CA LEU C 395 22.75 -13.51 -26.02
C LEU C 395 21.96 -12.22 -25.81
N ASP C 396 21.10 -11.88 -26.77
CA ASP C 396 20.05 -10.84 -26.53
C ASP C 396 18.94 -11.49 -25.69
N ARG C 397 17.93 -10.70 -25.28
CA ARG C 397 16.87 -11.20 -24.38
C ARG C 397 16.06 -12.31 -25.06
N SER C 398 15.71 -12.13 -26.34
CA SER C 398 14.90 -13.13 -27.07
C SER C 398 15.70 -14.40 -27.35
N GLN C 399 17.02 -14.37 -27.14
CA GLN C 399 17.90 -15.55 -27.33
C GLN C 399 17.81 -16.02 -28.79
N THR C 400 17.76 -15.05 -29.71
CA THR C 400 17.75 -15.32 -31.17
C THR C 400 18.97 -14.67 -31.83
N ARG C 401 19.80 -13.97 -31.05
CA ARG C 401 21.08 -13.42 -31.54
C ARG C 401 22.20 -13.90 -30.62
N LEU C 402 23.22 -14.56 -31.17
CA LEU C 402 24.43 -14.95 -30.40
C LEU C 402 25.61 -14.15 -30.95
N GLN C 403 26.50 -13.68 -30.05
CA GLN C 403 27.75 -13.00 -30.46
C GLN C 403 28.92 -13.66 -29.72
N ILE C 404 30.03 -13.88 -30.41
CA ILE C 404 31.33 -14.19 -29.76
C ILE C 404 32.17 -12.92 -29.82
N VAL C 405 32.59 -12.40 -28.65
CA VAL C 405 33.24 -11.06 -28.58
C VAL C 405 34.59 -11.20 -27.85
N LEU C 406 35.68 -10.76 -28.48
CA LEU C 406 37.00 -10.68 -27.80
C LEU C 406 37.05 -9.37 -27.01
N ILE C 407 37.55 -9.43 -25.77
CA ILE C 407 37.57 -8.27 -24.84
C ILE C 407 39.01 -8.10 -24.33
N SER C 408 39.74 -7.13 -24.89
CA SER C 408 41.13 -6.84 -24.46
C SER C 408 41.14 -6.36 -23.02
N PRO C 409 42.16 -6.74 -22.20
CA PRO C 409 42.33 -6.16 -20.87
C PRO C 409 42.51 -4.63 -20.90
N GLU C 410 42.98 -4.09 -22.04
CA GLU C 410 43.15 -2.62 -22.22
C GLU C 410 41.78 -1.90 -22.21
N LEU C 411 40.67 -2.64 -22.36
CA LEU C 411 39.31 -2.05 -22.25
C LEU C 411 38.99 -1.70 -20.79
N PHE C 412 39.71 -2.27 -19.83
CA PHE C 412 39.43 -2.04 -18.38
C PHE C 412 40.34 -0.93 -17.84
N ILE C 413 39.77 -0.07 -16.98
CA ILE C 413 40.53 1.01 -16.29
C ILE C 413 40.32 0.84 -14.79
N PRO C 414 41.25 1.31 -13.93
CA PRO C 414 41.04 1.28 -12.48
C PRO C 414 39.72 1.96 -12.07
N VAL C 415 39.07 1.42 -11.05
CA VAL C 415 37.85 2.07 -10.44
C VAL C 415 38.33 3.28 -9.64
N GLU C 416 37.97 4.49 -10.07
CA GLU C 416 38.37 5.74 -9.35
C GLU C 416 37.12 6.58 -9.05
N ASP C 417 36.98 7.03 -7.80
CA ASP C 417 35.88 7.95 -7.39
C ASP C 417 36.25 9.39 -7.78
N ASP C 418 37.55 9.72 -7.68
CA ASP C 418 38.07 11.05 -8.10
C ASP C 418 37.78 11.24 -9.59
N VAL C 419 36.87 12.17 -9.94
CA VAL C 419 36.38 12.34 -11.34
C VAL C 419 37.52 12.85 -12.23
N MET C 420 38.40 13.70 -11.69
CA MET C 420 39.56 14.24 -12.46
C MET C 420 40.54 13.11 -12.78
N GLU C 421 40.68 12.14 -11.87
CA GLU C 421 41.59 10.98 -12.09
C GLU C 421 40.93 9.99 -13.06
N ARG C 422 39.64 9.69 -12.89
CA ARG C 422 38.92 8.77 -13.82
C ARG C 422 38.98 9.35 -15.24
N GLN C 423 38.82 10.67 -15.38
CA GLN C 423 38.85 11.32 -16.71
C GLN C 423 40.26 11.19 -17.33
N ARG C 424 41.31 11.21 -16.49
CA ARG C 424 42.69 10.98 -16.98
C ARG C 424 42.82 9.53 -17.47
N LEU C 425 42.29 8.57 -16.70
CA LEU C 425 42.35 7.13 -17.04
C LEU C 425 41.52 6.86 -18.30
N ILE C 426 40.32 7.45 -18.39
CA ILE C 426 39.45 7.30 -19.60
C ILE C 426 40.21 7.80 -20.83
N GLU C 427 40.90 8.93 -20.73
CA GLU C 427 41.60 9.56 -21.88
C GLU C 427 42.86 8.76 -22.23
N SER C 428 43.42 8.01 -21.27
CA SER C 428 44.71 7.29 -21.48
C SER C 428 44.51 6.06 -22.40
N VAL C 429 43.28 5.55 -22.51
CA VAL C 429 43.01 4.33 -23.34
C VAL C 429 42.83 4.77 -24.80
N PRO C 430 43.61 4.21 -25.76
CA PRO C 430 43.42 4.54 -27.18
C PRO C 430 42.01 4.25 -27.70
N ASP C 431 41.59 4.96 -28.75
CA ASP C 431 40.27 4.72 -29.41
C ASP C 431 40.34 3.41 -30.22
N SER C 432 41.56 2.97 -30.60
CA SER C 432 41.74 1.71 -31.35
C SER C 432 41.31 0.50 -30.51
N VAL C 433 41.42 0.60 -29.18
CA VAL C 433 41.02 -0.51 -28.27
C VAL C 433 39.49 -0.54 -28.17
N THR C 434 38.89 -1.65 -28.63
CA THR C 434 37.42 -1.74 -28.80
C THR C 434 37.01 -3.20 -28.67
N PRO C 435 35.75 -3.52 -28.29
CA PRO C 435 35.28 -4.91 -28.30
C PRO C 435 35.31 -5.44 -29.74
N LEU C 436 35.69 -6.71 -29.91
CA LEU C 436 35.79 -7.32 -31.27
C LEU C 436 34.78 -8.45 -31.40
N ILE C 437 33.65 -8.19 -32.09
CA ILE C 437 32.65 -9.24 -32.40
C ILE C 437 33.22 -10.09 -33.54
N ILE C 438 33.86 -11.21 -33.19
CA ILE C 438 34.51 -12.11 -34.19
C ILE C 438 33.45 -13.00 -34.85
N TYR C 439 32.26 -13.08 -34.26
CA TYR C 439 31.19 -13.96 -34.81
C TYR C 439 29.82 -13.49 -34.34
N GLU C 440 28.85 -13.44 -35.26
CA GLU C 440 27.44 -13.08 -34.92
C GLU C 440 26.51 -13.92 -35.81
N GLU C 441 25.47 -14.49 -35.21
CA GLU C 441 24.49 -15.32 -35.94
C GLU C 441 23.08 -15.02 -35.42
N THR C 442 22.06 -15.28 -36.23
CA THR C 442 20.65 -15.12 -35.80
C THR C 442 19.84 -16.34 -36.24
N THR C 443 18.70 -16.57 -35.57
CA THR C 443 17.76 -17.65 -35.95
C THR C 443 16.33 -17.17 -35.68
N ASP C 444 15.35 -17.74 -36.39
CA ASP C 444 13.91 -17.42 -36.15
C ASP C 444 13.34 -18.40 -35.12
N ILE C 445 14.13 -19.36 -34.66
CA ILE C 445 13.67 -20.36 -33.64
C ILE C 445 14.30 -20.00 -32.29
N TRP C 446 15.53 -20.44 -32.01
CA TRP C 446 16.24 -19.99 -30.79
C TRP C 446 17.69 -20.48 -30.81
N ILE C 447 18.58 -19.76 -30.13
CA ILE C 447 20.00 -20.21 -29.96
C ILE C 447 20.02 -21.28 -28.86
N ASN C 448 20.55 -22.46 -29.19
CA ASN C 448 20.88 -23.49 -28.17
C ASN C 448 22.34 -23.28 -27.75
N ILE C 449 22.59 -22.87 -26.51
CA ILE C 449 23.97 -22.65 -26.00
C ILE C 449 24.65 -24.01 -25.83
N HIS C 450 25.94 -24.09 -26.18
CA HIS C 450 26.74 -25.33 -26.02
C HIS C 450 28.14 -24.97 -25.48
N ASP C 451 28.99 -25.99 -25.26
CA ASP C 451 30.30 -25.81 -24.60
C ASP C 451 31.44 -25.88 -25.63
N ILE C 452 31.11 -25.88 -26.94
CA ILE C 452 32.13 -26.03 -28.01
C ILE C 452 32.64 -24.64 -28.42
N PHE C 453 33.91 -24.36 -28.14
CA PHE C 453 34.60 -23.16 -28.69
C PHE C 453 36.12 -23.38 -28.56
N HIS C 454 36.81 -23.50 -29.69
CA HIS C 454 38.27 -23.76 -29.69
C HIS C 454 38.99 -22.62 -30.44
N VAL C 455 39.91 -21.94 -29.77
CA VAL C 455 40.77 -20.89 -30.41
C VAL C 455 42.13 -21.51 -30.70
N PHE C 456 42.60 -21.40 -31.94
CA PHE C 456 43.94 -21.90 -32.33
C PHE C 456 45.01 -20.89 -31.91
N PRO C 457 46.27 -21.33 -31.70
CA PRO C 457 47.38 -20.38 -31.49
C PRO C 457 47.42 -19.31 -32.58
N GLN C 458 47.78 -18.09 -32.20
CA GLN C 458 47.78 -16.91 -33.11
C GLN C 458 48.76 -17.14 -34.28
N SER C 459 48.26 -17.06 -35.51
CA SER C 459 49.12 -17.15 -36.73
C SER C 459 49.59 -15.76 -37.13
N HIS C 460 48.64 -14.84 -37.34
CA HIS C 460 48.94 -13.43 -37.71
C HIS C 460 48.26 -12.50 -36.69
N GLU C 461 48.82 -11.30 -36.47
CA GLU C 461 48.42 -10.43 -35.33
C GLU C 461 47.06 -9.80 -35.58
N GLU C 462 46.60 -9.74 -36.84
CA GLU C 462 45.30 -9.09 -37.18
C GLU C 462 44.25 -10.16 -37.53
N GLU C 463 44.47 -11.41 -37.12
CA GLU C 463 43.52 -12.52 -37.43
C GLU C 463 43.33 -13.40 -36.19
N ILE C 464 42.12 -13.95 -36.02
CA ILE C 464 41.87 -15.04 -35.04
C ILE C 464 41.25 -16.22 -35.79
N GLU C 465 41.66 -17.44 -35.43
CA GLU C 465 41.19 -18.70 -36.06
C GLU C 465 40.50 -19.53 -34.98
N PHE C 466 39.28 -20.03 -35.23
CA PHE C 466 38.55 -20.77 -34.16
C PHE C 466 37.54 -21.76 -34.77
N ILE C 467 37.21 -22.80 -34.01
CA ILE C 467 36.08 -23.72 -34.35
C ILE C 467 34.89 -23.37 -33.47
N PHE C 468 33.69 -23.34 -34.05
CA PHE C 468 32.42 -23.13 -33.29
C PHE C 468 31.37 -24.08 -33.86
N ALA C 469 30.34 -24.38 -33.07
CA ALA C 469 29.20 -25.22 -33.54
C ALA C 469 27.95 -24.33 -33.66
N SER C 470 27.13 -24.56 -34.70
CA SER C 470 25.90 -23.75 -34.89
C SER C 470 24.82 -24.55 -35.63
N GLU C 471 23.56 -24.31 -35.27
CA GLU C 471 22.38 -24.81 -36.03
C GLU C 471 21.85 -23.74 -36.98
N CYS C 472 22.44 -22.53 -36.95
CA CYS C 472 21.82 -21.34 -37.59
C CYS C 472 21.93 -21.40 -39.13
N LYS C 473 22.92 -22.11 -39.67
CA LYS C 473 23.04 -22.27 -41.16
C LYS C 473 21.97 -23.23 -41.68
N THR C 474 22.00 -24.49 -41.21
CA THR C 474 21.29 -25.61 -41.90
C THR C 474 20.14 -26.18 -41.03
N GLY C 475 20.02 -25.75 -39.78
CA GLY C 475 18.99 -26.32 -38.87
C GLY C 475 19.49 -27.52 -38.09
N PHE C 476 20.74 -27.94 -38.31
CA PHE C 476 21.38 -29.01 -37.50
C PHE C 476 22.72 -28.50 -36.98
N ARG C 477 23.09 -28.87 -35.74
CA ARG C 477 24.34 -28.35 -35.11
C ARG C 477 25.55 -28.98 -35.81
N HIS C 478 26.39 -28.15 -36.44
CA HIS C 478 27.60 -28.63 -37.14
C HIS C 478 28.82 -27.78 -36.75
N LEU C 479 30.02 -28.34 -36.95
CA LEU C 479 31.28 -27.65 -36.61
C LEU C 479 31.71 -26.77 -37.79
N TYR C 480 32.23 -25.58 -37.49
CA TYR C 480 32.68 -24.61 -38.52
C TYR C 480 34.04 -24.04 -38.11
N LYS C 481 35.04 -24.09 -39.00
CA LYS C 481 36.31 -23.37 -38.77
C LYS C 481 36.15 -21.95 -39.33
N ILE C 482 36.30 -20.94 -38.47
CA ILE C 482 36.11 -19.52 -38.89
C ILE C 482 37.44 -18.79 -38.69
N THR C 483 37.79 -17.92 -39.65
CA THR C 483 38.93 -16.98 -39.47
C THR C 483 38.36 -15.56 -39.53
N SER C 484 38.57 -14.78 -38.47
CA SER C 484 38.02 -13.39 -38.37
C SER C 484 39.15 -12.38 -38.42
N ILE C 485 38.93 -11.27 -39.12
CA ILE C 485 39.95 -10.18 -39.25
C ILE C 485 39.72 -9.18 -38.11
N LEU C 486 40.75 -8.93 -37.30
CA LEU C 486 40.64 -8.02 -36.13
C LEU C 486 40.94 -6.58 -36.58
N LYS C 487 39.93 -5.94 -37.20
CA LYS C 487 40.11 -4.61 -37.84
C LYS C 487 39.98 -3.51 -36.78
N GLU C 488 40.66 -2.38 -37.00
CA GLU C 488 40.43 -1.16 -36.17
C GLU C 488 39.00 -0.66 -36.45
N SER C 489 38.24 -0.35 -35.40
CA SER C 489 36.82 0.06 -35.55
C SER C 489 36.75 1.51 -36.07
N LYS C 490 35.67 1.83 -36.79
CA LYS C 490 35.38 3.23 -37.21
C LYS C 490 35.02 4.08 -35.98
N TYR C 491 34.49 3.45 -34.93
CA TYR C 491 33.99 4.18 -33.74
C TYR C 491 35.14 4.78 -32.92
N LYS C 492 35.07 6.09 -32.65
CA LYS C 492 36.05 6.81 -31.80
C LYS C 492 35.32 7.36 -30.57
N ARG C 493 35.59 6.82 -29.38
CA ARG C 493 34.84 7.20 -28.15
C ARG C 493 35.23 8.61 -27.70
N SER C 494 36.40 9.09 -28.10
CA SER C 494 36.84 10.48 -27.79
C SER C 494 35.97 11.50 -28.54
N SER C 495 35.43 11.13 -29.72
CA SER C 495 34.52 12.00 -30.50
C SER C 495 33.26 12.33 -29.68
N GLY C 496 32.88 11.45 -28.74
CA GLY C 496 31.86 11.75 -27.73
C GLY C 496 30.49 11.15 -28.05
N GLY C 497 30.41 10.32 -29.09
CA GLY C 497 29.13 9.69 -29.49
C GLY C 497 29.03 8.24 -29.04
N LEU C 498 27.94 7.57 -29.40
CA LEU C 498 27.77 6.11 -29.15
C LEU C 498 28.07 5.34 -30.44
N PRO C 499 28.43 4.05 -30.37
CA PRO C 499 28.74 3.27 -31.58
C PRO C 499 27.50 2.89 -32.40
N ALA C 500 27.64 2.88 -33.73
CA ALA C 500 26.62 2.33 -34.65
C ALA C 500 26.51 0.83 -34.42
N PRO C 501 25.44 0.14 -34.87
CA PRO C 501 25.16 -1.23 -34.45
C PRO C 501 26.22 -2.25 -34.88
N SER C 502 26.93 -1.99 -35.98
CA SER C 502 27.93 -2.96 -36.52
C SER C 502 29.35 -2.37 -36.50
N ASP C 503 29.61 -1.43 -35.59
CA ASP C 503 30.94 -0.77 -35.51
C ASP C 503 31.99 -1.76 -34.97
N PHE C 504 31.57 -2.74 -34.17
CA PHE C 504 32.53 -3.70 -33.55
C PHE C 504 32.53 -5.05 -34.29
N LYS C 505 31.71 -5.18 -35.35
CA LYS C 505 31.64 -6.46 -36.11
C LYS C 505 32.92 -6.63 -36.93
N CYS C 506 33.59 -7.76 -36.77
CA CYS C 506 34.79 -8.12 -37.58
C CYS C 506 34.34 -8.75 -38.90
N PRO C 507 35.01 -8.45 -40.04
CA PRO C 507 34.74 -9.15 -41.29
C PRO C 507 35.27 -10.59 -41.23
N ILE C 508 34.60 -11.50 -41.95
CA ILE C 508 34.97 -12.95 -41.96
C ILE C 508 35.90 -13.21 -43.16
N LYS C 509 37.13 -13.65 -42.92
CA LYS C 509 38.07 -14.01 -44.01
C LYS C 509 37.66 -15.36 -44.61
N GLU C 510 37.18 -16.28 -43.77
CA GLU C 510 36.92 -17.69 -44.20
C GLU C 510 35.90 -18.33 -43.26
N GLU C 511 34.90 -19.04 -43.81
CA GLU C 511 33.95 -19.84 -43.00
C GLU C 511 33.83 -21.24 -43.65
N ILE C 512 34.55 -22.22 -43.10
CA ILE C 512 34.60 -23.60 -43.67
C ILE C 512 33.65 -24.50 -42.85
N ALA C 513 32.76 -25.22 -43.54
CA ALA C 513 31.90 -26.24 -42.89
C ALA C 513 32.72 -27.53 -42.69
N ILE C 514 32.94 -27.93 -41.44
CA ILE C 514 33.72 -29.17 -41.13
C ILE C 514 32.78 -30.38 -41.20
N THR C 515 31.52 -30.21 -40.80
CA THR C 515 30.52 -31.30 -40.83
C THR C 515 29.23 -30.78 -41.49
N SER C 516 28.39 -31.69 -42.00
CA SER C 516 27.10 -31.31 -42.64
C SER C 516 26.18 -32.52 -42.73
N GLY C 517 24.88 -32.28 -42.95
CA GLY C 517 23.89 -33.37 -43.13
C GLY C 517 22.75 -33.26 -42.13
N GLU C 518 21.77 -34.17 -42.23
CA GLU C 518 20.55 -34.12 -41.38
C GLU C 518 20.82 -34.90 -40.08
N TRP C 519 21.87 -34.51 -39.37
CA TRP C 519 22.26 -35.09 -38.06
C TRP C 519 23.00 -33.99 -37.29
N GLU C 520 23.20 -34.16 -35.98
CA GLU C 520 23.75 -33.04 -35.16
C GLU C 520 25.03 -33.46 -34.43
N VAL C 521 25.92 -32.49 -34.24
CA VAL C 521 27.06 -32.59 -33.27
C VAL C 521 26.52 -32.28 -31.88
N LEU C 522 27.05 -32.97 -30.85
CA LEU C 522 26.60 -32.76 -29.44
C LEU C 522 27.59 -31.85 -28.73
N GLY C 523 27.09 -30.91 -27.92
CA GLY C 523 27.96 -29.94 -27.21
C GLY C 523 27.50 -29.63 -25.80
N ARG C 524 26.70 -30.50 -25.18
CA ARG C 524 26.18 -30.26 -23.81
C ARG C 524 26.22 -31.56 -22.99
N HIS C 525 26.12 -31.42 -21.66
CA HIS C 525 26.05 -32.58 -20.72
C HIS C 525 27.36 -33.37 -20.72
N GLY C 526 28.49 -32.71 -21.01
CA GLY C 526 29.81 -33.39 -21.10
C GLY C 526 30.30 -33.51 -22.54
N SER C 527 29.38 -33.56 -23.50
CA SER C 527 29.74 -33.64 -24.94
C SER C 527 30.52 -32.39 -25.34
N ASN C 528 31.67 -32.58 -26.00
CA ASN C 528 32.53 -31.46 -26.45
C ASN C 528 33.39 -31.97 -27.61
N ILE C 529 34.25 -31.12 -28.15
CA ILE C 529 35.22 -31.56 -29.21
C ILE C 529 36.61 -31.70 -28.57
N GLN C 530 37.45 -32.53 -29.17
CA GLN C 530 38.91 -32.59 -28.84
C GLN C 530 39.66 -32.32 -30.14
N VAL C 531 40.54 -31.32 -30.13
CA VAL C 531 41.24 -30.87 -31.37
C VAL C 531 42.69 -31.40 -31.33
N ASP C 532 43.08 -32.18 -32.35
CA ASP C 532 44.49 -32.57 -32.53
C ASP C 532 45.15 -31.57 -33.49
N GLU C 533 45.94 -30.64 -32.96
CA GLU C 533 46.48 -29.50 -33.77
C GLU C 533 47.66 -29.96 -34.64
N VAL C 534 48.28 -31.11 -34.32
CA VAL C 534 49.40 -31.66 -35.14
C VAL C 534 48.82 -32.34 -36.38
N ARG C 535 47.95 -33.34 -36.17
CA ARG C 535 47.31 -34.09 -37.29
C ARG C 535 46.20 -33.24 -37.92
N ARG C 536 45.82 -32.14 -37.25
CA ARG C 536 44.80 -31.18 -37.76
C ARG C 536 43.45 -31.90 -37.89
N LEU C 537 43.08 -32.63 -36.83
CA LEU C 537 41.79 -33.38 -36.77
C LEU C 537 40.93 -32.81 -35.63
N VAL C 538 39.63 -33.09 -35.66
CA VAL C 538 38.73 -32.79 -34.51
C VAL C 538 37.88 -34.04 -34.22
N TYR C 539 37.87 -34.48 -32.95
CA TYR C 539 36.97 -35.56 -32.48
C TYR C 539 35.68 -34.94 -31.95
N PHE C 540 34.54 -35.59 -32.16
CA PHE C 540 33.23 -35.05 -31.68
C PHE C 540 32.22 -36.20 -31.50
N GLU C 541 31.16 -35.94 -30.72
CA GLU C 541 30.01 -36.87 -30.59
C GLU C 541 28.90 -36.43 -31.55
N GLY C 542 28.14 -37.38 -32.11
CA GLY C 542 27.15 -37.04 -33.15
C GLY C 542 26.03 -38.05 -33.27
N THR C 543 24.96 -37.67 -33.97
CA THR C 543 23.79 -38.56 -34.24
C THR C 543 23.82 -39.05 -35.70
N LYS C 544 25.00 -38.99 -36.34
CA LYS C 544 25.13 -39.24 -37.80
C LYS C 544 24.61 -40.63 -38.17
N ASP C 545 24.89 -41.64 -37.33
CA ASP C 545 24.48 -43.04 -37.61
C ASP C 545 23.02 -43.26 -37.22
N SER C 546 22.55 -42.60 -36.16
CA SER C 546 21.14 -42.72 -35.73
C SER C 546 20.83 -41.63 -34.70
N PRO C 547 19.57 -41.13 -34.64
CA PRO C 547 19.13 -40.26 -33.55
C PRO C 547 18.92 -41.03 -32.24
N LEU C 548 18.97 -42.37 -32.30
CA LEU C 548 18.78 -43.23 -31.10
C LEU C 548 20.13 -43.60 -30.46
N GLU C 549 21.25 -43.25 -31.10
CA GLU C 549 22.60 -43.62 -30.59
C GLU C 549 23.56 -42.44 -30.74
N HIS C 550 24.31 -42.14 -29.66
CA HIS C 550 25.46 -41.19 -29.73
C HIS C 550 26.70 -41.98 -30.14
N HIS C 551 27.48 -41.45 -31.08
CA HIS C 551 28.74 -42.12 -31.50
C HIS C 551 29.89 -41.10 -31.53
N LEU C 552 31.11 -41.58 -31.32
CA LEU C 552 32.33 -40.73 -31.45
C LEU C 552 32.77 -40.74 -32.92
N TYR C 553 33.13 -39.56 -33.44
CA TYR C 553 33.61 -39.43 -34.85
C TYR C 553 34.92 -38.65 -34.85
N VAL C 554 35.64 -38.69 -35.98
CA VAL C 554 36.82 -37.81 -36.18
C VAL C 554 36.81 -37.33 -37.63
N VAL C 555 37.28 -36.10 -37.85
CA VAL C 555 37.22 -35.45 -39.20
C VAL C 555 38.36 -34.43 -39.27
N SER C 556 38.91 -34.20 -40.46
CA SER C 556 39.93 -33.14 -40.66
C SER C 556 39.22 -31.77 -40.62
N TYR C 557 39.86 -30.76 -40.03
CA TYR C 557 39.31 -29.38 -40.04
C TYR C 557 40.04 -28.55 -41.12
N VAL C 558 40.95 -29.16 -41.87
CA VAL C 558 41.75 -28.46 -42.93
C VAL C 558 41.07 -28.65 -44.27
N ASN C 559 41.01 -29.90 -44.76
CA ASN C 559 40.22 -30.25 -45.96
C ASN C 559 39.15 -31.24 -45.51
N PRO C 560 38.04 -30.76 -44.90
CA PRO C 560 37.04 -31.65 -44.31
C PRO C 560 36.36 -32.50 -45.38
N GLY C 561 36.32 -33.82 -45.15
CA GLY C 561 35.61 -34.75 -46.06
C GLY C 561 34.98 -35.88 -45.30
N GLU C 562 35.60 -37.07 -45.36
CA GLU C 562 34.98 -38.28 -44.77
C GLU C 562 35.02 -38.20 -43.24
N VAL C 563 33.86 -38.43 -42.62
CA VAL C 563 33.73 -38.52 -41.13
C VAL C 563 33.92 -40.00 -40.75
N THR C 564 34.96 -40.30 -39.96
CA THR C 564 35.23 -41.69 -39.52
C THR C 564 34.57 -41.93 -38.16
N ARG C 565 33.72 -42.96 -38.06
CA ARG C 565 33.11 -43.37 -36.76
C ARG C 565 34.11 -44.24 -35.99
N LEU C 566 34.36 -43.92 -34.72
CA LEU C 566 35.37 -44.64 -33.89
C LEU C 566 34.69 -45.58 -32.89
N THR C 567 33.38 -45.46 -32.68
CA THR C 567 32.66 -46.32 -31.70
C THR C 567 31.87 -47.41 -32.45
N ASP C 568 31.60 -48.54 -31.78
CA ASP C 568 30.95 -49.70 -32.42
C ASP C 568 29.43 -49.50 -32.47
N ARG C 569 28.82 -49.80 -33.62
CA ARG C 569 27.35 -49.69 -33.82
C ARG C 569 26.64 -50.66 -32.87
N GLY C 570 25.40 -50.35 -32.47
CA GLY C 570 24.59 -51.23 -31.60
C GLY C 570 24.54 -50.73 -30.17
N TYR C 571 25.31 -49.68 -29.84
CA TYR C 571 25.27 -49.04 -28.50
C TYR C 571 25.21 -47.52 -28.66
N SER C 572 24.65 -46.83 -27.65
CA SER C 572 24.85 -45.36 -27.50
C SER C 572 26.11 -45.13 -26.64
N HIS C 573 26.96 -44.19 -27.05
CA HIS C 573 28.28 -43.97 -26.40
C HIS C 573 28.36 -42.57 -25.78
N SER C 574 28.98 -42.47 -24.61
CA SER C 574 29.38 -41.18 -23.99
C SER C 574 30.91 -41.21 -23.79
N CYS C 575 31.63 -40.33 -24.49
CA CYS C 575 33.09 -40.53 -24.70
C CYS C 575 33.91 -39.39 -24.13
N CYS C 576 35.16 -39.70 -23.77
CA CYS C 576 36.16 -38.71 -23.31
C CYS C 576 37.49 -39.02 -24.03
N ILE C 577 37.99 -38.09 -24.84
CA ILE C 577 39.28 -38.30 -25.56
C ILE C 577 40.40 -37.76 -24.66
N SER C 578 41.52 -38.50 -24.58
CA SER C 578 42.74 -38.02 -23.86
C SER C 578 43.17 -36.66 -24.43
N GLN C 579 43.78 -35.82 -23.61
CA GLN C 579 44.37 -34.54 -24.09
C GLN C 579 45.50 -34.81 -25.10
N HIS C 580 46.10 -36.01 -25.05
CA HIS C 580 47.22 -36.38 -25.96
C HIS C 580 46.68 -37.02 -27.26
N CYS C 581 45.36 -37.23 -27.35
CA CYS C 581 44.68 -37.65 -28.62
C CYS C 581 45.16 -39.02 -29.09
N ASP C 582 45.58 -39.90 -28.16
CA ASP C 582 46.06 -41.26 -28.50
C ASP C 582 45.22 -42.31 -27.76
N PHE C 583 44.27 -41.88 -26.94
CA PHE C 583 43.34 -42.78 -26.23
C PHE C 583 41.96 -42.13 -26.18
N PHE C 584 40.91 -42.94 -26.02
CA PHE C 584 39.58 -42.39 -25.66
C PHE C 584 38.85 -43.42 -24.80
N ILE C 585 37.94 -42.94 -23.95
CA ILE C 585 37.12 -43.82 -23.08
C ILE C 585 35.66 -43.70 -23.54
N SER C 586 34.94 -44.82 -23.56
CA SER C 586 33.51 -44.82 -23.91
C SER C 586 32.71 -45.48 -22.78
N LYS C 587 31.76 -44.73 -22.20
CA LYS C 587 30.66 -45.32 -21.41
C LYS C 587 29.52 -45.63 -22.37
N TYR C 588 29.18 -46.92 -22.56
CA TYR C 588 28.21 -47.32 -23.61
C TYR C 588 27.20 -48.31 -23.02
N SER C 589 26.01 -48.34 -23.61
CA SER C 589 24.93 -49.28 -23.20
C SER C 589 23.96 -49.45 -24.37
N ASN C 590 23.03 -50.41 -24.26
CA ASN C 590 21.90 -50.50 -25.21
C ASN C 590 20.68 -51.00 -24.43
N GLN C 591 19.56 -51.21 -25.13
CA GLN C 591 18.26 -51.49 -24.47
C GLN C 591 18.37 -52.72 -23.55
N LYS C 592 19.24 -53.68 -23.88
CA LYS C 592 19.28 -54.97 -23.14
C LYS C 592 20.66 -55.21 -22.52
N ASN C 593 21.53 -54.20 -22.46
CA ASN C 593 22.89 -54.36 -21.86
C ASN C 593 23.17 -53.16 -20.94
N PRO C 594 23.35 -53.38 -19.61
CA PRO C 594 23.75 -52.32 -18.70
C PRO C 594 25.06 -51.62 -19.10
N HIS C 595 25.34 -50.48 -18.45
CA HIS C 595 26.43 -49.56 -18.87
C HIS C 595 27.79 -50.24 -18.66
N CYS C 596 28.66 -50.14 -19.66
CA CYS C 596 30.10 -50.55 -19.56
C CYS C 596 30.98 -49.33 -19.79
N VAL C 597 32.20 -49.33 -19.23
CA VAL C 597 33.21 -48.26 -19.54
C VAL C 597 34.49 -48.95 -19.98
N SER C 598 34.96 -48.64 -21.20
CA SER C 598 36.14 -49.31 -21.79
C SER C 598 37.12 -48.27 -22.33
N LEU C 599 38.42 -48.61 -22.34
CA LEU C 599 39.48 -47.75 -22.88
C LEU C 599 39.85 -48.23 -24.29
N TYR C 600 40.11 -47.30 -25.21
CA TYR C 600 40.48 -47.65 -26.61
C TYR C 600 41.73 -46.86 -27.00
N LYS C 601 42.71 -47.55 -27.59
CA LYS C 601 43.95 -46.90 -28.07
C LYS C 601 43.71 -46.39 -29.51
N LEU C 602 44.07 -45.13 -29.78
CA LEU C 602 43.97 -44.55 -31.14
C LEU C 602 45.34 -44.64 -31.83
N SER C 603 45.36 -45.12 -33.07
CA SER C 603 46.61 -45.18 -33.89
C SER C 603 46.36 -44.55 -35.26
N SER C 604 47.45 -44.24 -35.97
CA SER C 604 47.39 -43.83 -37.40
C SER C 604 48.29 -44.74 -38.22
N PRO C 605 47.90 -45.12 -39.46
CA PRO C 605 48.79 -45.84 -40.36
C PRO C 605 49.95 -44.91 -40.78
N GLU C 606 51.14 -45.48 -41.01
CA GLU C 606 52.36 -44.65 -41.25
C GLU C 606 52.27 -43.93 -42.61
N ASP C 607 51.34 -44.34 -43.47
CA ASP C 607 51.16 -43.69 -44.80
C ASP C 607 50.21 -42.49 -44.70
N ASP C 608 49.49 -42.31 -43.59
CA ASP C 608 48.51 -41.21 -43.48
C ASP C 608 48.26 -40.86 -42.00
N PRO C 609 48.95 -39.83 -41.46
CA PRO C 609 48.66 -39.35 -40.10
C PRO C 609 47.24 -38.80 -39.93
N THR C 610 46.61 -38.39 -41.04
CA THR C 610 45.21 -37.89 -41.05
C THR C 610 44.23 -39.01 -40.65
N CYS C 611 44.56 -40.27 -40.98
CA CYS C 611 43.61 -41.41 -40.79
C CYS C 611 43.69 -41.93 -39.35
N LYS C 612 42.57 -42.42 -38.82
CA LYS C 612 42.50 -42.87 -37.39
C LYS C 612 41.88 -44.26 -37.29
N THR C 613 42.52 -45.14 -36.51
CA THR C 613 41.97 -46.47 -36.15
C THR C 613 41.95 -46.62 -34.63
N LYS C 614 41.12 -47.51 -34.10
CA LYS C 614 41.06 -47.73 -32.63
C LYS C 614 41.19 -49.23 -32.34
N GLU C 615 41.66 -49.57 -31.15
CA GLU C 615 41.80 -50.98 -30.68
C GLU C 615 41.38 -51.03 -29.22
N PHE C 616 40.54 -52.00 -28.83
CA PHE C 616 40.18 -52.19 -27.41
C PHE C 616 41.46 -52.39 -26.60
N TRP C 617 41.63 -51.61 -25.52
CA TRP C 617 42.86 -51.69 -24.69
C TRP C 617 42.56 -52.38 -23.36
N ALA C 618 41.53 -51.90 -22.64
CA ALA C 618 41.22 -52.44 -21.30
C ALA C 618 39.79 -52.05 -20.90
N THR C 619 39.17 -52.87 -20.04
CA THR C 619 37.86 -52.52 -19.43
C THR C 619 38.11 -51.73 -18.14
N ILE C 620 37.33 -50.66 -17.91
CA ILE C 620 37.41 -49.89 -16.64
C ILE C 620 36.25 -50.33 -15.74
N LEU C 621 35.02 -50.34 -16.27
CA LEU C 621 33.85 -50.87 -15.53
C LEU C 621 33.17 -51.95 -16.39
N ASP C 622 33.08 -53.16 -15.85
CA ASP C 622 32.42 -54.29 -16.56
C ASP C 622 30.91 -54.20 -16.33
N SER C 623 30.11 -54.55 -17.34
CA SER C 623 28.64 -54.64 -17.17
C SER C 623 28.30 -55.71 -16.12
N ALA C 624 27.19 -55.53 -15.41
CA ALA C 624 26.68 -56.57 -14.48
C ALA C 624 26.11 -57.75 -15.29
N GLY C 625 25.94 -57.59 -16.60
CA GLY C 625 25.21 -58.56 -17.44
C GLY C 625 23.72 -58.33 -17.35
N PRO C 626 22.91 -58.73 -18.36
CA PRO C 626 21.46 -58.57 -18.30
C PRO C 626 20.83 -59.12 -17.00
N LEU C 627 19.72 -58.52 -16.58
CA LEU C 627 19.05 -58.86 -15.29
C LEU C 627 17.80 -59.68 -15.60
N PRO C 628 17.54 -60.80 -14.88
CA PRO C 628 16.35 -61.61 -15.16
C PRO C 628 15.09 -61.02 -14.51
N ASP C 629 15.26 -60.06 -13.59
CA ASP C 629 14.13 -59.31 -12.98
C ASP C 629 13.72 -58.13 -13.88
N TYR C 630 14.38 -57.97 -15.04
CA TYR C 630 14.12 -56.82 -15.95
C TYR C 630 13.96 -57.32 -17.40
N THR C 631 12.83 -56.98 -18.03
CA THR C 631 12.62 -57.19 -19.48
C THR C 631 12.67 -55.84 -20.19
N PRO C 632 13.58 -55.62 -21.16
CA PRO C 632 13.66 -54.35 -21.87
C PRO C 632 12.44 -54.09 -22.75
N PRO C 633 12.12 -52.81 -23.05
CA PRO C 633 11.06 -52.48 -24.00
C PRO C 633 11.52 -52.62 -25.45
N GLU C 634 10.58 -52.61 -26.40
CA GLU C 634 10.92 -52.57 -27.84
C GLU C 634 10.86 -51.11 -28.31
N ILE C 635 11.87 -50.65 -29.05
CA ILE C 635 11.80 -49.33 -29.73
C ILE C 635 10.94 -49.48 -31.00
N PHE C 636 9.88 -48.68 -31.12
CA PHE C 636 9.05 -48.64 -32.36
C PHE C 636 9.12 -47.24 -32.95
N SER C 637 8.80 -47.11 -34.25
CA SER C 637 8.67 -45.79 -34.90
C SER C 637 7.34 -45.76 -35.68
N PHE C 638 6.91 -44.56 -36.10
CA PHE C 638 5.73 -44.43 -36.98
C PHE C 638 5.86 -43.11 -37.76
N GLU C 639 5.28 -43.08 -38.96
CA GLU C 639 5.31 -41.87 -39.83
C GLU C 639 4.14 -40.97 -39.44
N SER C 640 4.42 -39.92 -38.67
CA SER C 640 3.35 -39.01 -38.15
C SER C 640 2.69 -38.26 -39.32
N THR C 641 1.42 -37.86 -39.13
CA THR C 641 0.73 -36.97 -40.11
C THR C 641 1.41 -35.60 -40.13
N THR C 642 2.30 -35.34 -39.16
CA THR C 642 3.06 -34.06 -39.07
C THR C 642 4.24 -34.06 -40.07
N GLY C 643 4.57 -35.20 -40.65
CA GLY C 643 5.67 -35.29 -41.65
C GLY C 643 7.00 -35.65 -41.02
N PHE C 644 6.99 -36.15 -39.78
CA PHE C 644 8.23 -36.60 -39.09
C PHE C 644 8.09 -38.07 -38.69
N THR C 645 9.19 -38.82 -38.70
CA THR C 645 9.24 -40.12 -38.00
C THR C 645 9.28 -39.83 -36.49
N LEU C 646 8.32 -40.36 -35.73
CA LEU C 646 8.35 -40.26 -34.24
C LEU C 646 8.73 -41.62 -33.65
N TYR C 647 9.60 -41.63 -32.64
CA TYR C 647 10.06 -42.89 -32.01
C TYR C 647 9.37 -43.07 -30.65
N GLY C 648 9.24 -44.33 -30.23
CA GLY C 648 8.60 -44.66 -28.95
C GLY C 648 9.21 -45.90 -28.32
N MET C 649 8.85 -46.18 -27.07
CA MET C 649 9.20 -47.48 -26.42
C MET C 649 7.89 -48.15 -25.99
N LEU C 650 7.82 -49.48 -26.18
CA LEU C 650 6.62 -50.27 -25.80
C LEU C 650 7.05 -51.36 -24.82
N TYR C 651 6.60 -51.28 -23.57
CA TYR C 651 6.72 -52.39 -22.60
C TYR C 651 5.47 -53.27 -22.73
N LYS C 652 5.58 -54.42 -23.40
CA LYS C 652 4.45 -55.38 -23.48
C LYS C 652 4.22 -55.97 -22.09
N PRO C 653 2.96 -56.18 -21.66
CA PRO C 653 2.70 -56.83 -20.38
C PRO C 653 3.42 -58.19 -20.30
N HIS C 654 4.10 -58.46 -19.18
CA HIS C 654 4.77 -59.76 -18.94
C HIS C 654 3.71 -60.88 -19.03
N ASP C 655 4.03 -61.98 -19.73
CA ASP C 655 3.16 -63.18 -19.79
C ASP C 655 1.84 -62.81 -20.49
N LEU C 656 1.93 -62.39 -21.75
CA LEU C 656 0.73 -61.97 -22.54
C LEU C 656 -0.23 -63.17 -22.73
N GLN C 657 -1.40 -63.11 -22.11
CA GLN C 657 -2.48 -64.11 -22.36
C GLN C 657 -3.27 -63.68 -23.58
N PRO C 658 -3.46 -64.56 -24.61
CA PRO C 658 -4.30 -64.22 -25.76
C PRO C 658 -5.77 -64.01 -25.36
N GLY C 659 -6.50 -63.20 -26.13
CA GLY C 659 -7.92 -62.91 -25.86
C GLY C 659 -8.09 -61.96 -24.67
N LYS C 660 -7.11 -61.08 -24.43
CA LYS C 660 -7.16 -60.14 -23.28
C LYS C 660 -6.68 -58.76 -23.73
N LYS C 661 -7.33 -57.70 -23.25
CA LYS C 661 -6.87 -56.29 -23.45
C LYS C 661 -6.48 -55.72 -22.08
N TYR C 662 -5.35 -54.99 -22.02
CA TYR C 662 -4.69 -54.63 -20.74
C TYR C 662 -4.73 -53.12 -20.50
N PRO C 663 -4.72 -52.66 -19.24
CA PRO C 663 -4.66 -51.23 -18.94
C PRO C 663 -3.30 -50.65 -19.36
N THR C 664 -3.33 -49.45 -19.96
CA THR C 664 -2.11 -48.85 -20.56
C THR C 664 -1.68 -47.63 -19.75
N VAL C 665 -0.38 -47.51 -19.47
CA VAL C 665 0.18 -46.30 -18.78
C VAL C 665 1.14 -45.61 -19.76
N LEU C 666 0.85 -44.35 -20.10
CA LEU C 666 1.76 -43.51 -20.92
C LEU C 666 2.66 -42.71 -19.96
N PHE C 667 3.95 -43.05 -19.89
CA PHE C 667 4.95 -42.21 -19.18
C PHE C 667 5.45 -41.13 -20.15
N ILE C 668 5.52 -39.88 -19.70
CA ILE C 668 5.78 -38.74 -20.64
C ILE C 668 6.72 -37.72 -20.00
N TYR C 669 7.64 -37.17 -20.80
CA TYR C 669 8.27 -35.86 -20.50
C TYR C 669 7.77 -34.86 -21.55
N GLY C 670 8.26 -34.97 -22.79
CA GLY C 670 7.67 -34.24 -23.93
C GLY C 670 8.17 -32.80 -24.06
N GLY C 671 9.00 -32.35 -23.12
CA GLY C 671 9.54 -30.98 -23.14
C GLY C 671 10.83 -30.89 -23.95
N PRO C 672 11.37 -29.67 -24.16
CA PRO C 672 12.65 -29.49 -24.84
C PRO C 672 13.84 -29.95 -23.98
N GLN C 673 14.98 -30.24 -24.63
CA GLN C 673 16.27 -30.57 -23.97
C GLN C 673 16.28 -32.03 -23.45
N VAL C 674 15.29 -32.84 -23.84
CA VAL C 674 15.22 -34.25 -23.33
C VAL C 674 14.80 -35.18 -24.48
N GLN C 675 15.41 -36.36 -24.51
CA GLN C 675 14.96 -37.48 -25.39
C GLN C 675 14.84 -38.73 -24.52
N LEU C 676 13.63 -39.26 -24.35
CA LEU C 676 13.44 -40.49 -23.53
C LEU C 676 13.73 -41.73 -24.37
N VAL C 677 13.44 -41.69 -25.68
CA VAL C 677 13.49 -42.91 -26.54
C VAL C 677 14.83 -42.95 -27.27
N ASN C 678 15.73 -43.83 -26.85
CA ASN C 678 17.03 -44.03 -27.53
C ASN C 678 17.56 -45.43 -27.17
N ASN C 679 18.63 -45.87 -27.84
CA ASN C 679 19.19 -47.21 -27.59
C ASN C 679 20.16 -47.14 -26.40
N ARG C 680 19.59 -46.99 -25.19
CA ARG C 680 20.37 -47.02 -23.93
C ARG C 680 19.69 -47.98 -22.95
N PHE C 681 20.41 -48.39 -21.90
CA PHE C 681 19.82 -49.26 -20.86
C PHE C 681 18.85 -48.42 -20.01
N LYS C 682 17.61 -48.88 -19.88
CA LYS C 682 16.56 -48.14 -19.11
C LYS C 682 16.27 -48.89 -17.81
N GLY C 683 17.07 -49.91 -17.49
CA GLY C 683 16.78 -50.80 -16.35
C GLY C 683 17.23 -50.24 -15.01
N VAL C 684 17.79 -49.03 -14.97
CA VAL C 684 18.12 -48.35 -13.69
C VAL C 684 17.06 -47.26 -13.43
N LYS C 685 17.17 -46.11 -14.08
CA LYS C 685 16.27 -44.95 -13.79
C LYS C 685 14.82 -45.32 -14.08
N TYR C 686 14.55 -46.07 -15.16
CA TYR C 686 13.16 -46.40 -15.57
C TYR C 686 12.86 -47.88 -15.27
N PHE C 687 13.42 -48.39 -14.17
CA PHE C 687 13.22 -49.81 -13.76
C PHE C 687 11.73 -50.06 -13.46
N ARG C 688 11.03 -49.08 -12.90
CA ARG C 688 9.64 -49.26 -12.43
C ARG C 688 8.66 -49.27 -13.62
N LEU C 689 9.10 -48.90 -14.82
CA LEU C 689 8.29 -49.13 -16.04
C LEU C 689 8.22 -50.65 -16.29
N ASN C 690 9.32 -51.36 -16.08
CA ASN C 690 9.33 -52.85 -16.13
C ASN C 690 8.39 -53.39 -15.04
N THR C 691 8.47 -52.87 -13.81
CA THR C 691 7.60 -53.31 -12.69
C THR C 691 6.12 -53.18 -13.09
N LEU C 692 5.75 -52.07 -13.73
CA LEU C 692 4.34 -51.87 -14.20
C LEU C 692 3.98 -52.98 -15.19
N ALA C 693 4.83 -53.23 -16.18
CA ALA C 693 4.60 -54.30 -17.19
C ALA C 693 4.49 -55.67 -16.49
N SER C 694 5.28 -55.89 -15.43
CA SER C 694 5.27 -57.18 -14.70
C SER C 694 3.91 -57.43 -14.02
N LEU C 695 3.17 -56.36 -13.70
CA LEU C 695 1.85 -56.49 -13.01
C LEU C 695 0.70 -56.44 -14.04
N GLY C 696 1.02 -56.35 -15.34
CA GLY C 696 0.00 -56.44 -16.40
C GLY C 696 -0.44 -55.08 -16.91
N TYR C 697 0.44 -54.07 -16.83
CA TYR C 697 0.18 -52.76 -17.49
C TYR C 697 0.95 -52.71 -18.81
N VAL C 698 0.28 -52.29 -19.88
CA VAL C 698 1.02 -51.82 -21.09
C VAL C 698 1.67 -50.49 -20.70
N VAL C 699 2.96 -50.32 -21.02
CA VAL C 699 3.63 -49.01 -20.74
C VAL C 699 4.14 -48.46 -22.08
N VAL C 700 3.88 -47.17 -22.33
CA VAL C 700 4.28 -46.52 -23.61
C VAL C 700 5.05 -45.23 -23.27
N VAL C 701 6.11 -44.96 -24.04
CA VAL C 701 6.84 -43.66 -23.98
C VAL C 701 7.00 -43.17 -25.43
N ILE C 702 6.65 -41.92 -25.70
CA ILE C 702 6.75 -41.35 -27.08
C ILE C 702 7.49 -40.02 -27.01
N ASP C 703 8.46 -39.81 -27.92
CA ASP C 703 9.15 -38.50 -28.05
C ASP C 703 8.38 -37.67 -29.08
N ASN C 704 7.51 -36.77 -28.59
CA ASN C 704 6.75 -35.84 -29.47
C ASN C 704 7.69 -34.79 -30.06
N ARG C 705 7.21 -33.98 -31.00
CA ARG C 705 8.01 -32.85 -31.53
C ARG C 705 8.35 -31.89 -30.37
N GLY C 706 9.53 -31.28 -30.42
CA GLY C 706 10.03 -30.47 -29.29
C GLY C 706 11.18 -31.17 -28.57
N SER C 707 11.19 -32.50 -28.55
CA SER C 707 12.29 -33.30 -27.95
C SER C 707 13.56 -33.12 -28.79
N CYS C 708 14.72 -33.49 -28.23
CA CYS C 708 16.04 -33.11 -28.81
C CYS C 708 16.63 -34.24 -29.67
N HIS C 709 17.78 -33.97 -30.30
CA HIS C 709 18.53 -34.94 -31.15
C HIS C 709 17.80 -35.18 -32.48
N ARG C 710 16.99 -34.22 -32.94
CA ARG C 710 16.27 -34.34 -34.23
C ARG C 710 16.38 -33.03 -35.04
N GLY C 711 17.24 -32.10 -34.61
CA GLY C 711 17.45 -30.83 -35.33
C GLY C 711 16.53 -29.72 -34.83
N LEU C 712 16.76 -28.51 -35.30
CA LEU C 712 16.13 -27.28 -34.75
C LEU C 712 14.69 -27.13 -35.26
N LYS C 713 14.40 -27.59 -36.49
CA LYS C 713 13.03 -27.52 -37.06
C LYS C 713 12.08 -28.38 -36.22
N PHE C 714 12.52 -29.60 -35.88
CA PHE C 714 11.76 -30.55 -35.04
C PHE C 714 11.55 -29.97 -33.63
N GLU C 715 12.62 -29.42 -33.06
CA GLU C 715 12.58 -28.78 -31.72
C GLU C 715 11.65 -27.56 -31.75
N GLY C 716 11.67 -26.81 -32.86
CA GLY C 716 10.93 -25.52 -32.97
C GLY C 716 9.44 -25.71 -33.19
N ALA C 717 8.97 -26.96 -33.36
CA ALA C 717 7.54 -27.24 -33.62
C ALA C 717 6.62 -26.48 -32.65
N PHE C 718 6.98 -26.41 -31.36
CA PHE C 718 6.06 -25.82 -30.34
C PHE C 718 6.49 -24.40 -29.93
N LYS C 719 7.27 -23.69 -30.75
CA LYS C 719 7.60 -22.28 -30.39
C LYS C 719 6.30 -21.47 -30.29
N TYR C 720 6.12 -20.77 -29.16
CA TYR C 720 4.91 -19.94 -28.88
C TYR C 720 3.70 -20.83 -28.52
N LYS C 721 3.82 -22.16 -28.62
CA LYS C 721 2.62 -23.05 -28.58
C LYS C 721 2.84 -24.21 -27.60
N MET C 722 3.62 -24.01 -26.53
CA MET C 722 3.88 -25.12 -25.57
C MET C 722 2.54 -25.61 -25.00
N GLY C 723 2.35 -26.94 -24.98
CA GLY C 723 1.12 -27.55 -24.45
C GLY C 723 0.04 -27.77 -25.50
N GLN C 724 0.29 -27.38 -26.76
CA GLN C 724 -0.79 -27.38 -27.80
C GLN C 724 -0.57 -28.51 -28.82
N ILE C 725 0.65 -29.02 -28.96
CA ILE C 725 0.97 -30.01 -30.04
C ILE C 725 1.39 -31.36 -29.45
N GLU C 726 1.89 -31.38 -28.21
CA GLU C 726 2.60 -32.57 -27.66
C GLU C 726 1.64 -33.76 -27.57
N ILE C 727 0.42 -33.53 -27.09
CA ILE C 727 -0.54 -34.65 -26.82
C ILE C 727 -1.07 -35.19 -28.16
N ASP C 728 -1.16 -34.37 -29.21
CA ASP C 728 -1.53 -34.87 -30.56
C ASP C 728 -0.58 -36.01 -30.96
N ASP C 729 0.72 -35.81 -30.75
CA ASP C 729 1.75 -36.83 -31.11
C ASP C 729 1.62 -38.05 -30.19
N GLN C 730 1.34 -37.82 -28.90
CA GLN C 730 1.21 -38.93 -27.91
C GLN C 730 0.01 -39.80 -28.27
N VAL C 731 -1.12 -39.17 -28.61
CA VAL C 731 -2.36 -39.93 -28.97
C VAL C 731 -2.16 -40.64 -30.32
N GLU C 732 -1.57 -39.95 -31.30
CA GLU C 732 -1.29 -40.56 -32.63
C GLU C 732 -0.46 -41.84 -32.46
N GLY C 733 0.63 -41.77 -31.71
CA GLY C 733 1.49 -42.94 -31.44
C GLY C 733 0.75 -44.03 -30.67
N LEU C 734 -0.15 -43.63 -29.76
CA LEU C 734 -0.94 -44.60 -28.97
C LEU C 734 -1.96 -45.30 -29.87
N GLN C 735 -2.55 -44.56 -30.83
CA GLN C 735 -3.52 -45.14 -31.79
C GLN C 735 -2.79 -46.00 -32.83
N TYR C 736 -1.55 -45.63 -33.18
CA TYR C 736 -0.69 -46.49 -34.04
C TYR C 736 -0.48 -47.85 -33.36
N LEU C 737 -0.13 -47.83 -32.07
CA LEU C 737 0.09 -49.10 -31.29
C LEU C 737 -1.23 -49.87 -31.18
N ALA C 738 -2.32 -49.20 -30.80
CA ALA C 738 -3.63 -49.86 -30.56
C ALA C 738 -4.11 -50.57 -31.83
N SER C 739 -3.89 -49.98 -33.01
CA SER C 739 -4.32 -50.59 -34.29
C SER C 739 -3.41 -51.79 -34.63
N ARG C 740 -2.16 -51.77 -34.17
CA ARG C 740 -1.17 -52.85 -34.49
C ARG C 740 -1.14 -53.90 -33.38
N TYR C 741 -1.69 -53.59 -32.19
CA TYR C 741 -1.68 -54.54 -31.04
C TYR C 741 -3.04 -54.53 -30.34
N ASP C 742 -3.76 -55.64 -30.39
CA ASP C 742 -5.15 -55.71 -29.88
C ASP C 742 -5.16 -55.77 -28.34
N PHE C 743 -4.02 -56.06 -27.71
CA PHE C 743 -3.96 -56.22 -26.23
C PHE C 743 -3.91 -54.85 -25.52
N ILE C 744 -3.81 -53.75 -26.28
CA ILE C 744 -3.88 -52.38 -25.67
C ILE C 744 -5.35 -52.00 -25.47
N ASP C 745 -5.79 -51.88 -24.21
CA ASP C 745 -7.18 -51.47 -23.90
C ASP C 745 -7.25 -49.93 -23.87
N LEU C 746 -7.79 -49.32 -24.93
CA LEU C 746 -7.84 -47.83 -25.05
C LEU C 746 -8.87 -47.25 -24.07
N ASP C 747 -9.73 -48.08 -23.48
CA ASP C 747 -10.74 -47.59 -22.50
C ASP C 747 -10.10 -47.42 -21.11
N ARG C 748 -8.85 -47.83 -20.93
CA ARG C 748 -8.17 -47.73 -19.60
C ARG C 748 -6.74 -47.24 -19.80
N VAL C 749 -6.59 -45.97 -20.23
CA VAL C 749 -5.24 -45.37 -20.46
C VAL C 749 -4.98 -44.33 -19.36
N GLY C 750 -3.86 -44.49 -18.64
CA GLY C 750 -3.39 -43.47 -17.68
C GLY C 750 -2.16 -42.74 -18.23
N ILE C 751 -1.89 -41.54 -17.71
CA ILE C 751 -0.67 -40.78 -18.12
C ILE C 751 0.05 -40.27 -16.87
N HIS C 752 1.38 -40.36 -16.85
CA HIS C 752 2.19 -39.87 -15.70
C HIS C 752 3.48 -39.23 -16.20
N GLY C 753 3.86 -38.09 -15.59
CA GLY C 753 5.14 -37.43 -15.89
C GLY C 753 5.52 -36.46 -14.79
N TRP C 754 6.80 -36.06 -14.75
CA TRP C 754 7.30 -35.08 -13.75
C TRP C 754 7.77 -33.81 -14.46
N SER C 755 7.60 -32.65 -13.79
CA SER C 755 8.03 -31.34 -14.34
C SER C 755 7.24 -31.06 -15.63
N TYR C 756 7.91 -30.93 -16.78
CA TYR C 756 7.20 -30.79 -18.08
C TYR C 756 6.28 -32.00 -18.29
N GLY C 757 6.71 -33.17 -17.84
CA GLY C 757 5.88 -34.40 -17.91
C GLY C 757 4.60 -34.27 -17.10
N GLY C 758 4.67 -33.64 -15.93
CA GLY C 758 3.46 -33.37 -15.12
C GLY C 758 2.57 -32.33 -15.78
N TYR C 759 3.20 -31.34 -16.43
CA TYR C 759 2.48 -30.30 -17.20
C TYR C 759 1.65 -30.96 -18.31
N LEU C 760 2.28 -31.82 -19.12
CA LEU C 760 1.59 -32.48 -20.27
C LEU C 760 0.58 -33.51 -19.75
N SER C 761 0.83 -34.11 -18.58
CA SER C 761 -0.17 -35.02 -17.96
C SER C 761 -1.47 -34.25 -17.67
N LEU C 762 -1.35 -33.01 -17.18
CA LEU C 762 -2.54 -32.16 -16.92
C LEU C 762 -3.19 -31.76 -18.26
N MET C 763 -2.38 -31.36 -19.25
CA MET C 763 -2.92 -30.98 -20.58
C MET C 763 -3.66 -32.17 -21.19
N ALA C 764 -3.10 -33.39 -21.05
CA ALA C 764 -3.72 -34.62 -21.60
C ALA C 764 -5.13 -34.81 -21.05
N LEU C 765 -5.30 -34.76 -19.73
CA LEU C 765 -6.63 -34.92 -19.09
C LEU C 765 -7.54 -33.76 -19.51
N MET C 766 -6.98 -32.56 -19.61
CA MET C 766 -7.77 -31.31 -19.90
C MET C 766 -8.23 -31.33 -21.36
N GLN C 767 -7.33 -31.70 -22.28
CA GLN C 767 -7.61 -31.62 -23.75
C GLN C 767 -8.28 -32.91 -24.23
N ARG C 768 -7.86 -34.07 -23.72
CA ARG C 768 -8.29 -35.40 -24.26
C ARG C 768 -8.77 -36.30 -23.13
N SER C 769 -9.83 -35.90 -22.42
CA SER C 769 -10.47 -36.76 -21.40
C SER C 769 -11.12 -37.99 -22.05
N ASP C 770 -11.39 -37.92 -23.37
CA ASP C 770 -11.89 -39.09 -24.15
C ASP C 770 -10.83 -40.19 -24.19
N ILE C 771 -9.54 -39.84 -24.23
CA ILE C 771 -8.43 -40.83 -24.34
C ILE C 771 -7.93 -41.22 -22.94
N PHE C 772 -7.75 -40.23 -22.05
CA PHE C 772 -6.98 -40.44 -20.79
C PHE C 772 -7.93 -40.53 -19.59
N ARG C 773 -7.94 -41.69 -18.93
CA ARG C 773 -8.82 -41.95 -17.76
C ARG C 773 -8.22 -41.32 -16.50
N VAL C 774 -6.93 -41.56 -16.24
CA VAL C 774 -6.26 -40.96 -15.05
C VAL C 774 -5.01 -40.20 -15.51
N ALA C 775 -4.78 -39.02 -14.93
CA ALA C 775 -3.53 -38.25 -15.14
C ALA C 775 -2.86 -38.02 -13.77
N ILE C 776 -1.59 -38.39 -13.65
CA ILE C 776 -0.82 -38.16 -12.38
C ILE C 776 0.29 -37.15 -12.68
N ALA C 777 0.14 -35.91 -12.19
CA ALA C 777 1.06 -34.80 -12.55
C ALA C 777 2.02 -34.51 -11.39
N GLY C 778 3.33 -34.69 -11.61
CA GLY C 778 4.36 -34.39 -10.61
C GLY C 778 5.04 -33.05 -10.88
N ALA C 779 5.14 -32.19 -9.85
CA ALA C 779 5.79 -30.87 -9.96
C ALA C 779 5.42 -30.18 -11.28
N PRO C 780 4.12 -30.02 -11.61
CA PRO C 780 3.73 -29.49 -12.91
C PRO C 780 3.86 -27.96 -13.03
N VAL C 781 4.31 -27.49 -14.19
CA VAL C 781 4.13 -26.05 -14.57
C VAL C 781 2.65 -25.85 -14.92
N THR C 782 1.95 -24.97 -14.19
CA THR C 782 0.51 -24.67 -14.41
C THR C 782 0.32 -23.23 -14.94
N LEU C 783 1.26 -22.32 -14.62
CA LEU C 783 1.25 -20.93 -15.16
C LEU C 783 2.65 -20.58 -15.67
N TRP C 784 2.79 -20.29 -16.96
CA TRP C 784 4.14 -19.99 -17.53
C TRP C 784 4.64 -18.63 -17.03
N ILE C 785 3.75 -17.74 -16.57
CA ILE C 785 4.18 -16.42 -16.00
C ILE C 785 4.98 -16.65 -14.72
N PHE C 786 4.75 -17.76 -14.02
CA PHE C 786 5.48 -18.08 -12.75
C PHE C 786 6.88 -18.63 -13.03
N TYR C 787 7.18 -19.05 -14.27
CA TYR C 787 8.51 -19.65 -14.58
C TYR C 787 9.49 -18.55 -15.01
N ASP C 788 10.77 -18.89 -15.14
CA ASP C 788 11.87 -17.90 -15.21
C ASP C 788 12.03 -17.37 -16.64
N THR C 789 12.86 -16.32 -16.78
CA THR C 789 13.10 -15.61 -18.06
C THR C 789 13.89 -16.48 -19.05
N GLY C 790 15.00 -17.08 -18.58
CA GLY C 790 15.92 -17.82 -19.46
C GLY C 790 15.22 -18.91 -20.26
N TYR C 791 14.37 -19.69 -19.58
CA TYR C 791 13.69 -20.85 -20.22
C TYR C 791 12.44 -20.38 -20.98
N THR C 792 11.51 -19.71 -20.28
CA THR C 792 10.15 -19.45 -20.81
C THR C 792 10.23 -18.57 -22.07
N GLU C 793 11.03 -17.50 -22.05
CA GLU C 793 11.06 -16.53 -23.17
C GLU C 793 11.75 -17.16 -24.39
N ARG C 794 12.68 -18.10 -24.16
CA ARG C 794 13.37 -18.83 -25.27
C ARG C 794 12.31 -19.50 -26.17
N TYR C 795 11.35 -20.20 -25.55
CA TYR C 795 10.40 -21.07 -26.29
C TYR C 795 9.05 -20.37 -26.52
N MET C 796 8.72 -19.34 -25.73
CA MET C 796 7.36 -18.74 -25.77
C MET C 796 7.40 -17.23 -26.03
N GLY C 797 8.60 -16.63 -26.12
CA GLY C 797 8.74 -15.16 -26.29
C GLY C 797 8.27 -14.40 -25.05
N HIS C 798 8.22 -13.07 -25.16
CA HIS C 798 7.72 -12.20 -24.06
C HIS C 798 6.20 -12.35 -23.95
N PRO C 799 5.62 -12.40 -22.72
CA PRO C 799 4.17 -12.55 -22.55
C PRO C 799 3.29 -11.53 -23.30
N ASP C 800 3.81 -10.31 -23.51
CA ASP C 800 3.08 -9.25 -24.27
C ASP C 800 2.96 -9.65 -25.75
N GLN C 801 3.96 -10.37 -26.28
CA GLN C 801 3.99 -10.74 -27.73
C GLN C 801 3.39 -12.15 -27.94
N ASN C 802 2.74 -12.72 -26.92
CA ASN C 802 2.18 -14.10 -27.04
C ASN C 802 1.08 -14.27 -25.98
N GLU C 803 0.08 -13.38 -25.98
CA GLU C 803 -1.03 -13.44 -24.99
C GLU C 803 -1.75 -14.80 -25.07
N GLN C 804 -2.01 -15.28 -26.29
CA GLN C 804 -2.85 -16.50 -26.47
C GLN C 804 -2.03 -17.75 -26.15
N GLY C 805 -0.77 -17.81 -26.60
CA GLY C 805 0.12 -18.94 -26.28
C GLY C 805 0.29 -19.12 -24.79
N TYR C 806 0.53 -18.02 -24.06
CA TYR C 806 0.68 -18.06 -22.58
C TYR C 806 -0.65 -18.51 -21.95
N TYR C 807 -1.79 -18.08 -22.50
CA TYR C 807 -3.11 -18.45 -21.95
C TYR C 807 -3.36 -19.94 -22.20
N LEU C 808 -3.36 -20.36 -23.46
CA LEU C 808 -3.69 -21.77 -23.84
C LEU C 808 -2.64 -22.72 -23.26
N GLY C 809 -1.39 -22.28 -23.12
CA GLY C 809 -0.30 -23.11 -22.60
C GLY C 809 -0.30 -23.24 -21.09
N SER C 810 -1.10 -22.41 -20.38
CA SER C 810 -1.15 -22.43 -18.91
C SER C 810 -2.38 -23.20 -18.43
N VAL C 811 -2.19 -24.36 -17.77
CA VAL C 811 -3.32 -25.27 -17.45
C VAL C 811 -4.19 -24.64 -16.34
N ALA C 812 -3.57 -23.86 -15.43
CA ALA C 812 -4.32 -23.24 -14.31
C ALA C 812 -5.31 -22.19 -14.85
N MET C 813 -5.04 -21.61 -16.02
CA MET C 813 -5.97 -20.63 -16.65
C MET C 813 -7.20 -21.35 -17.21
N GLN C 814 -7.21 -22.69 -17.23
CA GLN C 814 -8.29 -23.48 -17.88
C GLN C 814 -8.78 -24.57 -16.92
N ALA C 815 -8.96 -24.23 -15.63
CA ALA C 815 -9.36 -25.22 -14.60
C ALA C 815 -10.77 -25.77 -14.87
N GLU C 816 -11.64 -24.95 -15.49
CA GLU C 816 -13.05 -25.36 -15.78
C GLU C 816 -13.09 -26.54 -16.75
N LYS C 817 -12.03 -26.73 -17.55
CA LYS C 817 -12.02 -27.79 -18.60
C LYS C 817 -11.56 -29.14 -18.04
N PHE C 818 -11.28 -29.22 -16.73
CA PHE C 818 -10.99 -30.52 -16.08
C PHE C 818 -12.29 -31.28 -15.85
N PRO C 819 -12.25 -32.62 -15.69
CA PRO C 819 -13.46 -33.41 -15.49
C PRO C 819 -14.12 -33.15 -14.13
N SER C 820 -15.44 -33.25 -14.07
CA SER C 820 -16.20 -33.20 -12.79
C SER C 820 -16.41 -34.62 -12.25
N GLU C 821 -15.44 -35.50 -12.49
CA GLU C 821 -15.42 -36.88 -11.93
C GLU C 821 -14.14 -37.05 -11.11
N PRO C 822 -14.23 -37.55 -9.86
CA PRO C 822 -13.03 -37.79 -9.04
C PRO C 822 -12.29 -39.06 -9.49
N ASN C 823 -11.12 -39.31 -8.87
CA ASN C 823 -10.30 -40.53 -9.14
C ASN C 823 -9.67 -40.45 -10.54
N ARG C 824 -9.56 -39.25 -11.13
CA ARG C 824 -8.97 -39.08 -12.48
C ARG C 824 -7.73 -38.18 -12.42
N LEU C 825 -7.69 -37.25 -11.46
CA LEU C 825 -6.57 -36.26 -11.38
C LEU C 825 -5.83 -36.44 -10.05
N LEU C 826 -4.53 -36.73 -10.11
CA LEU C 826 -3.64 -36.79 -8.92
C LEU C 826 -2.48 -35.81 -9.11
N LEU C 827 -2.29 -34.89 -8.15
CA LEU C 827 -1.17 -33.92 -8.19
C LEU C 827 -0.10 -34.34 -7.17
N LEU C 828 1.17 -34.38 -7.61
CA LEU C 828 2.33 -34.61 -6.71
C LEU C 828 3.23 -33.37 -6.76
N HIS C 829 3.79 -32.95 -5.62
CA HIS C 829 4.73 -31.80 -5.63
C HIS C 829 5.68 -31.86 -4.43
N GLY C 830 6.97 -31.60 -4.68
CA GLY C 830 7.92 -31.31 -3.59
C GLY C 830 7.62 -29.97 -2.96
N PHE C 831 7.38 -29.95 -1.65
CA PHE C 831 6.90 -28.72 -0.94
C PHE C 831 7.97 -27.62 -1.02
N LEU C 832 9.25 -28.00 -1.09
CA LEU C 832 10.37 -27.04 -1.03
C LEU C 832 10.88 -26.71 -2.44
N ASP C 833 10.11 -27.05 -3.48
CA ASP C 833 10.55 -26.88 -4.89
C ASP C 833 10.80 -25.40 -5.17
N GLU C 834 12.04 -25.03 -5.51
CA GLU C 834 12.42 -23.62 -5.81
C GLU C 834 12.54 -23.43 -7.33
N ASN C 835 12.42 -24.53 -8.09
CA ASN C 835 12.49 -24.50 -9.58
C ASN C 835 11.06 -24.32 -10.11
N VAL C 836 10.22 -25.34 -9.95
CA VAL C 836 8.75 -25.23 -10.19
C VAL C 836 8.08 -24.96 -8.84
N HIS C 837 7.86 -23.69 -8.50
CA HIS C 837 7.36 -23.31 -7.16
C HIS C 837 6.08 -24.08 -6.84
N PHE C 838 5.89 -24.45 -5.58
CA PHE C 838 4.65 -25.16 -5.15
C PHE C 838 3.40 -24.35 -5.53
N ALA C 839 3.56 -23.03 -5.70
CA ALA C 839 2.42 -22.13 -6.02
C ALA C 839 1.75 -22.56 -7.34
N HIS C 840 2.50 -23.16 -8.26
CA HIS C 840 1.90 -23.75 -9.50
C HIS C 840 0.76 -24.70 -9.11
N THR C 841 1.01 -25.59 -8.13
CA THR C 841 -0.02 -26.54 -7.66
C THR C 841 -1.06 -25.80 -6.80
N SER C 842 -0.61 -24.94 -5.88
CA SER C 842 -1.54 -24.27 -4.93
C SER C 842 -2.53 -23.38 -5.68
N ILE C 843 -2.08 -22.70 -6.75
CA ILE C 843 -2.99 -21.80 -7.53
C ILE C 843 -3.91 -22.65 -8.43
N LEU C 844 -3.42 -23.78 -8.95
CA LEU C 844 -4.29 -24.70 -9.73
C LEU C 844 -5.40 -25.22 -8.80
N LEU C 845 -5.04 -25.67 -7.60
CA LEU C 845 -6.05 -26.13 -6.60
C LEU C 845 -7.05 -25.01 -6.33
N SER C 846 -6.57 -23.75 -6.24
CA SER C 846 -7.47 -22.59 -5.99
C SER C 846 -8.56 -22.54 -7.07
N PHE C 847 -8.19 -22.71 -8.34
CA PHE C 847 -9.16 -22.58 -9.46
C PHE C 847 -9.97 -23.88 -9.62
N LEU C 848 -9.40 -25.03 -9.27
CA LEU C 848 -10.17 -26.30 -9.23
C LEU C 848 -11.29 -26.19 -8.19
N VAL C 849 -10.98 -25.60 -7.03
CA VAL C 849 -11.99 -25.41 -5.94
C VAL C 849 -13.05 -24.41 -6.42
N ARG C 850 -12.64 -23.33 -7.09
CA ARG C 850 -13.60 -22.31 -7.63
C ARG C 850 -14.51 -22.95 -8.68
N ALA C 851 -13.97 -23.84 -9.51
CA ALA C 851 -14.75 -24.50 -10.59
C ALA C 851 -15.52 -25.72 -10.06
N GLY C 852 -15.41 -26.01 -8.76
CA GLY C 852 -16.09 -27.17 -8.15
C GLY C 852 -15.57 -28.49 -8.71
N LYS C 853 -14.27 -28.56 -9.00
CA LYS C 853 -13.66 -29.78 -9.61
C LYS C 853 -12.97 -30.60 -8.52
N PRO C 854 -12.97 -31.95 -8.60
CA PRO C 854 -12.28 -32.78 -7.62
C PRO C 854 -10.81 -33.01 -7.99
N TYR C 855 -9.99 -33.38 -7.00
CA TYR C 855 -8.54 -33.65 -7.19
C TYR C 855 -8.04 -34.50 -6.03
N ASP C 856 -7.04 -35.34 -6.29
CA ASP C 856 -6.24 -35.98 -5.21
C ASP C 856 -4.90 -35.24 -5.12
N LEU C 857 -4.32 -35.16 -3.92
CA LEU C 857 -3.04 -34.43 -3.73
C LEU C 857 -2.09 -35.24 -2.83
N GLN C 858 -0.83 -35.32 -3.24
CA GLN C 858 0.27 -35.81 -2.35
C GLN C 858 1.36 -34.74 -2.32
N ILE C 859 1.86 -34.42 -1.13
CA ILE C 859 2.99 -33.44 -0.95
C ILE C 859 4.18 -34.21 -0.39
N TYR C 860 5.39 -33.87 -0.85
CA TYR C 860 6.65 -34.43 -0.28
C TYR C 860 7.35 -33.30 0.47
N PRO C 861 7.06 -33.13 1.78
CA PRO C 861 7.52 -31.96 2.54
C PRO C 861 9.04 -31.76 2.63
N GLN C 862 9.84 -32.81 2.45
CA GLN C 862 11.32 -32.71 2.56
C GLN C 862 11.97 -32.57 1.18
N GLU C 863 11.18 -32.51 0.10
CA GLU C 863 11.75 -32.64 -1.28
C GLU C 863 11.64 -31.31 -2.03
N ARG C 864 12.63 -31.05 -2.90
CA ARG C 864 12.60 -29.88 -3.82
C ARG C 864 12.08 -30.37 -5.18
N HIS C 865 12.74 -30.03 -6.30
CA HIS C 865 12.22 -30.43 -7.63
C HIS C 865 12.35 -31.94 -7.83
N SER C 866 13.46 -32.53 -7.36
CA SER C 866 13.66 -34.00 -7.46
C SER C 866 13.29 -34.67 -6.12
N ILE C 867 13.26 -36.01 -6.11
CA ILE C 867 13.03 -36.80 -4.86
C ILE C 867 14.36 -37.43 -4.45
N ARG C 868 14.98 -36.93 -3.37
CA ARG C 868 16.34 -37.35 -2.93
C ARG C 868 16.25 -38.32 -1.75
N VAL C 869 15.41 -38.03 -0.75
CA VAL C 869 15.29 -38.90 0.46
C VAL C 869 14.65 -40.23 0.04
N PRO C 870 15.32 -41.37 0.27
CA PRO C 870 14.77 -42.69 -0.10
C PRO C 870 13.33 -42.95 0.36
N GLU C 871 13.01 -42.60 1.61
CA GLU C 871 11.64 -42.78 2.16
C GLU C 871 10.62 -42.09 1.26
N SER C 872 10.91 -40.85 0.85
CA SER C 872 10.01 -40.08 -0.05
C SER C 872 9.79 -40.85 -1.37
N GLY C 873 10.87 -41.37 -1.95
CA GLY C 873 10.78 -42.17 -3.19
C GLY C 873 9.95 -43.43 -3.01
N GLU C 874 10.11 -44.12 -1.87
CA GLU C 874 9.37 -45.38 -1.60
C GLU C 874 7.87 -45.07 -1.46
N HIS C 875 7.53 -43.97 -0.80
CA HIS C 875 6.11 -43.56 -0.62
C HIS C 875 5.51 -43.15 -1.97
N TYR C 876 6.27 -42.43 -2.80
CA TYR C 876 5.83 -42.02 -4.16
C TYR C 876 5.50 -43.27 -4.97
N GLU C 877 6.44 -44.22 -5.04
CA GLU C 877 6.24 -45.47 -5.83
C GLU C 877 5.04 -46.26 -5.28
N LEU C 878 4.98 -46.42 -3.95
CA LEU C 878 3.86 -47.17 -3.32
C LEU C 878 2.53 -46.49 -3.62
N HIS C 879 2.44 -45.16 -3.41
CA HIS C 879 1.18 -44.43 -3.65
C HIS C 879 0.80 -44.49 -5.14
N LEU C 880 1.75 -44.33 -6.05
CA LEU C 880 1.46 -44.29 -7.51
C LEU C 880 0.95 -45.68 -7.96
N LEU C 881 1.66 -46.74 -7.57
CA LEU C 881 1.26 -48.13 -7.94
C LEU C 881 -0.14 -48.42 -7.39
N HIS C 882 -0.39 -48.03 -6.14
CA HIS C 882 -1.72 -48.23 -5.49
C HIS C 882 -2.79 -47.39 -6.19
N TYR C 883 -2.44 -46.16 -6.62
CA TYR C 883 -3.42 -45.26 -7.29
C TYR C 883 -3.82 -45.85 -8.65
N LEU C 884 -2.84 -46.31 -9.43
CA LEU C 884 -3.12 -46.97 -10.74
C LEU C 884 -3.97 -48.22 -10.51
N GLN C 885 -3.63 -49.04 -9.52
CA GLN C 885 -4.43 -50.24 -9.17
C GLN C 885 -5.88 -49.84 -8.91
N GLU C 886 -6.10 -48.88 -8.00
CA GLU C 886 -7.46 -48.54 -7.52
C GLU C 886 -8.27 -47.77 -8.57
N ASN C 887 -7.61 -47.10 -9.53
CA ASN C 887 -8.32 -46.16 -10.43
C ASN C 887 -8.09 -46.49 -11.91
N LEU C 888 -7.41 -47.61 -12.24
CA LEU C 888 -7.17 -47.95 -13.66
C LEU C 888 -7.15 -49.48 -13.84
N GLY C 889 -6.26 -50.18 -13.12
CA GLY C 889 -5.91 -51.58 -13.45
C GLY C 889 -6.90 -52.60 -12.91
N SER C 890 -7.28 -52.49 -11.64
CA SER C 890 -7.99 -53.58 -10.92
C SER C 890 -9.46 -53.69 -11.38
N ARG C 891 -10.13 -54.76 -10.94
CA ARG C 891 -11.59 -54.97 -11.19
C ARG C 891 -12.39 -53.88 -10.46
N ILE C 892 -11.88 -53.39 -9.32
CA ILE C 892 -12.60 -52.42 -8.45
C ILE C 892 -12.65 -51.07 -9.17
N ALA C 893 -11.58 -50.73 -9.92
CA ALA C 893 -11.55 -49.51 -10.75
C ALA C 893 -12.73 -49.51 -11.73
N ALA C 894 -13.04 -50.66 -12.34
CA ALA C 894 -14.12 -50.77 -13.34
C ALA C 894 -15.50 -50.68 -12.66
N LEU C 895 -15.65 -51.24 -11.45
CA LEU C 895 -16.92 -51.13 -10.69
C LEU C 895 -17.16 -49.67 -10.28
N LYS C 896 -16.10 -48.94 -9.94
CA LYS C 896 -16.23 -47.59 -9.33
C LYS C 896 -16.80 -46.57 -10.33
N VAL C 897 -16.53 -46.73 -11.63
CA VAL C 897 -16.90 -45.68 -12.63
C VAL C 897 -18.43 -45.52 -12.63
N ILE C 898 -18.91 -44.27 -12.58
CA ILE C 898 -20.37 -43.97 -12.51
C ILE C 898 -20.84 -43.50 -13.90
#